data_8JTD
#
_entry.id   8JTD
#
_cell.length_a   1.00
_cell.length_b   1.00
_cell.length_c   1.00
_cell.angle_alpha   90.00
_cell.angle_beta   90.00
_cell.angle_gamma   90.00
#
_symmetry.space_group_name_H-M   'P 1'
#
loop_
_entity.id
_entity.type
_entity.pdbx_description
1 polymer 'gp120 protein of HIV Envelope trimer'
2 polymer 'gp41 protein of HIV Envelope trimer'
3 polymer 'PGT145 antibody fragment, heavy chain'
4 polymer 'PGT145 antibody fragment, light chain'
5 branched 2-acetamido-2-deoxy-beta-D-glucopyranose-(1-4)-2-acetamido-2-deoxy-beta-D-glucopyranose
6 branched beta-D-mannopyranose-(1-4)-2-acetamido-2-deoxy-beta-D-glucopyranose-(1-4)-2-acetamido-2-deoxy-beta-D-glucopyranose
7 branched alpha-D-mannopyranose-(1-2)-alpha-D-mannopyranose-(1-3)-[alpha-D-mannopyranose-(1-6)]beta-D-mannopyranose-(1-4)-2-acetamido-2-deoxy-beta-D-glucopyranose-(1-4)-2-acetamido-2-deoxy-beta-D-glucopyranose
8 branched alpha-D-mannopyranose-(1-3)-[alpha-D-mannopyranose-(1-6)]beta-D-mannopyranose-(1-4)-2-acetamido-2-deoxy-beta-D-glucopyranose-(1-4)-2-acetamido-2-deoxy-beta-D-glucopyranose
9 branched alpha-D-mannopyranose-(1-2)-alpha-D-mannopyranose-(1-3)-[alpha-D-mannopyranose-(1-3)-alpha-D-mannopyranose-(1-6)]beta-D-mannopyranose-(1-4)-2-acetamido-2-deoxy-beta-D-glucopyranose-(1-4)-2-acetamido-2-deoxy-beta-D-glucopyranose
10 branched alpha-D-mannopyranose-(1-2)-alpha-D-mannopyranose-(1-3)-[alpha-D-mannopyranose-(1-3)-[alpha-D-mannopyranose-(1-6)]alpha-D-mannopyranose-(1-6)]beta-D-mannopyranose-(1-4)-2-acetamido-2-deoxy-beta-D-glucopyranose-(1-4)-2-acetamido-2-deoxy-beta-D-glucopyranose
11 non-polymer 2-acetamido-2-deoxy-beta-D-glucopyranose
#
loop_
_entity_poly.entity_id
_entity_poly.type
_entity_poly.pdbx_seq_one_letter_code
_entity_poly.pdbx_strand_id
1 'polypeptide(L)'
;AENLWVTVYYGVPVWKDAETTLFCASDAKAYETEKHNVWATHACVPTDPNPQEIHLENVTEEFNMWKNNMVEQMHTDIIS
LWDQSLKPCVKLTPLCVTLQCTNVTNNITDDMRGELKNCSFNMTTELRDKKQKVYSLFYRLDVVQINENQGNRSNNSNKE
YRLINCNTSAITQACPKVSFEPIPIHYCAPAGFAILKCKDKKFNGTGPCPSVSTVQCTHGIKPVVSTQLLLNGSLAEEEV
MIRSENITNNAKNILVQFNTPVQINCTRPNNNTRKSIRIGPGQAFYATGDIIGDIRQAHCNVSKATWNETLGKVVKQLRK
HFGNNTIIRFANSSGGDLEVTTHSFNCGGEFFYCNTSGLFNSTWISNTSVQGSNSTGSNDSITLPCRIKQIINMWQRIGQ
AMYAPPIQGVIRCVSNITGLILTRDGGSTNSTTETFRPGGGDMRDNWRSELYKYKVVKIEPLGVAPTRCKRRVVGRRRRR
R
;
A,C,D
2 'polypeptide(L)'
;AVGIGAVFLGFLGAAGSTMGAASMTLTVQARNLLSGIVQQQSNLLRAPEAQQHLLKLTVWGIKQLQARVLAVERYLRDQQ
LLGIWGCSGKLICCTNVPWNSSWSNRNLSEIWDNMTWLQWDKEISNYTQIIYGLLEESQNQQEKNEQDLLALD
;
B,E,F
3 'polypeptide(L)'
;QASTMDWIWRILFLVAAATSAHSQVQLVQSGAEVKKPGSSVKVSCKASGNSFSNHDVHWVRQATGQGLEWMGWMSHEGDK
TGLAQKFQGRVTITRDSGASTVYMELRGLTADDTAIYYCLTGSKHRLRDYFLYNEYGPNYEEWGDYLATLDVWGHGTAVT
VSSASTKGPSVFPLAPSSKSTSGGTAALGCLVKDYFPEPVTVSWNSGALTSGVHTFPAVLQSSGLYSLSSVVTVPSSSLG
TQTYICNVNHKPSNTKVDKKVEPKSCD
;
J
4 'polypeptide(L)'
;EVVITQSPLFLPVTPGEAASLSCKCSHSLQHSTGANYLAWYLQRPGQTPRLLIHLATHRASGVPDRFSGSGSGTDFTLKI
SRVESDDVGTYYCMQGLHSPWTFGQGTKVEIKRTVAAPSVFIFPPSDEQLKSGTASVVCLLNNFYPREAKVQWKVDNALQ
SGNSQESVTEQDSKDSTYSLSSTLTLSKADYEKHKVYACEVTHQGLSSPVTKSFNRGEC
;
N
#
loop_
_chem_comp.id
_chem_comp.type
_chem_comp.name
_chem_comp.formula
BMA D-saccharide, beta linking beta-D-mannopyranose 'C6 H12 O6'
MAN D-saccharide, alpha linking alpha-D-mannopyranose 'C6 H12 O6'
NAG D-saccharide, beta linking 2-acetamido-2-deoxy-beta-D-glucopyranose 'C8 H15 N O6'
#
# COMPACT_ATOMS: atom_id res chain seq x y z
N GLU A 2 22.10 -62.80 11.83
CA GLU A 2 23.21 -62.28 12.62
C GLU A 2 23.64 -60.92 12.12
N ASN A 3 23.49 -60.70 10.81
CA ASN A 3 23.85 -59.42 10.22
C ASN A 3 22.94 -58.31 10.75
N LEU A 4 23.49 -57.11 10.83
CA LEU A 4 22.76 -55.97 11.36
C LEU A 4 21.63 -55.56 10.42
N TRP A 5 20.87 -54.56 10.84
CA TRP A 5 19.83 -53.97 10.01
C TRP A 5 19.69 -52.50 10.36
N VAL A 6 19.85 -51.63 9.35
CA VAL A 6 19.71 -50.20 9.57
C VAL A 6 18.27 -49.86 9.88
N THR A 7 18.07 -49.01 10.88
CA THR A 7 16.76 -48.74 11.41
C THR A 7 16.62 -47.26 11.73
N VAL A 8 15.44 -46.71 11.44
CA VAL A 8 15.20 -45.28 11.56
C VAL A 8 14.98 -44.91 13.02
N TYR A 9 15.49 -43.74 13.40
CA TYR A 9 15.30 -43.16 14.73
C TYR A 9 14.84 -41.72 14.56
N TYR A 10 13.93 -41.28 15.41
CA TYR A 10 13.43 -39.91 15.36
C TYR A 10 13.84 -39.15 16.60
N GLY A 11 13.73 -37.82 16.53
CA GLY A 11 14.20 -36.95 17.59
C GLY A 11 15.70 -36.71 17.59
N VAL A 12 16.38 -37.04 16.50
CA VAL A 12 17.85 -37.00 16.43
C VAL A 12 18.33 -35.56 16.33
N PRO A 13 19.18 -35.10 17.25
CA PRO A 13 19.74 -33.75 17.14
C PRO A 13 20.82 -33.68 16.07
N VAL A 14 20.62 -32.80 15.09
CA VAL A 14 21.58 -32.59 14.01
C VAL A 14 21.78 -31.09 13.84
N TRP A 15 23.00 -30.68 13.50
CA TRP A 15 23.28 -29.30 13.14
C TRP A 15 23.80 -29.24 11.70
N LYS A 16 23.39 -28.20 10.98
CA LYS A 16 23.81 -28.00 9.60
C LYS A 16 23.56 -26.56 9.21
N ASP A 17 24.51 -25.96 8.51
CA ASP A 17 24.40 -24.56 8.12
C ASP A 17 23.19 -24.35 7.22
N ALA A 18 22.44 -23.28 7.51
CA ALA A 18 21.25 -22.92 6.75
C ALA A 18 20.94 -21.46 7.04
N GLU A 19 19.76 -21.01 6.62
CA GLU A 19 19.35 -19.62 6.89
C GLU A 19 17.84 -19.49 6.73
N THR A 20 17.21 -18.86 7.71
CA THR A 20 15.82 -18.44 7.63
C THR A 20 15.73 -17.04 8.24
N THR A 21 14.51 -16.58 8.51
CA THR A 21 14.28 -15.29 9.14
C THR A 21 13.91 -15.51 10.61
N LEU A 22 14.46 -14.67 11.47
CA LEU A 22 14.39 -14.88 12.92
C LEU A 22 13.12 -14.27 13.51
N PHE A 23 12.98 -14.40 14.83
CA PHE A 23 11.83 -13.92 15.58
C PHE A 23 12.23 -12.66 16.35
N CYS A 24 11.43 -11.60 16.20
CA CYS A 24 11.63 -10.42 17.03
C CYS A 24 11.38 -10.77 18.49
N ALA A 25 12.19 -10.20 19.38
CA ALA A 25 12.03 -10.49 20.80
C ALA A 25 12.51 -9.30 21.61
N SER A 26 11.63 -8.78 22.47
CA SER A 26 11.93 -7.67 23.36
C SER A 26 11.63 -8.09 24.78
N ASP A 27 12.34 -7.47 25.73
CA ASP A 27 12.32 -7.93 27.12
C ASP A 27 10.97 -7.64 27.75
N ALA A 28 10.11 -8.66 27.81
CA ALA A 28 8.84 -8.64 28.52
C ALA A 28 7.95 -7.47 28.12
N LYS A 29 8.10 -6.98 26.89
CA LYS A 29 7.33 -5.85 26.39
C LYS A 29 7.42 -4.64 27.32
N ALA A 30 8.66 -4.27 27.65
CA ALA A 30 8.89 -3.10 28.49
C ALA A 30 8.57 -1.81 27.75
N TYR A 31 8.65 -1.80 26.42
CA TYR A 31 8.44 -0.56 25.69
C TYR A 31 6.97 -0.23 25.49
N GLU A 32 6.07 -1.17 25.82
CA GLU A 32 4.63 -0.92 25.66
C GLU A 32 4.15 0.20 26.57
N THR A 33 4.92 0.56 27.60
CA THR A 33 4.51 1.62 28.52
C THR A 33 4.40 2.98 27.84
N GLU A 34 5.14 3.19 26.75
CA GLU A 34 5.12 4.47 26.05
C GLU A 34 5.05 4.22 24.55
N LYS A 35 4.48 5.18 23.83
CA LYS A 35 4.31 5.10 22.38
C LYS A 35 5.23 6.11 21.71
N HIS A 36 6.23 5.63 20.97
CA HIS A 36 6.73 4.27 20.79
C HIS A 36 8.13 4.35 20.19
N ASN A 37 8.95 3.35 20.48
CA ASN A 37 10.30 3.32 19.90
C ASN A 37 10.25 3.01 18.42
N VAL A 38 11.20 3.58 17.68
CA VAL A 38 11.27 3.36 16.24
C VAL A 38 11.51 1.88 15.95
N TRP A 39 12.46 1.27 16.66
CA TRP A 39 12.82 -0.12 16.41
C TRP A 39 11.78 -1.07 17.00
N ALA A 40 11.43 -0.88 18.27
CA ALA A 40 10.47 -1.77 18.92
C ALA A 40 9.06 -1.59 18.38
N THR A 41 8.74 -0.43 17.82
CA THR A 41 7.42 -0.13 17.22
C THR A 41 6.37 -0.38 18.31
N HIS A 42 5.26 -1.04 17.96
CA HIS A 42 4.25 -1.42 18.93
C HIS A 42 4.24 -2.91 19.25
N ALA A 43 4.76 -3.76 18.37
CA ALA A 43 4.51 -5.19 18.50
C ALA A 43 5.74 -6.04 18.17
N CYS A 44 6.04 -6.96 19.09
CA CYS A 44 6.91 -8.11 18.92
C CYS A 44 6.59 -9.12 20.01
N VAL A 45 7.22 -10.27 19.94
CA VAL A 45 7.05 -11.30 20.97
C VAL A 45 7.85 -10.92 22.20
N PRO A 46 7.26 -10.96 23.40
CA PRO A 46 8.04 -10.75 24.62
C PRO A 46 9.03 -11.90 24.84
N THR A 47 10.12 -11.58 25.52
CA THR A 47 11.17 -12.57 25.75
C THR A 47 10.72 -13.62 26.75
N ASP A 48 11.42 -14.75 26.73
CA ASP A 48 11.24 -15.76 27.77
C ASP A 48 11.81 -15.24 29.07
N PRO A 49 11.04 -15.22 30.15
CA PRO A 49 11.59 -14.79 31.45
C PRO A 49 12.76 -15.63 31.93
N ASN A 50 12.90 -16.86 31.42
CA ASN A 50 14.02 -17.74 31.77
C ASN A 50 14.74 -18.11 30.47
N PRO A 51 15.67 -17.29 30.01
CA PRO A 51 16.49 -17.68 28.85
C PRO A 51 17.47 -18.77 29.21
N GLN A 52 16.98 -20.00 29.32
CA GLN A 52 17.79 -21.10 29.83
C GLN A 52 19.00 -21.36 28.94
N GLU A 53 20.14 -21.60 29.58
CA GLU A 53 21.40 -21.86 28.89
C GLU A 53 22.04 -23.11 29.48
N ILE A 54 22.52 -23.99 28.62
CA ILE A 54 23.21 -25.21 29.04
C ILE A 54 24.54 -25.30 28.32
N HIS A 55 25.53 -25.87 28.99
CA HIS A 55 26.84 -26.10 28.41
C HIS A 55 26.87 -27.46 27.74
N LEU A 56 27.34 -27.49 26.50
CA LEU A 56 27.32 -28.74 25.73
C LEU A 56 28.39 -29.69 26.27
N GLU A 57 27.99 -30.94 26.45
CA GLU A 57 28.83 -31.94 27.12
C GLU A 57 29.80 -32.53 26.09
N ASN A 58 31.08 -32.18 26.22
CA ASN A 58 32.15 -32.66 25.34
C ASN A 58 31.79 -32.48 23.86
N VAL A 59 31.54 -31.22 23.49
CA VAL A 59 31.25 -30.84 22.12
C VAL A 59 32.09 -29.62 21.76
N THR A 60 32.68 -29.65 20.58
CA THR A 60 33.38 -28.50 20.00
C THR A 60 32.79 -28.21 18.64
N GLU A 61 32.79 -26.94 18.25
CA GLU A 61 32.17 -26.53 17.00
C GLU A 61 33.04 -25.50 16.30
N GLU A 62 32.96 -25.51 14.97
CA GLU A 62 33.63 -24.52 14.13
C GLU A 62 32.68 -23.35 13.89
N PHE A 63 33.16 -22.14 14.15
CA PHE A 63 32.43 -20.93 13.87
C PHE A 63 33.12 -20.18 12.74
N ASN A 64 32.33 -19.59 11.84
CA ASN A 64 32.88 -18.80 10.74
C ASN A 64 32.17 -17.45 10.72
N MET A 65 32.68 -16.51 11.50
CA MET A 65 32.29 -15.12 11.32
C MET A 65 33.03 -14.59 10.09
N TRP A 66 32.61 -13.41 9.61
CA TRP A 66 32.85 -12.92 8.26
C TRP A 66 32.09 -13.74 7.22
N LYS A 67 31.35 -14.75 7.66
CA LYS A 67 30.53 -15.58 6.78
C LYS A 67 29.09 -15.68 7.26
N ASN A 68 28.75 -15.06 8.40
CA ASN A 68 27.40 -15.09 8.93
C ASN A 68 26.46 -14.30 8.04
N ASN A 69 25.21 -14.79 7.92
CA ASN A 69 24.19 -14.10 7.15
C ASN A 69 23.13 -13.43 8.01
N MET A 70 23.02 -13.80 9.29
CA MET A 70 22.14 -13.06 10.18
C MET A 70 22.55 -11.61 10.30
N VAL A 71 23.82 -11.29 10.08
CA VAL A 71 24.25 -9.89 10.13
C VAL A 71 23.59 -9.10 9.00
N GLU A 72 23.56 -9.67 7.79
CA GLU A 72 22.93 -8.98 6.67
C GLU A 72 21.42 -8.96 6.81
N GLN A 73 20.84 -10.05 7.33
CA GLN A 73 19.42 -10.03 7.66
C GLN A 73 19.09 -8.92 8.63
N MET A 74 19.93 -8.76 9.66
CA MET A 74 19.74 -7.70 10.64
C MET A 74 19.82 -6.34 9.99
N HIS A 75 20.83 -6.13 9.14
CA HIS A 75 21.00 -4.85 8.45
C HIS A 75 19.75 -4.50 7.64
N THR A 76 19.27 -5.47 6.85
CA THR A 76 18.02 -5.26 6.12
C THR A 76 16.87 -4.95 7.06
N ASP A 77 16.87 -5.56 8.24
CA ASP A 77 15.78 -5.33 9.19
C ASP A 77 15.80 -3.91 9.75
N ILE A 78 16.98 -3.38 10.10
CA ILE A 78 17.03 -1.97 10.49
C ILE A 78 16.56 -1.08 9.34
N ILE A 79 16.96 -1.42 8.10
CA ILE A 79 16.51 -0.61 6.98
C ILE A 79 14.99 -0.60 6.89
N SER A 80 14.38 -1.79 6.98
CA SER A 80 12.93 -1.91 6.89
C SER A 80 12.23 -1.18 8.03
N LEU A 81 12.74 -1.32 9.25
CA LEU A 81 12.13 -0.64 10.38
C LEU A 81 12.19 0.87 10.24
N TRP A 82 13.34 1.40 9.82
CA TRP A 82 13.44 2.85 9.67
C TRP A 82 12.51 3.37 8.58
N ASP A 83 12.45 2.66 7.44
CA ASP A 83 11.54 3.11 6.38
C ASP A 83 10.09 3.00 6.82
N GLN A 84 9.75 1.94 7.55
CA GLN A 84 8.38 1.77 8.04
C GLN A 84 8.01 2.89 8.99
N SER A 85 8.93 3.29 9.88
CA SER A 85 8.66 4.41 10.76
C SER A 85 8.48 5.70 9.97
N LEU A 86 9.32 5.91 8.95
CA LEU A 86 9.25 7.17 8.20
C LEU A 86 8.01 7.28 7.34
N LYS A 87 7.50 6.15 6.83
CA LYS A 87 6.48 6.19 5.78
C LYS A 87 5.24 7.01 6.13
N PRO A 88 4.59 6.84 7.32
CA PRO A 88 3.39 7.63 7.63
C PRO A 88 3.71 9.02 8.17
N CYS A 89 4.61 9.73 7.49
CA CYS A 89 5.03 11.07 7.88
C CYS A 89 4.96 11.98 6.66
N VAL A 90 5.29 13.26 6.86
CA VAL A 90 5.03 14.31 5.88
C VAL A 90 6.27 14.57 5.03
N LYS A 91 6.04 15.08 3.82
CA LYS A 91 7.10 15.41 2.88
C LYS A 91 7.43 16.89 2.92
N LEU A 92 8.72 17.21 2.80
CA LEU A 92 9.22 18.58 2.91
C LEU A 92 9.78 19.11 1.59
N THR A 93 9.24 18.64 0.46
CA THR A 93 9.65 19.19 -0.83
C THR A 93 9.42 20.69 -0.95
N PRO A 94 8.34 21.31 -0.46
CA PRO A 94 8.19 22.77 -0.63
C PRO A 94 9.31 23.59 -0.01
N LEU A 95 10.12 23.02 0.90
CA LEU A 95 11.22 23.76 1.49
C LEU A 95 12.38 23.95 0.53
N CYS A 96 12.37 23.28 -0.63
CA CYS A 96 13.47 23.43 -1.59
C CYS A 96 13.50 24.78 -2.29
N VAL A 97 12.59 25.70 -1.94
CA VAL A 97 12.69 27.06 -2.46
C VAL A 97 13.95 27.70 -1.89
N THR A 98 14.46 28.70 -2.61
CA THR A 98 15.67 29.40 -2.18
C THR A 98 15.43 30.10 -0.84
N LEU A 99 16.47 30.11 -0.01
CA LEU A 99 16.44 30.81 1.29
C LEU A 99 17.45 31.94 1.27
N GLN A 100 16.99 33.14 1.61
CA GLN A 100 17.91 34.24 1.91
C GLN A 100 18.41 34.08 3.33
N CYS A 101 19.69 34.33 3.54
CA CYS A 101 20.31 34.01 4.81
C CYS A 101 21.17 35.19 5.29
N THR A 102 21.24 35.36 6.60
CA THR A 102 22.07 36.38 7.23
C THR A 102 22.84 35.78 8.39
N ASN A 103 23.97 36.41 8.72
CA ASN A 103 24.87 35.94 9.77
C ASN A 103 24.60 36.73 11.04
N VAL A 104 23.77 36.14 11.92
CA VAL A 104 23.35 36.78 13.15
C VAL A 104 23.88 35.99 14.34
N THR A 105 24.43 36.71 15.32
CA THR A 105 24.99 36.10 16.52
C THR A 105 24.36 36.75 17.75
N ASN A 106 24.17 35.93 18.80
CA ASN A 106 23.64 36.38 20.08
C ASN A 106 24.67 36.03 21.16
N ASN A 107 25.61 36.95 21.40
CA ASN A 107 26.70 36.72 22.35
C ASN A 107 27.46 35.45 22.03
N ILE A 108 27.76 35.27 20.73
CA ILE A 108 28.40 34.06 20.27
C ILE A 108 29.87 34.02 20.70
N THR A 109 30.44 32.83 20.67
CA THR A 109 31.87 32.67 20.87
C THR A 109 32.59 32.77 19.53
N ASP A 110 33.84 33.23 19.58
CA ASP A 110 34.58 33.51 18.35
C ASP A 110 34.87 32.26 17.52
N ASP A 111 34.88 31.08 18.13
CA ASP A 111 35.03 29.83 17.40
C ASP A 111 33.72 29.32 16.83
N MET A 112 32.59 29.94 17.20
CA MET A 112 31.27 29.54 16.75
C MET A 112 30.73 30.46 15.67
N ARG A 113 31.44 31.55 15.36
CA ARG A 113 30.98 32.54 14.39
C ARG A 113 30.76 31.91 13.02
N GLY A 114 29.63 32.24 12.40
CA GLY A 114 29.35 31.83 11.03
C GLY A 114 28.78 30.44 10.86
N GLU A 115 28.41 29.76 11.95
CA GLU A 115 27.87 28.42 11.84
C GLU A 115 26.35 28.38 11.84
N LEU A 116 25.69 29.32 12.51
CA LEU A 116 24.24 29.39 12.58
C LEU A 116 23.76 30.64 11.84
N LYS A 117 22.76 30.46 10.97
CA LYS A 117 22.29 31.51 10.09
C LYS A 117 20.81 31.76 10.32
N ASN A 118 20.43 33.03 10.26
CA ASN A 118 19.07 33.46 9.96
C ASN A 118 18.77 33.20 8.50
N CYS A 119 17.80 32.30 8.23
CA CYS A 119 17.25 32.12 6.90
C CYS A 119 15.72 32.13 6.95
N SER A 120 15.10 32.68 5.91
CA SER A 120 13.65 32.79 5.84
C SER A 120 13.23 32.61 4.38
N PHE A 121 11.94 32.32 4.19
CA PHE A 121 11.42 32.12 2.85
C PHE A 121 9.92 32.40 2.84
N ASN A 122 9.39 32.62 1.63
CA ASN A 122 8.02 33.09 1.47
C ASN A 122 6.99 32.03 1.81
N MET A 123 7.35 30.74 1.73
CA MET A 123 6.60 29.68 2.40
C MET A 123 5.18 29.59 1.82
N THR A 124 4.31 28.79 2.45
CA THR A 124 2.90 28.76 2.11
C THR A 124 2.09 29.05 3.36
N THR A 125 0.79 29.25 3.17
CA THR A 125 -0.14 29.51 4.26
C THR A 125 -1.15 28.37 4.36
N GLU A 126 -2.15 28.55 5.22
CA GLU A 126 -3.27 27.62 5.27
C GLU A 126 -4.12 27.71 4.01
N LEU A 127 -3.96 28.77 3.23
CA LEU A 127 -4.62 28.94 1.94
C LEU A 127 -3.57 29.11 0.86
N ARG A 128 -3.78 28.45 -0.28
CA ARG A 128 -2.83 28.52 -1.38
C ARG A 128 -2.71 29.93 -1.96
N ASP A 129 -3.68 30.81 -1.66
CA ASP A 129 -3.63 32.17 -2.17
C ASP A 129 -2.62 33.04 -1.43
N LYS A 130 -2.35 32.75 -0.15
CA LYS A 130 -1.59 33.63 0.70
C LYS A 130 -0.19 33.08 0.96
N LYS A 131 0.76 34.00 1.15
CA LYS A 131 2.14 33.67 1.49
C LYS A 131 2.56 34.51 2.69
N GLN A 132 3.55 34.00 3.44
CA GLN A 132 4.02 34.69 4.63
C GLN A 132 5.49 34.34 4.87
N LYS A 133 6.26 35.32 5.32
CA LYS A 133 7.69 35.18 5.51
C LYS A 133 7.98 34.90 6.98
N VAL A 134 8.58 33.75 7.26
CA VAL A 134 8.93 33.33 8.61
C VAL A 134 10.37 32.85 8.61
N TYR A 135 11.14 33.30 9.60
CA TYR A 135 12.56 32.99 9.70
C TYR A 135 12.79 31.70 10.49
N SER A 136 14.00 31.17 10.35
CA SER A 136 14.44 30.00 11.10
C SER A 136 15.96 29.99 11.11
N LEU A 137 16.52 29.18 12.01
CA LEU A 137 17.96 29.09 12.20
C LEU A 137 18.46 27.73 11.73
N PHE A 138 19.58 27.72 11.00
CA PHE A 138 20.13 26.50 10.44
C PHE A 138 21.63 26.45 10.65
N TYR A 139 22.17 25.24 10.71
CA TYR A 139 23.61 25.03 10.71
C TYR A 139 24.19 25.33 9.33
N ARG A 140 25.50 25.58 9.30
CA ARG A 140 26.17 25.84 8.03
C ARG A 140 26.26 24.59 7.16
N LEU A 141 26.04 23.41 7.74
CA LEU A 141 26.26 22.17 7.00
C LEU A 141 25.12 21.90 6.00
N ASP A 142 23.89 22.24 6.37
CA ASP A 142 22.71 21.79 5.65
C ASP A 142 22.29 22.74 4.54
N VAL A 143 23.09 23.76 4.25
CA VAL A 143 22.77 24.71 3.19
C VAL A 143 23.92 24.77 2.19
N VAL A 144 23.73 25.56 1.14
CA VAL A 144 24.77 25.75 0.13
C VAL A 144 24.44 27.01 -0.66
N GLN A 145 25.47 27.78 -1.00
CA GLN A 145 25.28 28.95 -1.85
C GLN A 145 25.01 28.49 -3.27
N ILE A 146 23.97 29.06 -3.88
CA ILE A 146 23.64 28.72 -5.26
C ILE A 146 24.76 29.15 -6.19
N ASN A 147 25.30 30.35 -5.98
CA ASN A 147 26.42 30.84 -6.76
C ASN A 147 27.71 30.88 -5.95
N LYS A 159 23.82 36.58 1.95
CA LYS A 159 23.80 35.68 0.80
C LYS A 159 22.52 34.86 0.78
N GLU A 160 22.29 34.16 -0.33
CA GLU A 160 21.11 33.32 -0.51
C GLU A 160 21.54 31.88 -0.65
N TYR A 161 20.88 30.99 0.08
CA TYR A 161 21.23 29.58 0.15
C TYR A 161 20.02 28.72 -0.23
N ARG A 162 20.30 27.43 -0.41
CA ARG A 162 19.26 26.42 -0.59
C ARG A 162 19.64 25.21 0.26
N LEU A 163 18.67 24.33 0.46
CA LEU A 163 18.93 23.11 1.22
C LEU A 163 19.91 22.23 0.46
N ILE A 164 20.91 21.71 1.18
CA ILE A 164 22.06 21.06 0.53
C ILE A 164 21.64 19.86 -0.29
N ASN A 165 20.55 19.18 0.09
CA ASN A 165 20.15 17.93 -0.53
C ASN A 165 18.86 18.06 -1.35
N CYS A 166 18.68 19.18 -2.05
CA CYS A 166 17.55 19.32 -2.96
C CYS A 166 17.88 18.87 -4.37
N ASN A 167 19.16 18.72 -4.73
CA ASN A 167 19.57 18.14 -5.99
C ASN A 167 19.73 16.62 -5.89
N THR A 168 19.04 15.99 -4.96
CA THR A 168 19.03 14.55 -4.78
C THR A 168 17.65 14.17 -4.25
N SER A 169 17.55 12.98 -3.64
CA SER A 169 16.28 12.47 -3.13
C SER A 169 15.58 13.46 -2.21
N ALA A 170 14.27 13.30 -2.04
CA ALA A 170 13.47 14.26 -1.31
C ALA A 170 13.74 14.19 0.19
N ILE A 171 13.38 15.26 0.89
CA ILE A 171 13.58 15.40 2.33
C ILE A 171 12.24 15.21 3.01
N THR A 172 12.18 14.29 3.98
CA THR A 172 10.94 13.93 4.66
C THR A 172 11.16 13.88 6.16
N GLN A 173 10.33 14.61 6.91
CA GLN A 173 10.34 14.56 8.36
C GLN A 173 8.92 14.78 8.88
N ALA A 174 8.56 14.00 9.91
CA ALA A 174 7.39 14.23 10.74
C ALA A 174 7.42 13.23 11.89
N CYS A 175 6.33 13.17 12.65
CA CYS A 175 6.11 12.11 13.63
C CYS A 175 7.15 12.21 14.75
N PRO A 176 7.16 13.29 15.52
CA PRO A 176 8.21 13.46 16.54
C PRO A 176 8.02 12.58 17.76
N LYS A 177 6.85 11.97 17.94
CA LYS A 177 6.57 11.20 19.15
C LYS A 177 7.34 9.89 19.22
N VAL A 178 8.00 9.48 18.13
CA VAL A 178 8.83 8.30 18.18
C VAL A 178 10.11 8.61 18.96
N SER A 179 10.64 7.59 19.62
CA SER A 179 11.83 7.73 20.46
C SER A 179 13.02 7.10 19.75
N PHE A 180 14.15 7.81 19.76
CA PHE A 180 15.37 7.37 19.09
C PHE A 180 16.25 6.50 19.97
N GLU A 181 15.87 6.28 21.22
CA GLU A 181 16.71 5.51 22.13
C GLU A 181 16.68 4.04 21.73
N PRO A 182 17.84 3.38 21.65
CA PRO A 182 17.85 1.95 21.36
C PRO A 182 17.35 1.13 22.55
N ILE A 183 16.87 -0.08 22.23
CA ILE A 183 16.47 -1.07 23.22
C ILE A 183 17.15 -2.37 22.82
N PRO A 184 17.63 -3.19 23.76
CA PRO A 184 18.20 -4.48 23.36
C PRO A 184 17.15 -5.38 22.73
N ILE A 185 17.55 -6.08 21.67
CA ILE A 185 16.67 -7.02 20.97
C ILE A 185 17.23 -8.42 21.12
N HIS A 186 16.39 -9.32 21.63
CA HIS A 186 16.65 -10.75 21.61
C HIS A 186 16.21 -11.30 20.26
N TYR A 187 16.76 -12.47 19.89
CA TYR A 187 16.37 -13.12 18.66
C TYR A 187 16.30 -14.62 18.86
N CYS A 188 15.17 -15.21 18.51
CA CYS A 188 14.91 -16.63 18.74
C CYS A 188 14.81 -17.36 17.40
N ALA A 189 15.47 -18.51 17.32
CA ALA A 189 15.41 -19.31 16.11
C ALA A 189 14.00 -19.86 15.91
N PRO A 190 13.52 -19.94 14.66
CA PRO A 190 12.21 -20.54 14.41
C PRO A 190 12.19 -22.01 14.77
N ALA A 191 10.99 -22.59 14.70
CA ALA A 191 10.81 -24.00 15.00
C ALA A 191 11.67 -24.86 14.08
N GLY A 192 12.41 -25.80 14.66
CA GLY A 192 13.32 -26.62 13.91
C GLY A 192 14.72 -26.08 13.76
N PHE A 193 14.99 -24.88 14.26
CA PHE A 193 16.32 -24.26 14.19
C PHE A 193 16.82 -24.01 15.60
N ALA A 194 18.11 -23.64 15.69
CA ALA A 194 18.75 -23.43 16.99
C ALA A 194 19.87 -22.41 16.84
N ILE A 195 20.29 -21.86 17.98
CA ILE A 195 21.36 -20.88 18.04
C ILE A 195 22.50 -21.46 18.88
N LEU A 196 23.72 -21.38 18.36
CA LEU A 196 24.89 -21.93 19.03
C LEU A 196 25.88 -20.81 19.32
N LYS A 197 26.44 -20.82 20.52
CA LYS A 197 27.39 -19.80 20.96
C LYS A 197 28.66 -20.46 21.48
N CYS A 198 29.74 -19.68 21.49
CA CYS A 198 31.04 -20.14 21.95
C CYS A 198 31.33 -19.55 23.34
N LYS A 199 31.61 -20.43 24.31
CA LYS A 199 31.89 -19.98 25.66
C LYS A 199 33.29 -19.39 25.79
N ASP A 200 34.25 -19.90 25.02
CA ASP A 200 35.64 -19.47 25.16
C ASP A 200 35.77 -17.97 25.01
N LYS A 201 36.30 -17.33 26.05
CA LYS A 201 36.35 -15.88 26.12
C LYS A 201 37.45 -15.28 25.25
N LYS A 202 38.43 -16.09 24.86
CA LYS A 202 39.52 -15.64 23.98
C LYS A 202 39.28 -16.06 22.53
N PHE A 203 38.07 -16.55 22.23
CA PHE A 203 37.78 -17.10 20.91
C PHE A 203 37.94 -16.04 19.81
N ASN A 204 38.43 -16.48 18.65
CA ASN A 204 38.52 -15.65 17.46
C ASN A 204 37.13 -15.37 16.92
N GLY A 205 37.07 -14.71 15.76
CA GLY A 205 35.84 -14.69 15.00
C GLY A 205 35.58 -16.00 14.29
N THR A 206 36.63 -16.68 13.83
CA THR A 206 36.53 -17.97 13.17
C THR A 206 37.33 -19.02 13.94
N GLY A 207 37.46 -20.19 13.33
CA GLY A 207 38.16 -21.30 13.94
C GLY A 207 37.26 -22.12 14.83
N PRO A 208 37.67 -23.34 15.15
CA PRO A 208 36.87 -24.16 16.05
C PRO A 208 36.84 -23.59 17.45
N CYS A 209 35.72 -23.80 18.14
CA CYS A 209 35.57 -23.38 19.52
C CYS A 209 35.52 -24.61 20.41
N PRO A 210 36.52 -24.83 21.29
CA PRO A 210 36.50 -26.01 22.15
C PRO A 210 35.35 -26.03 23.15
N SER A 211 34.83 -24.88 23.55
CA SER A 211 33.79 -24.78 24.58
C SER A 211 32.56 -24.11 23.97
N VAL A 212 31.67 -24.91 23.40
CA VAL A 212 30.48 -24.41 22.73
C VAL A 212 29.25 -24.70 23.58
N SER A 213 28.22 -23.90 23.38
CA SER A 213 26.96 -24.07 24.08
C SER A 213 25.85 -23.46 23.22
N THR A 214 24.63 -23.91 23.46
CA THR A 214 23.48 -23.54 22.65
C THR A 214 22.50 -22.69 23.45
N VAL A 215 21.80 -21.80 22.74
CA VAL A 215 20.81 -20.93 23.36
C VAL A 215 19.57 -20.88 22.46
N GLN A 216 18.41 -20.72 23.09
CA GLN A 216 17.18 -20.56 22.32
C GLN A 216 17.10 -19.17 21.69
N CYS A 217 17.51 -18.14 22.43
CA CYS A 217 17.48 -16.77 21.94
C CYS A 217 18.75 -16.04 22.35
N THR A 218 19.39 -15.39 21.37
CA THR A 218 20.60 -14.63 21.65
C THR A 218 20.29 -13.41 22.51
N HIS A 219 21.30 -12.95 23.24
CA HIS A 219 21.10 -11.91 24.24
C HIS A 219 20.76 -10.57 23.58
N GLY A 220 20.04 -9.75 24.32
CA GLY A 220 19.54 -8.50 23.75
C GLY A 220 20.67 -7.59 23.30
N ILE A 221 20.48 -6.98 22.14
CA ILE A 221 21.49 -6.13 21.53
C ILE A 221 20.85 -4.80 21.14
N LYS A 222 21.48 -3.71 21.53
CA LYS A 222 21.02 -2.37 21.17
C LYS A 222 21.40 -2.06 19.73
N PRO A 223 20.47 -1.51 18.94
CA PRO A 223 20.82 -1.04 17.59
C PRO A 223 21.66 0.22 17.66
N VAL A 224 22.91 0.08 18.11
CA VAL A 224 23.78 1.23 18.33
C VAL A 224 24.14 1.86 16.98
N VAL A 225 23.98 3.17 16.90
CA VAL A 225 24.29 3.93 15.69
C VAL A 225 25.58 4.69 15.93
N SER A 226 26.68 4.21 15.36
CA SER A 226 27.98 4.85 15.49
C SER A 226 28.83 4.50 14.28
N THR A 227 29.90 5.26 14.08
CA THR A 227 30.74 5.08 12.90
C THR A 227 32.21 4.79 13.23
N GLN A 228 32.80 5.47 14.20
CA GLN A 228 34.24 5.34 14.44
C GLN A 228 34.60 4.49 15.64
N LEU A 229 33.86 4.61 16.75
CA LEU A 229 34.13 3.80 17.93
C LEU A 229 32.83 3.13 18.38
N LEU A 230 32.93 1.86 18.76
CA LEU A 230 31.77 1.14 19.27
C LEU A 230 31.33 1.72 20.61
N LEU A 231 30.03 1.83 20.80
CA LEU A 231 29.47 2.49 21.97
C LEU A 231 28.47 1.59 22.69
N ASN A 232 28.63 1.52 24.01
CA ASN A 232 27.53 1.38 24.95
C ASN A 232 26.87 0.01 24.82
N GLY A 233 27.66 -0.97 24.39
CA GLY A 233 27.27 -2.35 24.32
C GLY A 233 28.12 -3.24 25.19
N SER A 234 28.40 -4.46 24.72
CA SER A 234 29.09 -5.47 25.52
C SER A 234 30.59 -5.23 25.57
N LEU A 235 31.20 -5.80 26.62
CA LEU A 235 32.61 -5.66 26.94
C LEU A 235 33.35 -6.97 26.65
N ALA A 236 34.65 -6.84 26.39
CA ALA A 236 35.50 -8.03 26.30
C ALA A 236 35.68 -8.65 27.68
N GLU A 237 35.77 -9.99 27.72
CA GLU A 237 35.69 -10.69 28.99
C GLU A 237 36.92 -10.45 29.87
N GLU A 238 38.12 -10.68 29.33
CA GLU A 238 39.25 -10.72 30.25
C GLU A 238 40.45 -9.88 29.76
N GLU A 239 40.58 -9.67 28.45
CA GLU A 239 41.39 -8.57 27.92
C GLU A 239 40.76 -8.02 26.65
N VAL A 240 41.29 -6.88 26.21
CA VAL A 240 41.00 -6.35 24.89
C VAL A 240 41.40 -7.37 23.83
N MET A 241 40.61 -7.45 22.74
CA MET A 241 40.93 -8.37 21.66
C MET A 241 40.65 -7.71 20.32
N ILE A 242 41.38 -8.16 19.29
CA ILE A 242 41.36 -7.57 17.97
C ILE A 242 41.10 -8.67 16.93
N ARG A 243 40.24 -8.37 15.95
CA ARG A 243 39.84 -9.34 14.94
C ARG A 243 39.80 -8.70 13.56
N SER A 244 40.12 -9.49 12.53
CA SER A 244 40.14 -9.08 11.14
C SER A 244 40.12 -10.32 10.27
N GLU A 245 39.51 -10.23 9.08
CA GLU A 245 39.37 -11.42 8.25
C GLU A 245 40.73 -12.02 7.94
N ASN A 246 41.69 -11.18 7.57
CA ASN A 246 43.06 -11.58 7.30
C ASN A 246 43.94 -10.44 7.77
N ILE A 247 44.93 -10.74 8.61
CA ILE A 247 45.81 -9.70 9.12
C ILE A 247 46.72 -9.12 8.04
N THR A 248 46.63 -9.63 6.82
CA THR A 248 47.50 -9.18 5.72
C THR A 248 46.84 -8.11 4.86
N ASN A 249 45.64 -8.38 4.34
CA ASN A 249 45.02 -7.45 3.41
C ASN A 249 44.58 -6.18 4.14
N ASN A 250 44.99 -5.03 3.61
CA ASN A 250 44.67 -3.74 4.22
C ASN A 250 43.25 -3.28 3.92
N ALA A 251 42.57 -3.90 2.97
CA ALA A 251 41.22 -3.48 2.62
C ALA A 251 40.21 -3.83 3.69
N LYS A 252 40.59 -4.63 4.69
CA LYS A 252 39.69 -5.07 5.74
C LYS A 252 39.85 -4.19 6.96
N ASN A 253 38.73 -3.80 7.56
CA ASN A 253 38.74 -3.03 8.79
C ASN A 253 39.27 -3.88 9.95
N ILE A 254 39.78 -3.21 10.97
CA ILE A 254 40.35 -3.87 12.13
C ILE A 254 39.39 -3.67 13.31
N LEU A 255 38.85 -4.77 13.82
CA LEU A 255 37.97 -4.72 14.97
C LEU A 255 38.79 -4.68 16.25
N VAL A 256 38.37 -3.83 17.19
CA VAL A 256 38.95 -3.78 18.52
C VAL A 256 37.81 -3.82 19.53
N GLN A 257 37.92 -4.72 20.51
CA GLN A 257 36.93 -4.85 21.58
C GLN A 257 37.61 -4.63 22.92
N PHE A 258 37.06 -3.74 23.73
CA PHE A 258 37.65 -3.40 25.02
C PHE A 258 37.09 -4.28 26.13
N ASN A 259 37.95 -4.59 27.10
CA ASN A 259 37.53 -5.32 28.29
C ASN A 259 37.09 -4.41 29.43
N THR A 260 37.47 -3.13 29.39
CA THR A 260 37.09 -2.17 30.41
C THR A 260 36.44 -0.96 29.75
N PRO A 261 35.32 -0.48 30.31
CA PRO A 261 34.61 0.64 29.68
C PRO A 261 35.37 1.94 29.80
N VAL A 262 35.04 2.87 28.91
CA VAL A 262 35.55 4.24 28.96
C VAL A 262 34.35 5.16 29.01
N GLN A 263 34.19 5.86 30.14
CA GLN A 263 33.05 6.73 30.33
C GLN A 263 33.17 7.98 29.48
N ILE A 264 32.05 8.41 28.89
CA ILE A 264 32.02 9.54 27.98
C ILE A 264 30.86 10.46 28.38
N ASN A 265 31.17 11.75 28.51
CA ASN A 265 30.15 12.80 28.45
C ASN A 265 30.24 13.56 27.14
N CYS A 266 29.08 13.85 26.56
CA CYS A 266 28.93 14.76 25.45
C CYS A 266 27.67 15.58 25.70
N THR A 267 27.72 16.87 25.37
CA THR A 267 26.59 17.74 25.69
C THR A 267 26.53 18.88 24.70
N ARG A 268 25.33 19.46 24.58
CA ARG A 268 25.13 20.74 23.90
C ARG A 268 24.82 21.77 24.98
N PRO A 269 25.62 22.81 25.11
CA PRO A 269 25.59 23.63 26.33
C PRO A 269 24.44 24.63 26.40
N ASN A 270 23.48 24.54 25.48
CA ASN A 270 22.42 25.54 25.37
C ASN A 270 21.05 24.87 25.33
N ASN A 271 20.09 25.47 26.03
CA ASN A 271 18.69 25.13 25.77
C ASN A 271 18.32 25.45 24.32
N ASN A 272 17.25 24.80 23.87
CA ASN A 272 16.74 24.99 22.52
C ASN A 272 15.28 25.42 22.57
N THR A 273 14.91 26.30 21.64
CA THR A 273 13.53 26.72 21.47
C THR A 273 13.01 26.23 20.12
N ARG A 274 11.76 25.79 20.10
CA ARG A 274 11.14 25.24 18.91
C ARG A 274 9.86 25.99 18.59
N LYS A 275 9.68 26.30 17.30
CA LYS A 275 8.44 26.87 16.80
C LYS A 275 7.88 25.96 15.72
N SER A 276 6.57 25.99 15.56
CA SER A 276 5.86 25.13 14.63
C SER A 276 5.14 25.96 13.58
N ILE A 277 5.18 25.49 12.33
CA ILE A 277 4.52 26.15 11.22
C ILE A 277 3.69 25.12 10.46
N ARG A 278 2.68 25.62 9.75
CA ARG A 278 1.72 24.78 9.04
C ARG A 278 1.88 25.04 7.54
N ILE A 279 2.71 24.22 6.89
CA ILE A 279 2.93 24.38 5.45
C ILE A 279 1.71 23.91 4.67
N GLY A 280 0.86 23.08 5.28
CA GLY A 280 -0.33 22.58 4.63
C GLY A 280 -1.21 21.80 5.58
N PRO A 281 -2.35 21.32 5.09
CA PRO A 281 -3.28 20.58 5.96
C PRO A 281 -2.66 19.30 6.48
N GLY A 282 -2.64 19.15 7.80
CA GLY A 282 -1.98 18.02 8.41
C GLY A 282 -0.48 18.01 8.25
N GLN A 283 0.12 19.17 8.05
CA GLN A 283 1.53 19.30 7.71
C GLN A 283 2.23 20.28 8.64
N ALA A 284 2.02 20.12 9.95
CA ALA A 284 2.73 20.93 10.93
C ALA A 284 4.22 20.62 10.86
N PHE A 285 5.05 21.66 10.85
CA PHE A 285 6.49 21.53 10.71
C PHE A 285 7.20 22.20 11.88
N TYR A 286 8.16 21.48 12.46
CA TYR A 286 8.94 21.99 13.58
C TYR A 286 10.29 22.47 13.07
N ALA A 287 10.72 23.63 13.57
CA ALA A 287 11.98 24.23 13.17
C ALA A 287 12.71 24.76 14.40
N THR A 288 14.00 25.03 14.23
CA THR A 288 14.82 25.55 15.31
C THR A 288 14.48 27.02 15.56
N GLY A 289 14.05 27.33 16.78
CA GLY A 289 13.81 28.70 17.17
C GLY A 289 15.05 29.38 17.67
N ASP A 290 14.88 30.63 18.10
CA ASP A 290 15.99 31.41 18.63
C ASP A 290 16.51 30.80 19.93
N ILE A 291 17.83 30.77 20.07
CA ILE A 291 18.49 30.18 21.22
C ILE A 291 18.98 31.31 22.12
N ILE A 292 18.58 31.28 23.38
CA ILE A 292 18.97 32.31 24.32
C ILE A 292 20.26 31.91 25.02
N GLY A 293 20.92 32.87 25.65
CA GLY A 293 22.16 32.60 26.35
C GLY A 293 23.36 32.60 25.42
N ASP A 294 24.53 32.42 26.02
CA ASP A 294 25.77 32.38 25.25
C ASP A 294 25.81 31.14 24.36
N ILE A 295 26.30 31.32 23.15
CA ILE A 295 26.43 30.23 22.19
C ILE A 295 27.81 29.60 22.36
N ARG A 296 27.84 28.35 22.80
CA ARG A 296 29.09 27.63 23.05
C ARG A 296 29.11 26.36 22.23
N GLN A 297 30.29 25.98 21.75
CA GLN A 297 30.43 24.80 20.93
C GLN A 297 30.18 23.54 21.73
N ALA A 298 29.34 22.65 21.21
CA ALA A 298 29.15 21.35 21.82
C ALA A 298 30.45 20.53 21.72
N HIS A 299 30.70 19.72 22.73
CA HIS A 299 31.96 18.99 22.81
C HIS A 299 31.78 17.83 23.79
N CYS A 300 32.87 17.11 24.02
CA CYS A 300 32.89 15.94 24.88
C CYS A 300 34.13 15.98 25.76
N ASN A 301 34.00 15.53 27.00
CA ASN A 301 35.14 15.35 27.90
C ASN A 301 35.27 13.88 28.28
N VAL A 302 36.50 13.43 28.47
CA VAL A 302 36.79 12.04 28.79
C VAL A 302 38.15 11.96 29.45
N SER A 303 38.27 11.09 30.45
CA SER A 303 39.49 10.97 31.22
C SER A 303 40.68 10.58 30.34
N LYS A 304 41.81 11.23 30.58
CA LYS A 304 43.01 10.95 29.79
C LYS A 304 43.65 9.62 30.22
N ALA A 305 43.68 9.34 31.52
CA ALA A 305 44.44 8.20 32.03
C ALA A 305 43.89 6.89 31.49
N THR A 306 42.56 6.75 31.51
CA THR A 306 41.95 5.56 30.92
C THR A 306 42.27 5.45 29.44
N TRP A 307 42.26 6.59 28.73
CA TRP A 307 42.53 6.55 27.30
C TRP A 307 43.93 6.01 27.00
N ASN A 308 44.96 6.60 27.63
CA ASN A 308 46.31 6.16 27.27
C ASN A 308 46.62 4.77 27.80
N GLU A 309 46.09 4.40 28.97
CA GLU A 309 46.40 3.07 29.48
C GLU A 309 45.65 1.99 28.70
N THR A 310 44.41 2.28 28.27
CA THR A 310 43.69 1.35 27.40
C THR A 310 44.37 1.24 26.04
N LEU A 311 44.93 2.34 25.54
CA LEU A 311 45.72 2.26 24.32
C LEU A 311 46.96 1.40 24.52
N GLY A 312 47.56 1.48 25.71
CA GLY A 312 48.66 0.58 26.02
C GLY A 312 48.24 -0.88 26.02
N LYS A 313 47.07 -1.17 26.60
CA LYS A 313 46.52 -2.52 26.55
C LYS A 313 46.31 -2.96 25.09
N VAL A 314 45.77 -2.07 24.27
CA VAL A 314 45.51 -2.40 22.87
C VAL A 314 46.81 -2.67 22.12
N VAL A 315 47.86 -1.89 22.41
CA VAL A 315 49.15 -2.13 21.77
C VAL A 315 49.74 -3.46 22.22
N LYS A 316 49.61 -3.77 23.52
CA LYS A 316 50.07 -5.06 24.02
C LYS A 316 49.37 -6.22 23.33
N GLN A 317 48.07 -6.07 23.09
CA GLN A 317 47.32 -7.11 22.36
C GLN A 317 47.72 -7.15 20.90
N LEU A 318 48.00 -5.99 20.30
CA LEU A 318 48.29 -5.90 18.88
C LEU A 318 49.66 -6.45 18.52
N ARG A 319 50.62 -6.35 19.45
CA ARG A 319 51.98 -6.79 19.14
C ARG A 319 52.10 -8.29 18.96
N LYS A 320 51.05 -9.06 19.27
CA LYS A 320 51.14 -10.52 19.26
C LYS A 320 51.42 -11.07 17.87
N HIS A 321 50.76 -10.53 16.85
CA HIS A 321 50.77 -11.12 15.51
C HIS A 321 51.75 -10.47 14.56
N PHE A 322 52.59 -9.58 15.07
CA PHE A 322 53.66 -8.99 14.30
C PHE A 322 54.94 -9.51 14.94
N GLY A 323 56.07 -9.36 14.26
CA GLY A 323 57.29 -9.70 14.97
C GLY A 323 57.60 -8.51 15.83
N ASN A 324 57.63 -8.68 17.15
CA ASN A 324 57.73 -7.52 18.05
C ASN A 324 58.82 -6.49 17.77
N ASN A 325 58.86 -5.46 18.63
CA ASN A 325 59.89 -4.43 18.59
C ASN A 325 59.70 -3.68 17.29
N THR A 326 58.43 -3.59 16.93
CA THR A 326 57.94 -2.94 15.73
C THR A 326 57.17 -1.70 16.17
N ILE A 327 57.47 -0.58 15.52
CA ILE A 327 56.86 0.68 15.88
C ILE A 327 55.37 0.66 15.51
N ILE A 328 54.54 1.15 16.41
CA ILE A 328 53.10 1.23 16.20
C ILE A 328 52.69 2.69 16.32
N ARG A 329 51.97 3.19 15.31
CA ARG A 329 51.50 4.56 15.31
C ARG A 329 50.03 4.60 14.92
N PHE A 330 49.30 5.54 15.52
CA PHE A 330 47.94 5.88 15.12
C PHE A 330 47.91 7.36 14.77
N ALA A 331 47.01 7.74 13.87
CA ALA A 331 47.04 9.11 13.40
C ALA A 331 45.67 9.57 12.93
N ASN A 332 45.54 10.89 12.86
CA ASN A 332 44.50 11.60 12.11
C ASN A 332 44.11 10.87 10.84
N SER A 333 42.81 10.81 10.56
CA SER A 333 42.31 10.10 9.39
C SER A 333 42.67 10.86 8.11
N SER A 334 42.55 10.16 6.99
CA SER A 334 42.92 10.72 5.70
C SER A 334 41.82 11.53 5.05
N GLY A 335 40.65 11.63 5.67
CA GLY A 335 39.56 12.38 5.10
C GLY A 335 38.70 11.56 4.16
N GLY A 336 37.66 12.22 3.65
CA GLY A 336 36.71 11.59 2.77
C GLY A 336 35.31 12.05 3.09
N ASP A 337 34.34 11.17 2.85
CA ASP A 337 32.96 11.46 3.22
C ASP A 337 32.86 11.71 4.72
N LEU A 338 32.05 12.69 5.10
CA LEU A 338 32.02 13.12 6.49
C LEU A 338 31.60 12.00 7.44
N GLU A 339 30.77 11.07 6.96
CA GLU A 339 30.30 9.98 7.81
C GLU A 339 31.45 9.13 8.33
N VAL A 340 32.40 8.80 7.45
CA VAL A 340 33.59 8.08 7.89
C VAL A 340 34.66 9.01 8.40
N THR A 341 34.58 10.30 8.08
CA THR A 341 35.59 11.25 8.50
C THR A 341 35.50 11.55 9.99
N THR A 342 34.28 11.77 10.49
CA THR A 342 34.06 12.15 11.87
C THR A 342 33.32 11.06 12.62
N HIS A 343 33.49 11.06 13.95
CA HIS A 343 32.76 10.15 14.82
C HIS A 343 31.34 10.66 15.00
N SER A 344 30.36 9.85 14.58
CA SER A 344 28.96 10.26 14.61
C SER A 344 28.16 9.30 15.49
N PHE A 345 27.13 9.83 16.14
CA PHE A 345 26.26 9.07 17.02
C PHE A 345 25.07 9.93 17.38
N ASN A 346 23.99 9.29 17.80
CA ASN A 346 22.78 9.98 18.24
C ASN A 346 22.58 9.78 19.73
N CYS A 347 22.20 10.85 20.42
CA CYS A 347 21.87 10.78 21.83
C CYS A 347 21.00 11.98 22.17
N GLY A 348 20.00 11.77 23.01
CA GLY A 348 19.03 12.83 23.27
C GLY A 348 18.23 13.24 22.08
N GLY A 349 18.06 12.34 21.10
CA GLY A 349 17.32 12.67 19.89
C GLY A 349 18.04 13.57 18.92
N GLU A 350 19.37 13.65 18.99
CA GLU A 350 20.13 14.49 18.08
C GLU A 350 21.39 13.76 17.64
N PHE A 351 21.73 13.92 16.36
CA PHE A 351 22.90 13.28 15.77
C PHE A 351 24.13 14.14 15.97
N PHE A 352 25.26 13.48 16.23
CA PHE A 352 26.52 14.14 16.54
C PHE A 352 27.56 13.82 15.47
N TYR A 353 28.61 14.64 15.43
CA TYR A 353 29.75 14.44 14.53
C TYR A 353 30.99 15.00 15.21
N CYS A 354 31.96 14.13 15.50
CA CYS A 354 33.08 14.49 16.34
C CYS A 354 34.41 14.13 15.69
N ASN A 355 35.43 14.96 15.94
CA ASN A 355 36.74 14.89 15.31
C ASN A 355 37.69 14.20 16.30
N THR A 356 37.91 12.90 16.11
CA THR A 356 38.72 12.09 17.01
C THR A 356 40.22 12.20 16.72
N SER A 357 40.63 13.25 16.01
CA SER A 357 42.04 13.40 15.65
C SER A 357 42.93 13.53 16.88
N GLY A 358 42.50 14.32 17.86
CA GLY A 358 43.33 14.55 19.04
C GLY A 358 43.52 13.35 19.93
N LEU A 359 42.75 12.28 19.69
CA LEU A 359 42.82 11.09 20.53
C LEU A 359 44.00 10.19 20.22
N PHE A 360 44.71 10.42 19.11
CA PHE A 360 45.67 9.43 18.62
C PHE A 360 47.02 10.04 18.26
N ASN A 361 47.35 11.23 18.75
CA ASN A 361 48.66 11.83 18.47
C ASN A 361 49.70 11.26 19.43
N SER A 362 50.12 10.04 19.11
CA SER A 362 51.13 9.34 19.90
C SER A 362 51.57 8.10 19.13
N THR A 363 52.84 7.74 19.29
CA THR A 363 53.41 6.52 18.73
C THR A 363 53.81 5.61 19.88
N TRP A 364 54.10 4.35 19.53
CA TRP A 364 54.47 3.37 20.54
C TRP A 364 55.82 2.74 20.22
N ILE A 365 56.66 2.61 21.25
CA ILE A 365 57.98 2.02 21.16
C ILE A 365 58.10 0.95 22.24
N SER A 366 59.18 0.18 22.16
CA SER A 366 59.36 -0.95 23.05
C SER A 366 59.53 -0.50 24.50
N ASN A 367 59.22 -1.42 25.42
CA ASN A 367 59.31 -1.18 26.85
C ASN A 367 58.48 0.02 27.29
N ASP A 380 42.48 15.72 34.47
CA ASP A 380 42.62 14.29 34.24
C ASP A 380 41.81 13.83 33.03
N SER A 381 41.33 14.79 32.23
CA SER A 381 40.44 14.48 31.13
C SER A 381 40.88 15.23 29.88
N ILE A 382 40.32 14.81 28.74
CA ILE A 382 40.64 15.37 27.43
C ILE A 382 39.34 15.81 26.76
N THR A 383 39.36 16.99 26.15
CA THR A 383 38.21 17.54 25.45
C THR A 383 38.38 17.39 23.94
N LEU A 384 37.26 17.48 23.23
CA LEU A 384 37.24 17.37 21.78
C LEU A 384 35.96 18.02 21.24
N PRO A 385 36.06 18.84 20.19
CA PRO A 385 34.85 19.46 19.64
C PRO A 385 34.02 18.48 18.84
N CYS A 386 32.77 18.88 18.57
CA CYS A 386 31.85 18.07 17.80
C CYS A 386 31.03 18.97 16.88
N ARG A 387 30.07 18.39 16.18
CA ARG A 387 29.27 19.13 15.21
C ARG A 387 27.87 18.52 15.15
N ILE A 388 26.91 19.32 14.68
CA ILE A 388 25.51 18.92 14.60
C ILE A 388 24.99 19.18 13.20
N LYS A 389 24.29 18.20 12.63
CA LYS A 389 23.67 18.30 11.32
C LYS A 389 22.25 17.76 11.40
N GLN A 390 21.35 18.33 10.60
CA GLN A 390 19.93 17.98 10.67
C GLN A 390 19.40 17.23 9.46
N ILE A 391 20.00 17.38 8.28
CA ILE A 391 19.64 16.57 7.12
C ILE A 391 20.61 15.40 7.06
N ILE A 392 20.13 14.22 7.39
CA ILE A 392 20.95 13.02 7.45
C ILE A 392 20.48 12.04 6.38
N ASN A 393 21.40 11.61 5.54
CA ASN A 393 21.17 10.54 4.57
C ASN A 393 21.53 9.23 5.27
N MET A 394 20.52 8.42 5.57
CA MET A 394 20.73 7.27 6.44
C MET A 394 21.58 6.20 5.76
N TRP A 395 22.57 5.68 6.50
CA TRP A 395 23.59 4.76 6.01
C TRP A 395 24.27 5.30 4.76
N GLN A 396 24.64 4.41 3.84
CA GLN A 396 25.27 4.80 2.59
C GLN A 396 24.26 5.11 1.50
N ARG A 397 22.98 4.96 1.80
CA ARG A 397 21.94 5.19 0.80
C ARG A 397 21.79 6.68 0.52
N ILE A 398 21.49 7.01 -0.73
CA ILE A 398 21.27 8.40 -1.15
C ILE A 398 19.83 8.64 -1.55
N GLY A 399 19.02 7.59 -1.71
CA GLY A 399 17.63 7.72 -2.10
C GLY A 399 16.66 8.06 -1.00
N GLN A 400 17.12 8.15 0.25
CA GLN A 400 16.25 8.51 1.37
C GLN A 400 16.99 9.50 2.27
N ALA A 401 16.22 10.34 2.96
CA ALA A 401 16.78 11.34 3.85
C ALA A 401 15.73 11.76 4.87
N MET A 402 16.18 12.40 5.94
CA MET A 402 15.31 12.80 7.03
C MET A 402 15.81 14.09 7.67
N TYR A 403 14.87 14.91 8.14
CA TYR A 403 15.18 16.10 8.92
C TYR A 403 14.92 15.82 10.39
N ALA A 404 15.92 16.04 11.21
CA ALA A 404 15.77 15.79 12.64
C ALA A 404 14.95 16.90 13.29
N PRO A 405 13.99 16.56 14.13
CA PRO A 405 13.26 17.58 14.89
C PRO A 405 14.14 18.16 15.98
N PRO A 406 14.09 19.48 16.19
CA PRO A 406 14.87 20.08 17.29
C PRO A 406 14.44 19.50 18.62
N ILE A 407 15.41 19.27 19.50
CA ILE A 407 15.16 18.74 20.84
C ILE A 407 15.33 19.88 21.83
N GLN A 408 14.28 20.14 22.59
CA GLN A 408 14.26 21.31 23.47
C GLN A 408 15.20 21.09 24.67
N GLY A 409 15.99 22.10 24.96
CA GLY A 409 16.80 22.12 26.17
C GLY A 409 18.24 21.71 25.94
N VAL A 410 18.91 21.50 27.08
CA VAL A 410 20.32 21.10 27.09
C VAL A 410 20.39 19.58 27.02
N ILE A 411 21.13 19.07 26.06
CA ILE A 411 21.33 17.63 25.90
C ILE A 411 22.49 17.20 26.78
N ARG A 412 22.25 16.20 27.63
CA ARG A 412 23.26 15.64 28.50
C ARG A 412 23.36 14.14 28.22
N CYS A 413 24.56 13.67 27.91
CA CYS A 413 24.76 12.31 27.44
C CYS A 413 25.88 11.65 28.21
N VAL A 414 25.62 10.44 28.70
CA VAL A 414 26.62 9.58 29.34
C VAL A 414 26.65 8.26 28.59
N SER A 415 27.84 7.72 28.37
CA SER A 415 27.97 6.49 27.61
C SER A 415 29.29 5.80 27.91
N ASN A 416 29.35 4.53 27.57
CA ASN A 416 30.57 3.72 27.64
C ASN A 416 31.05 3.44 26.23
N ILE A 417 32.36 3.47 26.03
CA ILE A 417 32.95 3.04 24.77
C ILE A 417 33.50 1.63 24.96
N THR A 418 33.02 0.69 24.13
CA THR A 418 33.34 -0.71 24.28
C THR A 418 34.26 -1.24 23.18
N GLY A 419 34.66 -0.41 22.23
CA GLY A 419 35.53 -0.89 21.18
C GLY A 419 35.84 0.21 20.17
N LEU A 420 36.64 -0.17 19.18
CA LEU A 420 37.06 0.72 18.11
C LEU A 420 37.22 -0.09 16.84
N ILE A 421 36.82 0.51 15.71
CA ILE A 421 37.03 -0.08 14.39
C ILE A 421 38.19 0.64 13.73
N LEU A 422 39.19 -0.11 13.28
CA LEU A 422 40.45 0.45 12.84
C LEU A 422 40.75 -0.01 11.42
N THR A 423 41.62 0.74 10.76
CA THR A 423 42.16 0.38 9.46
C THR A 423 43.67 0.58 9.47
N ARG A 424 44.36 -0.22 8.66
CA ARG A 424 45.81 -0.21 8.61
C ARG A 424 46.28 0.37 7.28
N ASP A 425 47.18 1.33 7.34
CA ASP A 425 47.74 1.92 6.13
C ASP A 425 48.64 0.91 5.42
N GLY A 426 48.59 0.94 4.09
CA GLY A 426 49.47 0.11 3.30
C GLY A 426 50.84 0.74 3.11
N GLY A 427 51.74 -0.04 2.52
CA GLY A 427 53.08 0.45 2.24
C GLY A 427 54.10 0.10 3.30
N SER A 428 54.91 1.07 3.69
CA SER A 428 55.99 0.90 4.68
C SER A 428 57.01 -0.12 4.18
N THR A 429 57.93 -0.52 5.06
CA THR A 429 58.97 -1.45 4.68
C THR A 429 59.42 -2.26 5.89
N ASN A 430 60.02 -3.41 5.63
CA ASN A 430 60.67 -4.25 6.63
C ASN A 430 59.71 -4.74 7.71
N SER A 431 58.41 -4.72 7.43
CA SER A 431 57.38 -5.13 8.40
C SER A 431 57.53 -4.35 9.70
N THR A 432 57.94 -3.09 9.59
CA THR A 432 58.20 -2.24 10.74
C THR A 432 57.53 -0.89 10.53
N THR A 433 57.32 -0.17 11.63
CA THR A 433 56.65 1.14 11.65
C THR A 433 55.24 1.03 11.06
N GLU A 434 54.43 0.20 11.71
CA GLU A 434 53.04 0.03 11.30
C GLU A 434 52.20 1.21 11.77
N THR A 435 51.38 1.75 10.87
CA THR A 435 50.52 2.88 11.17
C THR A 435 49.07 2.49 10.95
N PHE A 436 48.17 3.14 11.69
CA PHE A 436 46.75 2.80 11.67
C PHE A 436 45.91 4.07 11.67
N ARG A 437 44.74 3.98 11.04
CA ARG A 437 43.74 5.03 11.01
C ARG A 437 42.37 4.40 11.22
N PRO A 438 41.44 5.13 11.83
CA PRO A 438 40.07 4.62 11.96
C PRO A 438 39.37 4.57 10.62
N GLY A 439 38.40 3.67 10.52
CA GLY A 439 37.65 3.52 9.29
C GLY A 439 36.51 2.55 9.46
N GLY A 440 36.04 2.01 8.34
CA GLY A 440 34.96 1.04 8.36
C GLY A 440 33.58 1.66 8.43
N GLY A 441 33.23 2.45 7.42
CA GLY A 441 31.94 3.14 7.38
C GLY A 441 30.73 2.24 7.23
N ASP A 442 30.95 0.93 7.23
CA ASP A 442 29.87 -0.05 7.13
C ASP A 442 29.48 -0.49 8.53
N MET A 443 28.24 -0.20 8.93
CA MET A 443 27.76 -0.54 10.27
C MET A 443 27.61 -2.05 10.47
N ARG A 444 27.81 -2.83 9.41
CA ARG A 444 27.88 -4.28 9.56
C ARG A 444 28.85 -4.64 10.67
N ASP A 445 29.97 -3.89 10.77
CA ASP A 445 30.91 -4.09 11.87
C ASP A 445 30.23 -3.84 13.21
N ASN A 446 29.42 -2.78 13.30
CA ASN A 446 28.73 -2.45 14.54
C ASN A 446 27.86 -3.61 14.99
N TRP A 447 27.18 -4.27 14.06
CA TRP A 447 26.33 -5.38 14.46
C TRP A 447 27.11 -6.67 14.74
N ARG A 448 28.14 -6.94 13.94
CA ARG A 448 28.83 -8.22 14.06
C ARG A 448 29.72 -8.27 15.29
N SER A 449 30.19 -7.11 15.75
CA SER A 449 31.06 -7.07 16.93
C SER A 449 30.44 -7.80 18.11
N GLU A 450 29.11 -7.94 18.14
CA GLU A 450 28.43 -8.77 19.10
C GLU A 450 27.74 -9.99 18.50
N LEU A 451 27.35 -9.94 17.21
CA LEU A 451 26.75 -11.12 16.60
C LEU A 451 27.74 -12.25 16.35
N TYR A 452 29.04 -12.03 16.54
CA TYR A 452 30.05 -13.02 16.17
C TYR A 452 30.10 -14.22 17.11
N LYS A 453 29.36 -14.21 18.22
CA LYS A 453 29.27 -15.39 19.09
C LYS A 453 28.29 -16.44 18.57
N TYR A 454 27.28 -16.05 17.82
CA TYR A 454 26.11 -16.90 17.59
C TYR A 454 26.05 -17.40 16.16
N LYS A 455 25.41 -18.56 15.98
CA LYS A 455 25.31 -19.21 14.68
C LYS A 455 24.11 -20.13 14.69
N VAL A 456 23.47 -20.29 13.52
CA VAL A 456 22.22 -21.02 13.39
C VAL A 456 22.46 -22.30 12.62
N VAL A 457 21.67 -23.33 12.94
CA VAL A 457 21.73 -24.62 12.26
C VAL A 457 20.32 -25.14 12.05
N LYS A 458 20.20 -26.13 11.18
CA LYS A 458 18.96 -26.84 10.95
C LYS A 458 19.00 -28.17 11.71
N ILE A 459 17.85 -28.56 12.25
CA ILE A 459 17.72 -29.85 12.95
C ILE A 459 16.82 -30.76 12.13
N GLU A 460 17.35 -31.95 11.82
CA GLU A 460 16.58 -33.02 11.20
C GLU A 460 16.36 -34.09 12.25
N PRO A 461 15.18 -34.18 12.86
CA PRO A 461 14.98 -35.14 13.96
C PRO A 461 15.09 -36.59 13.54
N LEU A 462 15.03 -36.90 12.25
CA LEU A 462 15.12 -38.27 11.76
C LEU A 462 16.57 -38.72 11.68
N GLY A 463 16.78 -40.02 11.91
CA GLY A 463 18.12 -40.60 11.82
C GLY A 463 18.03 -42.10 11.71
N VAL A 464 19.10 -42.69 11.17
CA VAL A 464 19.16 -44.13 10.94
C VAL A 464 20.48 -44.67 11.47
N ALA A 465 20.48 -45.96 11.79
CA ALA A 465 21.65 -46.66 12.29
C ALA A 465 21.36 -48.16 12.27
N PRO A 466 22.39 -48.99 12.11
CA PRO A 466 22.20 -50.44 12.17
C PRO A 466 21.78 -50.89 13.57
N THR A 467 21.19 -52.07 13.63
CA THR A 467 20.80 -52.70 14.88
C THR A 467 20.31 -54.13 14.66
N ARG A 468 19.89 -54.80 15.72
CA ARG A 468 19.35 -56.14 15.65
C ARG A 468 17.84 -56.15 15.39
N CYS A 469 17.29 -55.04 14.90
CA CYS A 469 15.86 -54.95 14.63
C CYS A 469 15.45 -55.84 13.47
N LYS A 470 14.46 -56.69 13.71
CA LYS A 470 13.71 -57.37 12.64
C LYS A 470 12.25 -57.29 13.01
N ARG A 471 11.49 -56.50 12.27
CA ARG A 471 10.09 -56.26 12.60
C ARG A 471 9.31 -57.57 12.58
N ARG A 472 8.43 -57.72 13.57
CA ARG A 472 7.70 -58.96 13.75
C ARG A 472 6.90 -59.30 12.50
N VAL A 473 7.17 -60.47 11.92
CA VAL A 473 6.50 -60.88 10.69
C VAL A 473 5.05 -61.20 11.00
N VAL A 474 4.13 -60.57 10.26
CA VAL A 474 2.70 -60.76 10.47
C VAL A 474 2.07 -61.37 9.23
N LEU B 9 13.87 -31.40 31.26
CA LEU B 9 15.23 -30.98 30.96
C LEU B 9 15.25 -29.88 29.91
N GLY B 10 16.41 -29.24 29.76
CA GLY B 10 16.53 -28.15 28.82
C GLY B 10 16.55 -28.63 27.38
N PHE B 11 16.19 -27.71 26.48
CA PHE B 11 16.19 -28.00 25.06
C PHE B 11 17.61 -28.21 24.55
N LEU B 12 17.75 -29.11 23.58
CA LEU B 12 19.05 -29.45 22.99
C LEU B 12 20.03 -30.00 24.02
N GLY B 13 19.52 -30.71 25.01
CA GLY B 13 20.38 -31.38 25.98
C GLY B 13 21.12 -32.58 25.41
N ALA B 14 20.63 -33.14 24.31
CA ALA B 14 21.23 -34.31 23.70
C ALA B 14 22.40 -33.98 22.79
N ALA B 15 22.65 -32.70 22.51
CA ALA B 15 23.79 -32.34 21.67
C ALA B 15 25.10 -32.77 22.33
N GLY B 16 25.20 -32.62 23.65
CA GLY B 16 26.35 -33.11 24.38
C GLY B 16 26.32 -34.57 24.74
N SER B 17 25.17 -35.22 24.58
CA SER B 17 25.05 -36.63 24.91
C SER B 17 25.36 -37.51 23.70
N THR B 18 25.69 -38.76 23.98
CA THR B 18 25.87 -39.74 22.92
C THR B 18 24.52 -40.15 22.36
N MET B 19 24.54 -41.06 21.38
CA MET B 19 23.31 -41.64 20.88
C MET B 19 22.60 -42.50 21.92
N GLY B 20 23.28 -42.86 23.01
CA GLY B 20 22.63 -43.54 24.10
C GLY B 20 21.75 -42.63 24.94
N ALA B 21 22.36 -41.60 25.53
CA ALA B 21 21.63 -40.68 26.39
C ALA B 21 20.70 -39.76 25.62
N ALA B 22 20.87 -39.63 24.30
CA ALA B 22 20.01 -38.77 23.50
C ALA B 22 18.59 -39.32 23.40
N SER B 23 18.40 -40.63 23.61
CA SER B 23 17.11 -41.27 23.36
C SER B 23 16.05 -40.93 24.41
N MET B 24 16.41 -40.28 25.52
CA MET B 24 15.46 -40.00 26.57
C MET B 24 14.92 -38.57 26.54
N THR B 25 15.59 -37.65 25.84
CA THR B 25 15.14 -36.27 25.72
C THR B 25 14.52 -35.98 24.36
N LEU B 26 14.14 -37.03 23.63
CA LEU B 26 13.53 -36.83 22.31
C LEU B 26 12.22 -36.07 22.41
N THR B 27 11.39 -36.41 23.41
CA THR B 27 10.13 -35.68 23.59
C THR B 27 10.39 -34.23 23.97
N VAL B 28 11.41 -33.97 24.79
CA VAL B 28 11.75 -32.59 25.14
C VAL B 28 12.16 -31.82 23.90
N GLN B 29 12.95 -32.46 23.03
CA GLN B 29 13.34 -31.82 21.77
C GLN B 29 12.11 -31.54 20.90
N ALA B 30 11.17 -32.49 20.83
CA ALA B 30 10.00 -32.35 19.98
C ALA B 30 8.95 -31.42 20.55
N ARG B 31 9.06 -31.03 21.83
CA ARG B 31 8.04 -30.18 22.43
C ARG B 31 7.88 -28.86 21.69
N ASN B 32 8.99 -28.23 21.31
CA ASN B 32 8.95 -26.93 20.63
C ASN B 32 9.13 -27.08 19.12
N LEU B 33 8.58 -28.14 18.53
CA LEU B 33 8.75 -28.39 17.10
C LEU B 33 7.96 -27.43 16.22
N LEU B 34 6.96 -26.74 16.77
CA LEU B 34 6.22 -25.79 15.95
C LEU B 34 5.94 -24.44 16.63
N SER B 35 6.12 -24.32 17.94
CA SER B 35 5.93 -23.05 18.62
C SER B 35 6.58 -23.07 20.01
N LEU B 55 -2.21 0.28 12.85
CA LEU B 55 -2.32 -0.72 11.79
C LEU B 55 -1.58 -2.00 12.15
N LYS B 56 -1.97 -3.10 11.52
CA LYS B 56 -1.25 -4.36 11.60
C LYS B 56 -0.23 -4.52 10.48
N LEU B 57 -0.07 -3.50 9.64
CA LEU B 57 0.85 -3.53 8.51
C LEU B 57 2.31 -3.35 8.92
N THR B 58 2.62 -3.43 10.20
CA THR B 58 3.99 -3.23 10.66
C THR B 58 4.91 -4.31 10.11
N VAL B 59 6.15 -3.92 9.84
CA VAL B 59 7.12 -4.85 9.28
C VAL B 59 7.41 -5.99 10.25
N TRP B 60 7.39 -5.71 11.56
CA TRP B 60 7.55 -6.78 12.54
C TRP B 60 6.44 -7.81 12.41
N GLY B 61 5.20 -7.36 12.26
CA GLY B 61 4.09 -8.28 12.09
C GLY B 61 4.17 -9.06 10.78
N ILE B 62 4.59 -8.40 9.71
CA ILE B 62 4.78 -9.10 8.44
C ILE B 62 5.83 -10.19 8.59
N LYS B 63 6.94 -9.87 9.25
CA LYS B 63 7.98 -10.86 9.49
C LYS B 63 7.46 -12.01 10.34
N GLN B 64 6.69 -11.71 11.38
CA GLN B 64 6.16 -12.78 12.23
C GLN B 64 5.20 -13.68 11.46
N LEU B 65 4.35 -13.10 10.62
CA LEU B 65 3.47 -13.91 9.77
C LEU B 65 4.28 -14.81 8.85
N GLN B 66 5.31 -14.24 8.20
CA GLN B 66 6.15 -15.05 7.31
C GLN B 66 6.82 -16.18 8.07
N ALA B 67 7.35 -15.88 9.25
CA ALA B 67 8.06 -16.89 10.04
C ALA B 67 7.11 -17.99 10.51
N ARG B 68 5.90 -17.63 10.93
CA ARG B 68 4.92 -18.65 11.31
C ARG B 68 4.57 -19.53 10.13
N VAL B 69 4.40 -18.93 8.95
CA VAL B 69 4.11 -19.71 7.74
C VAL B 69 5.25 -20.67 7.44
N LEU B 70 6.49 -20.18 7.49
CA LEU B 70 7.65 -21.04 7.23
C LEU B 70 7.71 -22.19 8.24
N ALA B 71 7.50 -21.89 9.52
CA ALA B 71 7.59 -22.92 10.54
C ALA B 71 6.51 -23.98 10.35
N VAL B 72 5.27 -23.55 10.09
CA VAL B 72 4.20 -24.53 9.91
C VAL B 72 4.45 -25.35 8.64
N GLU B 73 5.01 -24.74 7.61
CA GLU B 73 5.30 -25.48 6.38
C GLU B 73 6.37 -26.54 6.62
N ARG B 74 7.46 -26.16 7.28
CA ARG B 74 8.51 -27.13 7.57
C ARG B 74 7.97 -28.27 8.43
N TYR B 75 7.20 -27.93 9.46
CA TYR B 75 6.63 -28.97 10.32
C TYR B 75 5.73 -29.91 9.52
N LEU B 76 4.81 -29.35 8.73
CA LEU B 76 3.91 -30.16 7.93
C LEU B 76 4.68 -31.08 6.99
N ARG B 77 5.71 -30.54 6.33
CA ARG B 77 6.56 -31.37 5.49
C ARG B 77 7.15 -32.52 6.30
N ASP B 78 7.62 -32.23 7.50
CA ASP B 78 8.24 -33.28 8.32
C ASP B 78 7.26 -34.40 8.64
N GLN B 79 6.06 -34.06 9.14
CA GLN B 79 5.17 -35.17 9.49
C GLN B 79 4.55 -35.84 8.27
N GLN B 80 4.37 -35.14 7.14
CA GLN B 80 3.89 -35.85 5.97
C GLN B 80 4.94 -36.81 5.44
N LEU B 81 6.21 -36.43 5.52
CA LEU B 81 7.30 -37.35 5.18
C LEU B 81 7.28 -38.57 6.10
N LEU B 82 7.12 -38.34 7.40
CA LEU B 82 7.07 -39.44 8.35
C LEU B 82 5.89 -40.37 8.05
N GLY B 83 4.73 -39.80 7.72
CA GLY B 83 3.60 -40.60 7.32
C GLY B 83 3.85 -41.40 6.06
N ILE B 84 4.58 -40.81 5.10
CA ILE B 84 4.98 -41.55 3.90
C ILE B 84 5.81 -42.76 4.29
N TRP B 85 6.81 -42.56 5.15
CA TRP B 85 7.62 -43.70 5.59
C TRP B 85 6.84 -44.67 6.47
N GLY B 86 5.69 -44.27 7.00
CA GLY B 86 4.84 -45.18 7.75
C GLY B 86 5.18 -45.32 9.21
N CYS B 87 6.26 -44.68 9.69
CA CYS B 87 6.57 -44.64 11.11
C CYS B 87 5.98 -43.43 11.79
N SER B 88 4.87 -42.91 11.27
CA SER B 88 4.19 -41.77 11.88
C SER B 88 3.60 -42.15 13.23
N GLY B 89 3.49 -41.17 14.11
CA GLY B 89 3.01 -41.40 15.45
C GLY B 89 3.99 -42.11 16.35
N LYS B 90 5.19 -42.41 15.87
CA LYS B 90 6.22 -43.09 16.65
C LYS B 90 7.45 -42.20 16.75
N LEU B 91 7.92 -41.98 17.96
CA LEU B 91 9.19 -41.31 18.18
C LEU B 91 10.38 -42.23 17.92
N ILE B 92 10.16 -43.55 17.93
CA ILE B 92 11.15 -44.53 17.50
C ILE B 92 10.43 -45.59 16.67
N CYS B 93 11.05 -45.97 15.55
CA CYS B 93 10.50 -46.97 14.65
C CYS B 93 11.56 -48.05 14.40
N CYS B 94 11.10 -49.23 13.97
CA CYS B 94 11.94 -50.43 13.88
C CYS B 94 11.71 -51.04 12.50
N THR B 95 12.54 -50.63 11.53
CA THR B 95 12.36 -50.98 10.13
C THR B 95 13.17 -52.22 9.76
N ASN B 96 13.05 -52.63 8.50
CA ASN B 96 13.69 -53.86 8.01
C ASN B 96 14.60 -53.62 6.81
N VAL B 97 14.89 -52.37 6.48
CA VAL B 97 15.62 -52.08 5.24
C VAL B 97 17.05 -52.62 5.33
N PRO B 98 17.53 -53.31 4.29
CA PRO B 98 18.97 -53.60 4.21
C PRO B 98 19.76 -52.39 3.74
N TRP B 99 21.06 -52.54 3.53
CA TRP B 99 21.92 -51.42 3.15
C TRP B 99 23.26 -51.99 2.71
N ASN B 100 24.08 -51.11 2.13
CA ASN B 100 25.43 -51.48 1.71
C ASN B 100 26.43 -51.09 2.80
N SER B 101 27.34 -52.02 3.10
CA SER B 101 28.23 -51.87 4.24
C SER B 101 29.35 -50.85 4.01
N SER B 102 29.53 -50.38 2.77
CA SER B 102 30.59 -49.43 2.48
C SER B 102 30.30 -48.03 3.04
N TRP B 103 29.09 -47.80 3.54
CA TRP B 103 28.68 -46.45 3.94
C TRP B 103 29.40 -45.98 5.20
N SER B 104 29.57 -46.87 6.18
CA SER B 104 30.20 -46.51 7.45
C SER B 104 31.39 -47.43 7.70
N ASN B 105 32.03 -47.28 8.87
CA ASN B 105 33.26 -47.99 9.16
C ASN B 105 33.38 -48.54 10.57
N ARG B 106 32.35 -48.43 11.41
CA ARG B 106 32.46 -48.80 12.82
C ARG B 106 31.45 -49.88 13.19
N ASN B 107 31.70 -50.52 14.33
CA ASN B 107 30.76 -51.51 14.86
C ASN B 107 29.55 -50.79 15.45
N LEU B 108 28.48 -51.55 15.72
CA LEU B 108 27.29 -50.91 16.28
C LEU B 108 27.57 -50.32 17.67
N SER B 109 28.31 -51.04 18.51
CA SER B 109 28.53 -50.57 19.88
C SER B 109 29.39 -49.31 19.92
N GLU B 110 30.52 -49.31 19.19
CA GLU B 110 31.35 -48.11 19.13
C GLU B 110 30.57 -46.96 18.50
N ILE B 111 29.79 -47.24 17.45
CA ILE B 111 28.91 -46.22 16.88
C ILE B 111 28.04 -45.62 17.96
N TRP B 112 27.40 -46.48 18.76
CA TRP B 112 26.41 -46.02 19.72
C TRP B 112 27.06 -45.21 20.84
N ASP B 113 28.28 -45.55 21.25
CA ASP B 113 28.83 -44.97 22.47
C ASP B 113 29.85 -43.85 22.26
N ASN B 114 30.71 -43.92 21.24
CA ASN B 114 31.86 -43.02 21.20
C ASN B 114 31.60 -41.72 20.45
N MET B 115 30.37 -41.47 20.00
CA MET B 115 30.17 -40.44 18.99
C MET B 115 28.85 -39.74 19.28
N THR B 116 28.73 -38.50 18.80
CA THR B 116 27.50 -37.73 18.90
C THR B 116 26.77 -37.72 17.56
N TRP B 117 25.44 -37.68 17.62
CA TRP B 117 24.60 -37.68 16.42
C TRP B 117 25.07 -36.65 15.39
N LEU B 118 25.71 -35.57 15.83
CA LEU B 118 26.10 -34.50 14.91
C LEU B 118 27.17 -34.98 13.94
N GLN B 119 28.34 -35.35 14.46
CA GLN B 119 29.38 -35.89 13.58
C GLN B 119 28.99 -37.26 13.03
N TRP B 120 28.04 -37.95 13.64
CA TRP B 120 27.47 -39.14 13.01
C TRP B 120 26.77 -38.80 11.70
N ASP B 121 25.93 -37.77 11.71
CA ASP B 121 25.34 -37.30 10.46
C ASP B 121 26.43 -36.85 9.50
N LYS B 122 27.45 -36.14 10.00
CA LYS B 122 28.56 -35.73 9.16
C LYS B 122 29.21 -36.93 8.47
N GLU B 123 29.32 -38.05 9.20
CA GLU B 123 29.80 -39.28 8.59
C GLU B 123 28.83 -39.80 7.52
N ILE B 124 27.52 -39.71 7.76
CA ILE B 124 26.53 -40.31 6.86
C ILE B 124 25.81 -39.22 6.06
N SER B 125 26.52 -38.13 5.76
CA SER B 125 25.85 -36.96 5.19
C SER B 125 25.65 -37.06 3.67
N ASN B 126 26.35 -37.96 2.98
CA ASN B 126 26.14 -38.07 1.54
C ASN B 126 25.19 -39.18 1.12
N TYR B 127 24.97 -40.18 1.95
CA TYR B 127 24.09 -41.26 1.52
C TYR B 127 22.63 -40.99 1.84
N THR B 128 22.29 -39.77 2.26
CA THR B 128 20.94 -39.49 2.76
C THR B 128 19.87 -39.69 1.70
N GLN B 129 20.08 -39.15 0.49
CA GLN B 129 19.06 -39.25 -0.55
C GLN B 129 18.83 -40.71 -0.97
N ILE B 130 19.92 -41.45 -1.15
CA ILE B 130 19.80 -42.88 -1.45
C ILE B 130 19.05 -43.58 -0.33
N ILE B 131 19.36 -43.25 0.93
CA ILE B 131 18.71 -43.88 2.06
C ILE B 131 17.21 -43.58 2.06
N TYR B 132 16.82 -42.32 1.84
CA TYR B 132 15.40 -41.99 1.80
C TYR B 132 14.71 -42.76 0.67
N GLY B 133 15.29 -42.72 -0.52
CA GLY B 133 14.69 -43.40 -1.66
C GLY B 133 14.46 -44.87 -1.37
N LEU B 134 15.47 -45.52 -0.76
CA LEU B 134 15.31 -46.91 -0.35
C LEU B 134 14.19 -47.05 0.68
N LEU B 135 14.20 -46.21 1.71
CA LEU B 135 13.23 -46.32 2.79
C LEU B 135 11.80 -46.29 2.27
N GLU B 136 11.51 -45.41 1.31
CA GLU B 136 10.16 -45.51 0.75
C GLU B 136 10.03 -46.69 -0.21
N GLU B 137 10.81 -46.71 -1.30
CA GLU B 137 10.48 -47.58 -2.43
C GLU B 137 10.66 -49.05 -2.09
N SER B 138 11.58 -49.38 -1.18
CA SER B 138 11.89 -50.77 -0.89
C SER B 138 11.01 -51.36 0.20
N GLN B 139 10.40 -50.54 1.07
CA GLN B 139 9.59 -51.03 2.16
C GLN B 139 8.12 -50.65 2.04
N ASN B 140 7.82 -49.36 1.91
CA ASN B 140 6.45 -48.88 2.13
C ASN B 140 5.49 -49.43 1.09
N GLN B 141 5.81 -49.24 -0.20
CA GLN B 141 4.86 -49.63 -1.23
C GLN B 141 4.76 -51.14 -1.35
N GLN B 142 5.85 -51.86 -1.10
CA GLN B 142 5.78 -53.32 -1.11
C GLN B 142 4.95 -53.86 0.04
N GLU B 143 5.03 -53.25 1.23
CA GLU B 143 4.14 -53.72 2.29
C GLU B 143 2.71 -53.28 2.04
N LYS B 144 2.51 -52.18 1.29
CA LYS B 144 1.18 -51.87 0.77
C LYS B 144 0.67 -52.96 -0.17
N ASN B 145 1.54 -53.43 -1.07
CA ASN B 145 1.13 -54.53 -1.96
C ASN B 145 0.80 -55.77 -1.15
N GLU B 146 1.60 -56.07 -0.12
CA GLU B 146 1.35 -57.25 0.70
C GLU B 146 0.03 -57.13 1.46
N GLN B 147 -0.27 -55.95 2.01
CA GLN B 147 -1.55 -55.81 2.71
C GLN B 147 -2.73 -55.77 1.73
N ASP B 148 -2.49 -55.35 0.49
CA ASP B 148 -3.52 -55.49 -0.54
C ASP B 148 -3.79 -56.96 -0.83
N LEU B 149 -2.72 -57.76 -0.95
CA LEU B 149 -2.89 -59.20 -1.11
C LEU B 149 -3.64 -59.80 0.07
N LEU B 150 -3.35 -59.31 1.28
CA LEU B 150 -4.09 -59.74 2.47
C LEU B 150 -5.56 -59.37 2.35
N ALA B 151 -5.84 -58.14 1.89
CA ALA B 151 -7.22 -57.68 1.76
C ALA B 151 -7.95 -58.38 0.61
N LEU B 152 -7.23 -59.08 -0.26
CA LEU B 152 -7.89 -59.82 -1.33
C LEU B 152 -8.80 -60.92 -0.81
N ASP B 153 -8.63 -61.34 0.44
CA ASP B 153 -9.46 -62.39 1.03
C ASP B 153 -10.91 -61.94 1.17
N GLU C 2 -20.99 -62.16 1.98
CA GLU C 2 -20.89 -62.29 0.54
C GLU C 2 -21.15 -60.96 -0.16
N ASN C 3 -22.13 -60.21 0.35
CA ASN C 3 -22.46 -58.92 -0.22
C ASN C 3 -21.30 -57.96 -0.07
N LEU C 4 -20.94 -57.31 -1.18
CA LEU C 4 -19.77 -56.45 -1.21
C LEU C 4 -19.96 -55.19 -0.37
N TRP C 5 -18.85 -54.72 0.22
CA TRP C 5 -18.82 -53.48 0.97
C TRP C 5 -17.88 -52.50 0.28
N VAL C 6 -18.23 -51.22 0.32
CA VAL C 6 -17.38 -50.20 -0.26
C VAL C 6 -16.18 -49.94 0.66
N THR C 7 -15.02 -49.70 0.07
CA THR C 7 -13.80 -49.42 0.82
C THR C 7 -13.22 -48.10 0.35
N VAL C 8 -12.23 -47.61 1.08
CA VAL C 8 -11.71 -46.25 0.91
C VAL C 8 -10.37 -46.30 0.18
N TYR C 9 -10.23 -45.43 -0.82
CA TYR C 9 -8.97 -45.23 -1.53
C TYR C 9 -8.54 -43.78 -1.42
N TYR C 10 -7.24 -43.57 -1.23
CA TYR C 10 -6.66 -42.24 -1.20
C TYR C 10 -5.46 -42.19 -2.13
N GLY C 11 -5.21 -41.01 -2.69
CA GLY C 11 -4.13 -40.85 -3.66
C GLY C 11 -4.46 -41.31 -5.06
N VAL C 12 -5.74 -41.51 -5.37
CA VAL C 12 -6.17 -41.95 -6.69
C VAL C 12 -6.15 -40.80 -7.67
N PRO C 13 -5.93 -41.04 -8.97
CA PRO C 13 -5.91 -39.95 -9.94
C PRO C 13 -7.31 -39.51 -10.33
N VAL C 14 -7.57 -38.21 -10.19
CA VAL C 14 -8.84 -37.60 -10.58
C VAL C 14 -8.54 -36.20 -11.09
N TRP C 15 -9.07 -35.85 -12.26
CA TRP C 15 -9.03 -34.47 -12.74
C TRP C 15 -10.44 -33.91 -12.78
N LYS C 16 -10.60 -32.67 -12.31
CA LYS C 16 -11.86 -31.95 -12.33
C LYS C 16 -11.61 -30.57 -12.90
N ASP C 17 -12.61 -30.00 -13.56
CA ASP C 17 -12.48 -28.63 -14.05
C ASP C 17 -12.56 -27.67 -12.85
N ALA C 18 -11.64 -26.73 -12.81
CA ALA C 18 -11.54 -25.79 -11.69
C ALA C 18 -10.64 -24.63 -12.13
N GLU C 19 -10.29 -23.77 -11.17
CA GLU C 19 -9.43 -22.62 -11.45
C GLU C 19 -8.73 -22.21 -10.17
N THR C 20 -7.46 -21.82 -10.29
CA THR C 20 -6.66 -21.42 -9.15
C THR C 20 -5.57 -20.47 -9.64
N THR C 21 -5.02 -19.68 -8.71
CA THR C 21 -3.94 -18.75 -9.04
C THR C 21 -2.65 -19.50 -9.33
N LEU C 22 -1.82 -18.94 -10.20
CA LEU C 22 -0.57 -19.54 -10.64
C LEU C 22 0.64 -18.77 -10.10
N PHE C 23 1.83 -19.27 -10.42
CA PHE C 23 3.09 -18.74 -9.89
C PHE C 23 4.04 -18.36 -11.02
N CYS C 24 5.05 -17.56 -10.67
CA CYS C 24 6.17 -17.36 -11.60
C CYS C 24 6.99 -18.64 -11.71
N ALA C 25 7.65 -18.79 -12.86
CA ALA C 25 8.67 -19.82 -13.04
C ALA C 25 9.57 -19.33 -14.17
N SER C 26 10.83 -19.07 -13.86
CA SER C 26 11.75 -18.42 -14.79
C SER C 26 12.84 -19.39 -15.22
N ASP C 27 13.49 -19.06 -16.34
CA ASP C 27 14.51 -19.92 -16.92
C ASP C 27 15.79 -19.81 -16.10
N ALA C 28 15.80 -20.45 -14.93
CA ALA C 28 16.96 -20.50 -14.04
C ALA C 28 17.43 -19.11 -13.59
N LYS C 29 16.56 -18.10 -13.73
CA LYS C 29 16.89 -16.73 -13.35
C LYS C 29 18.18 -16.27 -14.04
N ALA C 30 18.31 -16.60 -15.32
CA ALA C 30 19.51 -16.24 -16.06
C ALA C 30 19.63 -14.73 -16.22
N TYR C 31 18.52 -14.00 -16.13
CA TYR C 31 18.55 -12.55 -16.29
C TYR C 31 19.08 -11.83 -15.06
N GLU C 32 19.28 -12.55 -13.95
CA GLU C 32 19.69 -11.90 -12.70
C GLU C 32 21.01 -11.15 -12.83
N THR C 33 21.81 -11.47 -13.85
CA THR C 33 23.09 -10.79 -14.05
C THR C 33 22.93 -9.32 -14.45
N GLU C 34 21.73 -8.89 -14.83
CA GLU C 34 21.55 -7.52 -15.31
C GLU C 34 20.16 -7.02 -14.94
N LYS C 35 20.04 -5.70 -14.86
CA LYS C 35 18.85 -5.00 -14.38
C LYS C 35 18.44 -3.97 -15.42
N HIS C 36 17.14 -3.80 -15.64
CA HIS C 36 15.92 -4.36 -15.06
C HIS C 36 14.93 -4.76 -16.15
N ASN C 37 14.14 -5.81 -15.91
CA ASN C 37 13.11 -6.27 -16.83
C ASN C 37 11.75 -6.17 -16.17
N VAL C 38 10.74 -5.72 -16.93
CA VAL C 38 9.41 -5.55 -16.38
C VAL C 38 8.77 -6.90 -16.06
N TRP C 39 8.89 -7.86 -16.98
CA TRP C 39 8.06 -9.06 -16.90
C TRP C 39 8.50 -10.02 -15.80
N ALA C 40 9.77 -9.98 -15.38
CA ALA C 40 10.28 -10.88 -14.37
C ALA C 40 10.47 -10.21 -13.01
N THR C 41 10.21 -8.90 -12.91
CA THR C 41 10.49 -8.11 -11.72
C THR C 41 11.95 -8.24 -11.29
N HIS C 42 12.81 -8.67 -12.22
CA HIS C 42 14.23 -8.93 -11.98
C HIS C 42 14.40 -10.12 -11.04
N ALA C 43 13.31 -10.67 -10.52
CA ALA C 43 13.39 -11.78 -9.58
C ALA C 43 12.03 -12.43 -9.40
N CYS C 44 12.00 -13.76 -9.53
CA CYS C 44 10.95 -14.63 -9.02
C CYS C 44 11.56 -16.01 -8.88
N VAL C 45 10.75 -17.00 -8.51
CA VAL C 45 11.31 -18.33 -8.25
C VAL C 45 11.68 -18.98 -9.59
N PRO C 46 12.94 -19.41 -9.77
CA PRO C 46 13.32 -20.08 -11.03
C PRO C 46 12.83 -21.51 -11.08
N THR C 47 13.20 -22.24 -12.13
CA THR C 47 12.76 -23.61 -12.30
C THR C 47 13.94 -24.48 -12.72
N ASP C 48 13.82 -25.77 -12.44
CA ASP C 48 14.77 -26.74 -12.95
C ASP C 48 14.54 -26.96 -14.44
N PRO C 49 15.58 -27.34 -15.19
CA PRO C 49 15.41 -27.63 -16.62
C PRO C 49 14.84 -29.02 -16.90
N ASN C 50 14.27 -29.70 -15.91
CA ASN C 50 13.82 -31.08 -16.07
C ASN C 50 12.37 -31.25 -15.64
N PRO C 51 11.41 -30.68 -16.38
CA PRO C 51 10.04 -31.20 -16.32
C PRO C 51 9.87 -32.30 -17.34
N GLN C 52 9.20 -33.38 -16.92
CA GLN C 52 9.10 -34.59 -17.73
C GLN C 52 7.69 -34.71 -18.27
N GLU C 53 7.54 -34.48 -19.58
CA GLU C 53 6.26 -34.73 -20.23
C GLU C 53 5.91 -36.21 -20.15
N ILE C 54 4.68 -36.50 -19.75
CA ILE C 54 4.22 -37.86 -19.55
C ILE C 54 3.03 -38.09 -20.47
N HIS C 55 3.26 -38.87 -21.52
CA HIS C 55 2.18 -39.22 -22.44
C HIS C 55 1.11 -40.01 -21.72
N LEU C 56 -0.15 -39.75 -22.06
CA LEU C 56 -1.28 -40.42 -21.44
C LEU C 56 -1.87 -41.37 -22.49
N GLU C 57 -1.32 -42.56 -22.55
CA GLU C 57 -1.81 -43.59 -23.46
C GLU C 57 -3.22 -44.01 -23.07
N ASN C 58 -4.02 -44.37 -24.07
CA ASN C 58 -5.40 -44.81 -23.88
C ASN C 58 -6.29 -43.73 -23.27
N VAL C 59 -5.86 -42.48 -23.31
CA VAL C 59 -6.57 -41.37 -22.67
C VAL C 59 -6.89 -40.31 -23.72
N THR C 60 -8.15 -39.90 -23.78
CA THR C 60 -8.59 -38.76 -24.56
C THR C 60 -9.10 -37.69 -23.60
N GLU C 61 -9.00 -36.44 -24.02
CA GLU C 61 -9.38 -35.33 -23.14
C GLU C 61 -10.10 -34.26 -23.94
N GLU C 62 -11.13 -33.68 -23.33
CA GLU C 62 -11.87 -32.58 -23.94
C GLU C 62 -11.25 -31.25 -23.54
N PHE C 63 -10.87 -30.45 -24.53
CA PHE C 63 -10.36 -29.10 -24.34
C PHE C 63 -11.35 -28.10 -24.90
N ASN C 64 -11.14 -26.83 -24.56
CA ASN C 64 -12.01 -25.76 -25.05
C ASN C 64 -11.30 -24.43 -24.87
N MET C 65 -11.09 -23.71 -25.96
CA MET C 65 -10.60 -22.35 -25.89
C MET C 65 -11.77 -21.36 -25.92
N TRP C 66 -11.44 -20.09 -25.71
CA TRP C 66 -12.37 -18.96 -25.62
C TRP C 66 -13.29 -19.06 -24.41
N LYS C 67 -13.15 -20.10 -23.57
CA LYS C 67 -13.83 -20.17 -22.29
C LYS C 67 -12.92 -20.55 -21.15
N ASN C 68 -11.75 -21.11 -21.42
CA ASN C 68 -10.76 -21.35 -20.37
C ASN C 68 -10.21 -20.02 -19.88
N ASN C 69 -10.05 -19.89 -18.57
CA ASN C 69 -9.78 -18.59 -17.96
C ASN C 69 -8.31 -18.32 -17.69
N MET C 70 -7.42 -19.28 -17.89
CA MET C 70 -6.00 -19.01 -17.70
C MET C 70 -5.53 -17.84 -18.55
N VAL C 71 -6.09 -17.73 -19.76
CA VAL C 71 -5.72 -16.61 -20.64
C VAL C 71 -6.08 -15.28 -19.99
N GLU C 72 -7.28 -15.19 -19.40
CA GLU C 72 -7.70 -13.92 -18.80
C GLU C 72 -6.96 -13.64 -17.52
N GLN C 73 -6.69 -14.67 -16.71
CA GLN C 73 -5.90 -14.47 -15.51
C GLN C 73 -4.50 -13.99 -15.86
N MET C 74 -3.90 -14.57 -16.90
CA MET C 74 -2.59 -14.11 -17.33
C MET C 74 -2.65 -12.70 -17.91
N HIS C 75 -3.77 -12.34 -18.56
CA HIS C 75 -3.94 -10.97 -19.05
C HIS C 75 -3.94 -9.97 -17.91
N THR C 76 -4.72 -10.25 -16.85
CA THR C 76 -4.75 -9.33 -15.73
C THR C 76 -3.43 -9.35 -14.96
N ASP C 77 -2.73 -10.49 -14.95
CA ASP C 77 -1.39 -10.53 -14.36
C ASP C 77 -0.42 -9.65 -15.14
N ILE C 78 -0.52 -9.67 -16.47
CA ILE C 78 0.37 -8.83 -17.28
C ILE C 78 0.07 -7.35 -17.06
N ILE C 79 -1.22 -7.01 -16.95
CA ILE C 79 -1.58 -5.63 -16.64
C ILE C 79 -1.00 -5.22 -15.27
N SER C 80 -1.11 -6.12 -14.29
CA SER C 80 -0.58 -5.84 -12.96
C SER C 80 0.94 -5.67 -12.99
N LEU C 81 1.63 -6.53 -13.75
CA LEU C 81 3.07 -6.36 -13.90
C LEU C 81 3.40 -5.03 -14.53
N TRP C 82 2.65 -4.63 -15.55
CA TRP C 82 2.91 -3.37 -16.24
C TRP C 82 2.78 -2.19 -15.28
N ASP C 83 1.64 -2.08 -14.60
CA ASP C 83 1.46 -0.90 -13.76
C ASP C 83 2.27 -0.98 -12.47
N GLN C 84 2.66 -2.18 -12.02
CA GLN C 84 3.58 -2.30 -10.90
C GLN C 84 4.96 -1.81 -11.28
N SER C 85 5.47 -2.23 -12.44
CA SER C 85 6.76 -1.74 -12.88
C SER C 85 6.74 -0.25 -13.16
N LEU C 86 5.57 0.29 -13.51
CA LEU C 86 5.47 1.72 -13.75
C LEU C 86 5.22 2.54 -12.49
N LYS C 87 4.75 1.94 -11.39
CA LYS C 87 4.44 2.73 -10.21
C LYS C 87 5.66 3.42 -9.57
N PRO C 88 6.82 2.76 -9.42
CA PRO C 88 7.91 3.41 -8.66
C PRO C 88 8.58 4.55 -9.40
N CYS C 89 8.34 4.69 -10.70
CA CYS C 89 9.06 5.66 -11.51
C CYS C 89 8.17 6.89 -11.75
N VAL C 90 8.82 8.01 -12.07
CA VAL C 90 8.22 9.34 -11.91
C VAL C 90 7.09 9.56 -12.91
N LYS C 91 6.20 10.48 -12.57
CA LYS C 91 5.09 10.93 -13.40
C LYS C 91 5.54 12.01 -14.38
N LEU C 92 4.61 12.42 -15.25
CA LEU C 92 4.88 13.50 -16.20
C LEU C 92 3.69 14.47 -16.21
N THR C 93 3.27 14.90 -15.02
CA THR C 93 2.15 15.83 -14.92
C THR C 93 2.39 17.18 -15.62
N PRO C 94 3.53 17.86 -15.44
CA PRO C 94 3.58 19.28 -15.83
C PRO C 94 3.53 19.55 -17.33
N LEU C 95 3.76 18.56 -18.20
CA LEU C 95 3.92 18.88 -19.62
C LEU C 95 2.62 19.15 -20.34
N CYS C 96 1.49 19.22 -19.65
CA CYS C 96 0.25 19.58 -20.36
C CYS C 96 0.15 21.04 -20.68
N VAL C 97 1.28 21.74 -20.62
CA VAL C 97 1.36 23.11 -21.09
C VAL C 97 1.21 23.16 -22.61
N THR C 98 1.00 24.38 -23.13
CA THR C 98 0.94 24.61 -24.58
C THR C 98 2.29 24.34 -25.24
N LEU C 99 2.35 24.50 -26.56
CA LEU C 99 3.59 24.30 -27.31
C LEU C 99 3.61 25.19 -28.54
N GLN C 100 4.62 26.04 -28.65
CA GLN C 100 4.90 26.76 -29.89
C GLN C 100 5.85 25.91 -30.73
N CYS C 101 5.52 25.74 -32.00
CA CYS C 101 6.18 24.73 -32.81
C CYS C 101 6.45 25.25 -34.21
N THR C 102 7.49 24.68 -34.84
CA THR C 102 7.81 24.95 -36.23
C THR C 102 8.32 23.67 -36.86
N ASN C 103 8.13 23.55 -38.17
CA ASN C 103 8.42 22.30 -38.87
C ASN C 103 9.92 22.04 -38.95
N VAL C 104 10.28 20.76 -38.90
CA VAL C 104 11.67 20.34 -39.02
C VAL C 104 12.09 20.47 -40.47
N THR C 105 13.21 21.16 -40.71
CA THR C 105 13.64 21.51 -42.05
C THR C 105 15.08 21.07 -42.28
N ASN C 106 15.40 20.87 -43.56
CA ASN C 106 16.75 20.59 -44.05
C ASN C 106 17.26 19.21 -43.64
N ASN C 107 18.06 18.59 -44.50
CA ASN C 107 18.55 17.22 -44.30
C ASN C 107 17.40 16.26 -44.09
N ILE C 108 16.36 16.41 -44.92
CA ILE C 108 15.12 15.65 -44.78
C ILE C 108 14.81 14.95 -46.10
N THR C 109 14.14 13.80 -45.99
CA THR C 109 13.56 13.14 -47.14
C THR C 109 12.28 13.88 -47.56
N ASP C 110 12.05 13.96 -48.86
CA ASP C 110 10.87 14.66 -49.35
C ASP C 110 9.57 14.01 -48.92
N ASP C 111 9.61 12.74 -48.49
CA ASP C 111 8.40 12.05 -48.07
C ASP C 111 8.09 12.20 -46.59
N MET C 112 9.03 12.66 -45.77
CA MET C 112 8.76 12.78 -44.34
C MET C 112 8.15 14.14 -43.96
N ARG C 113 8.09 15.07 -44.90
CA ARG C 113 7.72 16.46 -44.63
C ARG C 113 6.45 16.56 -43.79
N GLY C 114 6.58 17.11 -42.58
CA GLY C 114 5.48 17.24 -41.65
C GLY C 114 5.43 16.20 -40.56
N GLU C 115 6.27 15.17 -40.62
CA GLU C 115 6.22 14.10 -39.62
C GLU C 115 6.78 14.54 -38.27
N LEU C 116 7.87 15.29 -38.27
CA LEU C 116 8.54 15.68 -37.05
C LEU C 116 8.35 17.19 -36.80
N LYS C 117 8.28 17.55 -35.52
CA LYS C 117 7.95 18.92 -35.14
C LYS C 117 8.88 19.38 -34.03
N ASN C 118 9.40 20.60 -34.17
CA ASN C 118 10.28 21.21 -33.17
C ASN C 118 9.45 22.14 -32.29
N CYS C 119 9.26 21.75 -31.03
CA CYS C 119 8.50 22.53 -30.07
C CYS C 119 9.36 22.86 -28.87
N SER C 120 9.08 24.01 -28.24
CA SER C 120 9.84 24.49 -27.10
C SER C 120 8.91 24.76 -25.94
N PHE C 121 9.51 24.91 -24.76
CA PHE C 121 8.78 25.10 -23.50
C PHE C 121 9.32 26.33 -22.78
N ASN C 122 8.43 27.01 -22.05
CA ASN C 122 8.82 28.03 -21.09
C ASN C 122 8.71 27.52 -19.64
N MET C 123 8.92 26.23 -19.43
CA MET C 123 8.71 25.62 -18.11
C MET C 123 9.73 26.10 -17.09
N THR C 124 9.38 25.87 -15.82
CA THR C 124 10.19 26.23 -14.68
C THR C 124 11.38 25.30 -14.55
N THR C 125 12.16 25.50 -13.49
CA THR C 125 13.35 24.72 -13.23
C THR C 125 13.07 23.72 -12.12
N GLU C 126 14.12 22.98 -11.73
CA GLU C 126 14.02 22.15 -10.53
C GLU C 126 13.83 23.00 -9.28
N LEU C 127 14.21 24.27 -9.35
CA LEU C 127 14.00 25.22 -8.27
C LEU C 127 12.71 25.99 -8.55
N ARG C 128 11.84 26.07 -7.54
CA ARG C 128 10.44 26.42 -7.77
C ARG C 128 10.21 27.88 -8.11
N ASP C 129 11.21 28.74 -7.98
CA ASP C 129 11.01 30.17 -8.25
C ASP C 129 11.66 30.63 -9.55
N LYS C 130 12.17 29.72 -10.37
CA LYS C 130 12.89 30.09 -11.58
C LYS C 130 12.28 29.40 -12.79
N LYS C 131 12.39 30.09 -13.94
CA LYS C 131 11.83 29.63 -15.20
C LYS C 131 12.96 29.45 -16.22
N GLN C 132 12.81 28.47 -17.09
CA GLN C 132 13.82 28.14 -18.08
C GLN C 132 13.15 27.86 -19.42
N LYS C 133 13.94 27.37 -20.38
CA LYS C 133 13.46 27.13 -21.74
C LYS C 133 14.10 25.86 -22.28
N VAL C 134 13.28 24.85 -22.57
CA VAL C 134 13.75 23.62 -23.20
C VAL C 134 13.06 23.46 -24.55
N TYR C 135 13.71 22.67 -25.41
CA TYR C 135 13.18 22.29 -26.71
C TYR C 135 13.33 20.79 -26.88
N SER C 136 12.51 20.22 -27.75
CA SER C 136 12.53 18.78 -27.98
C SER C 136 11.93 18.49 -29.35
N LEU C 137 12.14 17.24 -29.80
CA LEU C 137 11.63 16.76 -31.06
C LEU C 137 10.41 15.87 -30.82
N PHE C 138 9.38 16.03 -31.65
CA PHE C 138 8.14 15.31 -31.47
C PHE C 138 7.61 14.79 -32.80
N TYR C 139 7.05 13.59 -32.76
CA TYR C 139 6.29 13.08 -33.90
C TYR C 139 4.99 13.84 -34.05
N ARG C 140 4.51 13.93 -35.29
CA ARG C 140 3.26 14.65 -35.54
C ARG C 140 2.06 13.92 -34.94
N LEU C 141 2.11 12.58 -34.94
CA LEU C 141 0.98 11.79 -34.44
C LEU C 141 0.71 12.00 -32.96
N ASP C 142 1.74 12.37 -32.18
CA ASP C 142 1.62 12.48 -30.74
C ASP C 142 1.03 13.79 -30.27
N VAL C 143 0.85 14.77 -31.14
CA VAL C 143 0.48 16.11 -30.73
C VAL C 143 -0.73 16.59 -31.53
N VAL C 144 -1.54 17.44 -30.90
CA VAL C 144 -2.74 18.01 -31.52
C VAL C 144 -2.69 19.52 -31.35
N GLN C 145 -3.15 20.23 -32.38
CA GLN C 145 -3.12 21.69 -32.34
C GLN C 145 -4.07 22.23 -31.27
N ILE C 146 -3.68 23.37 -30.70
CA ILE C 146 -4.52 24.00 -29.68
C ILE C 146 -5.79 24.56 -30.32
N ASN C 147 -5.66 25.25 -31.44
CA ASN C 147 -6.80 25.86 -32.10
C ASN C 147 -6.68 25.72 -33.62
N LYS C 159 2.08 28.94 -35.27
CA LYS C 159 1.10 27.94 -34.84
C LYS C 159 1.45 27.39 -33.45
N GLU C 160 0.45 26.82 -32.77
CA GLU C 160 0.65 26.27 -31.44
C GLU C 160 -0.05 24.93 -31.35
N TYR C 161 0.46 24.07 -30.46
CA TYR C 161 0.00 22.70 -30.36
C TYR C 161 -0.06 22.29 -28.89
N ARG C 162 -0.78 21.20 -28.62
CA ARG C 162 -0.89 20.67 -27.27
C ARG C 162 -0.84 19.15 -27.32
N LEU C 163 -0.42 18.55 -26.21
CA LEU C 163 -0.30 17.10 -26.14
C LEU C 163 -1.69 16.46 -26.16
N ILE C 164 -1.82 15.37 -26.91
CA ILE C 164 -3.13 14.79 -27.22
C ILE C 164 -3.85 14.25 -25.99
N ASN C 165 -3.12 13.83 -24.96
CA ASN C 165 -3.68 13.06 -23.86
C ASN C 165 -3.86 13.88 -22.59
N CYS C 166 -3.82 15.21 -22.66
CA CYS C 166 -4.01 16.01 -21.46
C CYS C 166 -5.46 16.36 -21.15
N ASN C 167 -6.41 16.05 -22.03
CA ASN C 167 -7.81 16.06 -21.64
C ASN C 167 -8.30 14.69 -21.19
N THR C 168 -7.39 13.73 -21.05
CA THR C 168 -7.68 12.45 -20.41
C THR C 168 -6.67 12.26 -19.28
N SER C 169 -6.62 11.05 -18.72
CA SER C 169 -5.78 10.77 -17.55
C SER C 169 -4.33 11.17 -17.81
N ALA C 170 -3.63 11.45 -16.71
CA ALA C 170 -2.26 11.93 -16.79
C ALA C 170 -1.32 10.82 -17.28
N ILE C 171 -0.17 11.24 -17.78
CA ILE C 171 0.84 10.36 -18.37
C ILE C 171 2.04 10.31 -17.44
N THR C 172 2.57 9.12 -17.23
CA THR C 172 3.70 8.90 -16.33
C THR C 172 4.83 8.21 -17.08
N GLN C 173 6.06 8.67 -16.84
CA GLN C 173 7.24 8.02 -17.39
C GLN C 173 8.47 8.57 -16.68
N ALA C 174 9.45 7.69 -16.52
CA ALA C 174 10.79 8.02 -16.03
C ALA C 174 11.66 6.79 -16.21
N CYS C 175 12.82 6.77 -15.56
CA CYS C 175 13.25 5.47 -15.07
C CYS C 175 13.60 4.54 -16.24
N PRO C 176 14.58 4.91 -17.07
CA PRO C 176 14.71 4.29 -18.39
C PRO C 176 15.54 3.02 -18.44
N LYS C 177 16.34 2.77 -17.39
CA LYS C 177 17.20 1.60 -17.40
C LYS C 177 16.41 0.30 -17.49
N VAL C 178 15.12 0.33 -17.14
CA VAL C 178 14.30 -0.86 -17.20
C VAL C 178 14.11 -1.29 -18.65
N SER C 179 14.11 -2.60 -18.89
CA SER C 179 13.96 -3.16 -20.22
C SER C 179 12.53 -3.66 -20.43
N PHE C 180 12.13 -3.72 -21.70
CA PHE C 180 10.81 -4.21 -22.08
C PHE C 180 10.84 -5.54 -22.81
N GLU C 181 12.03 -6.06 -23.12
CA GLU C 181 12.13 -7.27 -23.92
C GLU C 181 11.64 -8.48 -23.13
N PRO C 182 11.09 -9.48 -23.81
CA PRO C 182 10.51 -10.63 -23.10
C PRO C 182 11.59 -11.54 -22.51
N ILE C 183 11.15 -12.30 -21.51
CA ILE C 183 11.91 -13.40 -20.93
C ILE C 183 10.95 -14.59 -20.91
N PRO C 184 11.39 -15.81 -21.14
CA PRO C 184 10.45 -16.94 -21.04
C PRO C 184 9.95 -17.10 -19.61
N ILE C 185 8.62 -17.06 -19.48
CA ILE C 185 7.94 -17.13 -18.20
C ILE C 185 7.11 -18.41 -18.18
N HIS C 186 7.28 -19.22 -17.15
CA HIS C 186 6.51 -20.45 -17.00
C HIS C 186 5.49 -20.28 -15.89
N TYR C 187 4.58 -21.26 -15.81
CA TYR C 187 3.51 -21.26 -14.81
C TYR C 187 3.34 -22.68 -14.30
N CYS C 188 3.71 -22.92 -13.05
CA CYS C 188 3.56 -24.24 -12.43
C CYS C 188 2.34 -24.24 -11.54
N ALA C 189 1.63 -25.36 -11.52
CA ALA C 189 0.38 -25.44 -10.79
C ALA C 189 0.62 -25.51 -9.29
N PRO C 190 -0.34 -25.08 -8.48
CA PRO C 190 -0.24 -25.29 -7.03
C PRO C 190 -0.42 -26.74 -6.66
N ALA C 191 0.06 -27.09 -5.47
CA ALA C 191 -0.01 -28.46 -5.00
C ALA C 191 -1.45 -28.95 -4.97
N GLY C 192 -1.69 -30.11 -5.58
CA GLY C 192 -3.04 -30.57 -5.84
C GLY C 192 -3.58 -30.22 -7.20
N PHE C 193 -2.75 -29.63 -8.07
CA PHE C 193 -3.15 -29.28 -9.42
C PHE C 193 -2.03 -29.64 -10.38
N ALA C 194 -2.41 -29.87 -11.64
CA ALA C 194 -1.45 -30.28 -12.66
C ALA C 194 -1.82 -29.61 -13.98
N ILE C 195 -1.04 -29.88 -15.01
CA ILE C 195 -1.21 -29.29 -16.33
C ILE C 195 -1.42 -30.40 -17.34
N LEU C 196 -2.40 -30.22 -18.22
CA LEU C 196 -2.69 -31.16 -19.29
C LEU C 196 -2.55 -30.47 -20.64
N LYS C 197 -2.03 -31.20 -21.62
CA LYS C 197 -1.86 -30.64 -22.97
C LYS C 197 -2.18 -31.71 -24.01
N CYS C 198 -2.57 -31.24 -25.19
CA CYS C 198 -3.07 -32.10 -26.26
C CYS C 198 -1.96 -32.41 -27.26
N LYS C 199 -1.78 -33.70 -27.55
CA LYS C 199 -0.61 -34.17 -28.29
C LYS C 199 -0.79 -34.17 -29.81
N ASP C 200 -2.02 -34.09 -30.30
CA ASP C 200 -2.27 -34.31 -31.73
C ASP C 200 -1.58 -33.25 -32.58
N LYS C 201 -1.26 -33.64 -33.81
CA LYS C 201 -0.60 -32.72 -34.72
C LYS C 201 -1.51 -31.56 -35.11
N LYS C 202 -2.79 -31.85 -35.33
CA LYS C 202 -3.79 -30.84 -35.68
C LYS C 202 -4.95 -30.92 -34.72
N PHE C 203 -5.43 -29.76 -34.28
CA PHE C 203 -6.48 -29.70 -33.26
C PHE C 203 -7.39 -28.50 -33.53
N ASN C 204 -8.71 -28.72 -33.49
CA ASN C 204 -9.65 -27.60 -33.58
C ASN C 204 -9.55 -26.59 -32.45
N GLY C 205 -10.42 -25.57 -32.50
CA GLY C 205 -10.58 -24.68 -31.37
C GLY C 205 -11.31 -25.30 -30.20
N THR C 206 -11.91 -26.47 -30.39
CA THR C 206 -12.58 -27.20 -29.32
C THR C 206 -12.72 -28.65 -29.75
N GLY C 207 -12.83 -29.55 -28.77
CA GLY C 207 -13.10 -30.93 -29.06
C GLY C 207 -12.19 -31.90 -28.32
N PRO C 208 -12.54 -33.19 -28.39
CA PRO C 208 -11.71 -34.21 -27.72
C PRO C 208 -10.35 -34.34 -28.39
N CYS C 209 -9.36 -34.68 -27.57
CA CYS C 209 -8.00 -34.91 -28.04
C CYS C 209 -7.64 -36.38 -27.89
N PRO C 210 -7.49 -37.13 -28.99
CA PRO C 210 -7.31 -38.59 -28.86
C PRO C 210 -6.09 -39.00 -28.05
N SER C 211 -4.99 -38.26 -28.14
CA SER C 211 -3.79 -38.55 -27.37
C SER C 211 -3.40 -37.31 -26.59
N VAL C 212 -3.23 -37.44 -25.28
CA VAL C 212 -2.96 -36.31 -24.41
C VAL C 212 -1.75 -36.62 -23.54
N SER C 213 -1.21 -35.56 -22.94
CA SER C 213 -0.03 -35.68 -22.10
C SER C 213 -0.08 -34.64 -21.00
N THR C 214 0.63 -34.91 -19.91
CA THR C 214 0.66 -34.02 -18.77
C THR C 214 2.10 -33.67 -18.43
N VAL C 215 2.30 -32.43 -17.96
CA VAL C 215 3.60 -31.94 -17.54
C VAL C 215 3.46 -31.24 -16.20
N GLN C 216 4.58 -31.13 -15.48
CA GLN C 216 4.57 -30.42 -14.21
C GLN C 216 4.46 -28.92 -14.41
N CYS C 217 5.08 -28.38 -15.46
CA CYS C 217 5.11 -26.95 -15.66
C CYS C 217 5.25 -26.66 -17.16
N THR C 218 4.79 -25.48 -17.56
CA THR C 218 4.75 -25.13 -18.97
C THR C 218 6.14 -24.75 -19.48
N HIS C 219 6.24 -24.62 -20.81
CA HIS C 219 7.48 -24.21 -21.45
C HIS C 219 7.56 -22.69 -21.50
N GLY C 220 8.62 -22.19 -22.15
CA GLY C 220 8.82 -20.75 -22.21
C GLY C 220 7.66 -20.06 -22.91
N ILE C 221 7.24 -18.93 -22.34
CA ILE C 221 6.10 -18.17 -22.84
C ILE C 221 6.53 -16.74 -23.08
N LYS C 222 6.19 -16.21 -24.24
CA LYS C 222 6.52 -14.79 -24.36
C LYS C 222 5.28 -13.93 -24.18
N PRO C 223 5.38 -12.86 -23.41
CA PRO C 223 4.24 -11.96 -23.24
C PRO C 223 4.20 -10.87 -24.30
N VAL C 224 4.93 -11.09 -25.40
CA VAL C 224 5.07 -10.11 -26.47
C VAL C 224 3.72 -9.57 -26.92
N VAL C 225 3.70 -8.30 -27.31
CA VAL C 225 2.48 -7.59 -27.69
C VAL C 225 2.44 -7.49 -29.21
N SER C 226 1.41 -8.06 -29.81
CA SER C 226 1.20 -7.99 -31.25
C SER C 226 -0.23 -7.58 -31.53
N THR C 227 -0.42 -6.83 -32.61
CA THR C 227 -1.75 -6.33 -32.98
C THR C 227 -2.40 -7.12 -34.11
N GLN C 228 -1.71 -7.21 -35.26
CA GLN C 228 -2.32 -7.80 -36.44
C GLN C 228 -1.63 -9.06 -36.95
N LEU C 229 -0.38 -9.30 -36.55
CA LEU C 229 0.34 -10.50 -36.94
C LEU C 229 0.98 -11.13 -35.71
N LEU C 230 0.78 -12.43 -35.54
CA LEU C 230 1.41 -13.13 -34.42
C LEU C 230 2.93 -13.19 -34.63
N LEU C 231 3.67 -12.97 -33.55
CA LEU C 231 5.12 -12.93 -33.60
C LEU C 231 5.71 -13.93 -32.61
N ASN C 232 6.84 -14.53 -33.01
CA ASN C 232 7.68 -15.36 -32.16
C ASN C 232 6.91 -16.51 -31.52
N GLY C 233 5.77 -16.89 -32.07
CA GLY C 233 5.06 -18.05 -31.58
C GLY C 233 5.65 -19.35 -32.08
N SER C 234 5.36 -20.42 -31.36
CA SER C 234 5.82 -21.74 -31.77
C SER C 234 5.17 -22.13 -33.10
N LEU C 235 5.94 -22.80 -33.95
CA LEU C 235 5.50 -23.10 -35.30
C LEU C 235 4.43 -24.19 -35.30
N ALA C 236 3.57 -24.13 -36.31
CA ALA C 236 2.58 -25.19 -36.51
C ALA C 236 3.27 -26.47 -36.98
N GLU C 237 2.73 -27.61 -36.55
CA GLU C 237 3.40 -28.88 -36.77
C GLU C 237 3.29 -29.35 -38.21
N GLU C 238 2.12 -29.25 -38.82
CA GLU C 238 1.99 -29.87 -40.14
C GLU C 238 1.46 -28.94 -41.22
N GLU C 239 0.48 -28.08 -40.90
CA GLU C 239 -0.15 -27.27 -41.92
C GLU C 239 -0.78 -26.03 -41.27
N VAL C 240 -1.16 -25.08 -42.13
CA VAL C 240 -1.81 -23.87 -41.66
C VAL C 240 -3.11 -24.24 -40.97
N MET C 241 -3.30 -23.71 -39.75
CA MET C 241 -4.44 -24.06 -38.92
C MET C 241 -5.37 -22.87 -38.78
N ILE C 242 -6.68 -23.15 -38.80
CA ILE C 242 -7.72 -22.13 -38.72
C ILE C 242 -8.63 -22.46 -37.54
N ARG C 243 -8.87 -21.46 -36.69
CA ARG C 243 -9.71 -21.65 -35.51
C ARG C 243 -10.57 -20.42 -35.25
N SER C 244 -11.69 -20.65 -34.56
CA SER C 244 -12.57 -19.60 -34.06
C SER C 244 -13.64 -20.29 -33.23
N GLU C 245 -14.37 -19.49 -32.45
CA GLU C 245 -15.46 -20.05 -31.64
C GLU C 245 -16.53 -20.66 -32.52
N ASN C 246 -16.91 -19.97 -33.60
CA ASN C 246 -17.85 -20.50 -34.57
C ASN C 246 -17.61 -19.78 -35.88
N ILE C 247 -17.27 -20.56 -36.93
CA ILE C 247 -16.92 -19.97 -38.21
C ILE C 247 -18.10 -19.20 -38.79
N THR C 248 -19.31 -19.71 -38.59
CA THR C 248 -20.50 -19.07 -39.17
C THR C 248 -20.69 -17.66 -38.64
N ASN C 249 -20.51 -17.46 -37.34
CA ASN C 249 -20.72 -16.14 -36.75
C ASN C 249 -19.66 -15.16 -37.23
N ASN C 250 -20.08 -13.94 -37.57
CA ASN C 250 -19.18 -12.92 -38.09
C ASN C 250 -18.78 -11.88 -37.05
N ALA C 251 -19.16 -12.08 -35.80
CA ALA C 251 -18.67 -11.25 -34.71
C ALA C 251 -17.44 -11.84 -34.03
N LYS C 252 -17.02 -13.03 -34.45
CA LYS C 252 -15.89 -13.72 -33.84
C LYS C 252 -14.69 -13.69 -34.77
N ASN C 253 -13.51 -13.41 -34.20
CA ASN C 253 -12.29 -13.37 -34.98
C ASN C 253 -11.81 -14.77 -35.32
N ILE C 254 -11.18 -14.91 -36.48
CA ILE C 254 -10.69 -16.19 -36.96
C ILE C 254 -9.21 -16.31 -36.62
N LEU C 255 -8.78 -17.54 -36.34
CA LEU C 255 -7.38 -17.81 -36.03
C LEU C 255 -6.67 -18.36 -37.26
N VAL C 256 -5.41 -17.93 -37.45
CA VAL C 256 -4.56 -18.45 -38.50
C VAL C 256 -3.18 -18.69 -37.90
N GLN C 257 -2.58 -19.84 -38.20
CA GLN C 257 -1.23 -20.16 -37.76
C GLN C 257 -0.46 -20.76 -38.92
N PHE C 258 0.85 -20.51 -38.94
CA PHE C 258 1.71 -20.92 -40.04
C PHE C 258 2.56 -22.12 -39.68
N ASN C 259 2.67 -23.06 -40.62
CA ASN C 259 3.59 -24.19 -40.46
C ASN C 259 5.04 -23.81 -40.71
N THR C 260 5.29 -22.78 -41.52
CA THR C 260 6.64 -22.40 -41.89
C THR C 260 6.89 -20.94 -41.51
N PRO C 261 8.07 -20.63 -40.98
CA PRO C 261 8.35 -19.24 -40.57
C PRO C 261 8.32 -18.29 -41.75
N VAL C 262 7.91 -17.06 -41.47
CA VAL C 262 7.98 -15.95 -42.41
C VAL C 262 8.78 -14.87 -41.72
N GLN C 263 9.97 -14.58 -42.22
CA GLN C 263 10.90 -13.70 -41.53
C GLN C 263 10.66 -12.24 -41.92
N ILE C 264 10.71 -11.37 -40.92
CA ILE C 264 10.59 -9.93 -41.13
C ILE C 264 11.83 -9.25 -40.56
N ASN C 265 12.16 -8.09 -41.11
CA ASN C 265 13.25 -7.25 -40.63
C ASN C 265 12.70 -5.84 -40.46
N CYS C 266 13.05 -5.20 -39.36
CA CYS C 266 12.65 -3.81 -39.15
C CYS C 266 13.77 -3.05 -38.49
N THR C 267 13.97 -1.82 -38.95
CA THR C 267 15.06 -0.99 -38.44
C THR C 267 14.63 0.46 -38.54
N ARG C 268 15.31 1.30 -37.74
CA ARG C 268 15.06 2.73 -37.71
C ARG C 268 16.31 3.41 -38.26
N PRO C 269 16.31 3.83 -39.53
CA PRO C 269 17.56 4.29 -40.16
C PRO C 269 18.15 5.53 -39.53
N ASN C 270 17.39 6.27 -38.74
CA ASN C 270 17.86 7.54 -38.20
C ASN C 270 18.73 7.31 -36.97
N ASN C 271 19.88 7.98 -36.94
CA ASN C 271 20.75 7.97 -35.77
C ASN C 271 20.23 9.01 -34.78
N ASN C 272 19.62 8.54 -33.69
CA ASN C 272 18.94 9.40 -32.73
C ASN C 272 19.78 9.57 -31.47
N THR C 273 19.59 10.70 -30.80
CA THR C 273 20.25 11.00 -29.54
C THR C 273 19.22 11.44 -28.52
N ARG C 274 19.61 11.36 -27.25
CA ARG C 274 18.72 11.60 -26.12
C ARG C 274 19.27 12.70 -25.24
N LYS C 275 18.38 13.59 -24.79
CA LYS C 275 18.73 14.69 -23.90
C LYS C 275 18.21 14.41 -22.50
N SER C 276 18.89 14.97 -21.50
CA SER C 276 18.47 14.88 -20.11
C SER C 276 17.79 16.18 -19.71
N ILE C 277 16.59 16.08 -19.17
CA ILE C 277 15.77 17.24 -18.84
C ILE C 277 15.37 17.16 -17.37
N ARG C 278 15.47 18.29 -16.67
CA ARG C 278 15.15 18.38 -15.25
C ARG C 278 13.97 19.32 -15.06
N ILE C 279 12.91 18.84 -14.41
CA ILE C 279 11.74 19.67 -14.15
C ILE C 279 11.48 19.74 -12.65
N GLY C 280 11.54 18.60 -11.97
CA GLY C 280 11.37 18.55 -10.54
C GLY C 280 12.55 17.87 -9.87
N PRO C 281 12.79 18.17 -8.59
CA PRO C 281 13.90 17.54 -7.88
C PRO C 281 13.75 16.02 -7.85
N GLY C 282 14.85 15.32 -8.08
CA GLY C 282 14.83 13.87 -8.13
C GLY C 282 13.99 13.30 -9.24
N GLN C 283 13.91 13.99 -10.38
CA GLN C 283 13.06 13.56 -11.49
C GLN C 283 13.82 13.84 -12.79
N ALA C 284 14.20 12.79 -13.50
CA ALA C 284 14.96 12.91 -14.74
C ALA C 284 14.06 12.70 -15.94
N PHE C 285 14.11 13.63 -16.88
CA PHE C 285 13.32 13.59 -18.11
C PHE C 285 14.24 13.39 -19.30
N TYR C 286 13.85 12.48 -20.19
CA TYR C 286 14.58 12.19 -21.41
C TYR C 286 13.70 12.45 -22.62
N ALA C 287 14.21 13.24 -23.57
CA ALA C 287 13.51 13.56 -24.80
C ALA C 287 14.45 13.36 -25.97
N THR C 288 13.88 13.15 -27.16
CA THR C 288 14.67 12.86 -28.34
C THR C 288 15.46 14.10 -28.76
N GLY C 289 16.78 13.94 -28.87
CA GLY C 289 17.64 15.01 -29.33
C GLY C 289 17.66 15.12 -30.85
N ASP C 290 18.47 16.07 -31.32
CA ASP C 290 18.56 16.31 -32.76
C ASP C 290 19.12 15.10 -33.48
N ILE C 291 18.47 14.73 -34.58
CA ILE C 291 18.84 13.53 -35.32
C ILE C 291 20.06 13.81 -36.17
N ILE C 292 21.00 12.87 -36.18
CA ILE C 292 22.24 13.00 -36.94
C ILE C 292 22.03 12.38 -38.31
N GLY C 293 22.38 13.11 -39.36
CA GLY C 293 22.25 12.63 -40.72
C GLY C 293 20.90 12.95 -41.32
N ASP C 294 20.70 12.42 -42.52
CA ASP C 294 19.45 12.64 -43.25
C ASP C 294 18.31 11.85 -42.61
N ILE C 295 17.13 12.45 -42.62
CA ILE C 295 15.94 11.79 -42.09
C ILE C 295 15.41 10.79 -43.12
N ARG C 296 15.20 9.55 -42.68
CA ARG C 296 14.66 8.51 -43.53
C ARG C 296 13.59 7.75 -42.76
N GLN C 297 12.49 7.44 -43.45
CA GLN C 297 11.39 6.72 -42.81
C GLN C 297 11.82 5.31 -42.43
N ALA C 298 11.40 4.87 -41.25
CA ALA C 298 11.60 3.49 -40.86
C ALA C 298 10.70 2.57 -41.68
N HIS C 299 11.19 1.35 -41.92
CA HIS C 299 10.46 0.40 -42.75
C HIS C 299 10.71 -1.01 -42.23
N CYS C 300 9.96 -1.95 -42.79
CA CYS C 300 10.14 -3.36 -42.52
C CYS C 300 10.36 -4.11 -43.84
N ASN C 301 10.62 -5.41 -43.74
CA ASN C 301 11.08 -6.18 -44.88
C ASN C 301 10.51 -7.59 -44.83
N VAL C 302 9.89 -8.02 -45.93
CA VAL C 302 9.32 -9.34 -46.04
C VAL C 302 9.44 -9.80 -47.48
N SER C 303 9.69 -11.10 -47.67
CA SER C 303 9.96 -11.64 -48.99
C SER C 303 8.68 -11.73 -49.82
N LYS C 304 8.84 -11.84 -51.13
CA LYS C 304 7.69 -11.85 -52.04
C LYS C 304 7.18 -13.27 -52.27
N ALA C 305 8.05 -14.16 -52.75
CA ALA C 305 7.63 -15.52 -53.05
C ALA C 305 7.13 -16.23 -51.80
N THR C 306 7.79 -15.99 -50.66
CA THR C 306 7.31 -16.56 -49.41
C THR C 306 5.89 -16.10 -49.11
N TRP C 307 5.62 -14.81 -49.27
CA TRP C 307 4.30 -14.28 -48.93
C TRP C 307 3.24 -14.85 -49.87
N ASN C 308 3.56 -14.95 -51.16
CA ASN C 308 2.71 -15.69 -52.09
C ASN C 308 2.42 -17.11 -51.60
N GLU C 309 3.43 -17.86 -51.22
CA GLU C 309 3.18 -19.26 -50.88
C GLU C 309 2.34 -19.37 -49.62
N THR C 310 2.60 -18.51 -48.63
CA THR C 310 1.79 -18.52 -47.42
C THR C 310 0.33 -18.18 -47.72
N LEU C 311 0.08 -17.15 -48.53
CA LEU C 311 -1.32 -16.84 -48.82
C LEU C 311 -1.98 -17.92 -49.66
N GLY C 312 -1.24 -18.56 -50.56
CA GLY C 312 -1.80 -19.69 -51.28
C GLY C 312 -2.21 -20.82 -50.36
N LYS C 313 -1.34 -21.16 -49.40
CA LYS C 313 -1.69 -22.18 -48.42
C LYS C 313 -2.87 -21.74 -47.56
N VAL C 314 -2.93 -20.45 -47.22
CA VAL C 314 -4.02 -19.93 -46.40
C VAL C 314 -5.35 -20.09 -47.14
N VAL C 315 -5.39 -19.71 -48.41
CA VAL C 315 -6.65 -19.83 -49.15
C VAL C 315 -6.98 -21.30 -49.40
N LYS C 316 -5.97 -22.16 -49.57
CA LYS C 316 -6.26 -23.58 -49.71
C LYS C 316 -6.90 -24.13 -48.44
N GLN C 317 -6.40 -23.74 -47.27
CA GLN C 317 -7.03 -24.15 -46.02
C GLN C 317 -8.43 -23.55 -45.89
N LEU C 318 -8.61 -22.30 -46.31
CA LEU C 318 -9.92 -21.66 -46.26
C LEU C 318 -10.92 -22.38 -47.14
N ARG C 319 -10.45 -23.01 -48.22
CA ARG C 319 -11.33 -23.74 -49.12
C ARG C 319 -12.00 -24.94 -48.46
N LYS C 320 -11.45 -25.42 -47.34
CA LYS C 320 -11.96 -26.66 -46.74
C LYS C 320 -13.39 -26.50 -46.24
N HIS C 321 -13.63 -25.48 -45.42
CA HIS C 321 -14.92 -25.34 -44.75
C HIS C 321 -15.95 -24.58 -45.58
N PHE C 322 -15.54 -24.00 -46.71
CA PHE C 322 -16.45 -23.28 -47.58
C PHE C 322 -16.53 -24.00 -48.92
N GLY C 323 -17.44 -23.54 -49.77
CA GLY C 323 -17.55 -24.08 -51.11
C GLY C 323 -16.24 -23.93 -51.86
N ASN C 324 -15.79 -25.00 -52.51
CA ASN C 324 -14.48 -25.01 -53.14
C ASN C 324 -14.37 -24.03 -54.29
N ASN C 325 -15.49 -23.51 -54.80
CA ASN C 325 -15.50 -22.56 -55.90
C ASN C 325 -15.64 -21.11 -55.45
N THR C 326 -15.73 -20.87 -54.14
CA THR C 326 -15.89 -19.52 -53.65
C THR C 326 -14.63 -18.69 -53.91
N ILE C 327 -14.83 -17.40 -54.17
CA ILE C 327 -13.73 -16.48 -54.45
C ILE C 327 -13.27 -15.85 -53.14
N ILE C 328 -11.99 -16.03 -52.82
CA ILE C 328 -11.43 -15.52 -51.58
C ILE C 328 -10.83 -14.14 -51.84
N ARG C 329 -11.05 -13.21 -50.92
CA ARG C 329 -10.44 -11.90 -50.99
C ARG C 329 -9.94 -11.47 -49.62
N PHE C 330 -8.85 -10.73 -49.62
CA PHE C 330 -8.37 -9.95 -48.49
C PHE C 330 -8.22 -8.51 -48.94
N ALA C 331 -8.14 -7.58 -47.99
CA ALA C 331 -8.18 -6.19 -48.38
C ALA C 331 -7.60 -5.28 -47.29
N ASN C 332 -7.48 -4.01 -47.67
CA ASN C 332 -7.31 -2.87 -46.77
C ASN C 332 -8.13 -3.03 -45.50
N SER C 333 -7.57 -2.57 -44.38
CA SER C 333 -8.30 -2.58 -43.12
C SER C 333 -9.53 -1.66 -43.21
N SER C 334 -10.46 -1.89 -42.28
CA SER C 334 -11.74 -1.19 -42.31
C SER C 334 -11.69 0.20 -41.69
N GLY C 335 -10.57 0.57 -41.07
CA GLY C 335 -10.46 1.86 -40.42
C GLY C 335 -10.72 1.78 -38.92
N GLY C 336 -10.91 2.95 -38.33
CA GLY C 336 -11.09 3.05 -36.89
C GLY C 336 -9.81 3.48 -36.18
N ASP C 337 -9.63 3.02 -34.94
CA ASP C 337 -8.45 3.42 -34.19
C ASP C 337 -7.21 2.67 -34.67
N LEU C 338 -6.06 3.35 -34.57
CA LEU C 338 -4.82 2.84 -35.13
C LEU C 338 -4.44 1.49 -34.54
N GLU C 339 -4.83 1.24 -33.28
CA GLU C 339 -4.46 0.01 -32.60
C GLU C 339 -5.02 -1.23 -33.28
N VAL C 340 -6.07 -1.09 -34.08
CA VAL C 340 -6.53 -2.20 -34.91
C VAL C 340 -6.32 -1.96 -36.39
N THR C 341 -6.26 -0.70 -36.86
CA THR C 341 -5.99 -0.48 -38.27
C THR C 341 -4.59 -0.96 -38.64
N THR C 342 -3.58 -0.55 -37.89
CA THR C 342 -2.20 -0.82 -38.24
C THR C 342 -1.69 -2.08 -37.51
N HIS C 343 -0.46 -2.46 -37.85
CA HIS C 343 0.26 -3.52 -37.17
C HIS C 343 1.28 -2.90 -36.21
N SER C 344 1.33 -3.43 -35.00
CA SER C 344 2.14 -2.84 -33.94
C SER C 344 2.91 -3.90 -33.17
N PHE C 345 4.16 -3.59 -32.85
CA PHE C 345 4.96 -4.37 -31.94
C PHE C 345 6.03 -3.48 -31.33
N ASN C 346 6.54 -3.90 -30.18
CA ASN C 346 7.42 -3.07 -29.37
C ASN C 346 8.90 -3.39 -29.55
N CYS C 347 9.23 -4.30 -30.46
CA CYS C 347 10.60 -4.81 -30.59
C CYS C 347 11.62 -3.68 -30.62
N GLY C 348 12.73 -3.90 -29.92
CA GLY C 348 13.73 -2.86 -29.79
C GLY C 348 13.40 -1.78 -28.79
N GLY C 349 12.45 -2.04 -27.89
CA GLY C 349 12.05 -1.03 -26.94
C GLY C 349 11.30 0.13 -27.55
N GLU C 350 10.76 -0.03 -28.76
CA GLU C 350 10.06 1.05 -29.44
C GLU C 350 8.84 0.50 -30.15
N PHE C 351 7.74 1.23 -30.05
CA PHE C 351 6.47 0.83 -30.66
C PHE C 351 6.44 1.27 -32.12
N PHE C 352 6.07 0.34 -33.01
CA PHE C 352 6.06 0.57 -34.46
C PHE C 352 4.63 0.45 -34.96
N TYR C 353 4.20 1.39 -35.80
CA TYR C 353 2.87 1.36 -36.41
C TYR C 353 2.99 1.37 -37.92
N CYS C 354 2.34 0.42 -38.57
CA CYS C 354 2.32 0.34 -40.04
C CYS C 354 1.30 -0.68 -40.52
N ASN C 355 1.15 -0.71 -41.84
CA ASN C 355 -0.13 -0.82 -42.54
C ASN C 355 -0.05 -2.02 -43.47
N THR C 356 -0.75 -3.09 -43.12
CA THR C 356 -0.60 -4.36 -43.79
C THR C 356 -1.42 -4.47 -45.07
N SER C 357 -2.12 -3.40 -45.48
CA SER C 357 -2.89 -3.44 -46.72
C SER C 357 -2.01 -3.79 -47.91
N GLY C 358 -0.75 -3.35 -47.90
CA GLY C 358 0.19 -3.78 -48.93
C GLY C 358 0.43 -5.27 -48.93
N LEU C 359 0.24 -5.92 -47.78
CA LEU C 359 0.40 -7.36 -47.67
C LEU C 359 -0.90 -8.12 -47.90
N PHE C 360 -2.05 -7.46 -47.80
CA PHE C 360 -3.34 -8.10 -48.03
C PHE C 360 -4.01 -7.62 -49.31
N ASN C 361 -3.31 -6.84 -50.13
CA ASN C 361 -3.76 -6.50 -51.47
C ASN C 361 -3.51 -7.71 -52.35
N SER C 362 -4.50 -8.60 -52.42
CA SER C 362 -4.41 -9.81 -53.23
C SER C 362 -5.79 -10.44 -53.31
N THR C 363 -5.92 -11.40 -54.22
CA THR C 363 -7.15 -12.14 -54.40
C THR C 363 -6.82 -13.44 -55.14
N TRP C 364 -7.38 -14.54 -54.67
CA TRP C 364 -7.06 -15.87 -55.19
C TRP C 364 -8.23 -16.46 -55.95
N ILE C 365 -7.91 -17.48 -56.75
CA ILE C 365 -8.88 -18.20 -57.57
C ILE C 365 -8.62 -19.69 -57.43
N SER C 366 -9.60 -20.47 -57.88
CA SER C 366 -9.50 -21.93 -57.79
C SER C 366 -8.42 -22.46 -58.71
N ASN C 367 -7.93 -23.65 -58.39
CA ASN C 367 -6.88 -24.33 -59.16
C ASN C 367 -5.62 -23.49 -59.28
N ASN C 379 12.10 -6.51 -55.79
CA ASN C 379 12.42 -7.69 -56.56
C ASN C 379 11.78 -8.93 -55.95
N ASP C 380 12.35 -9.41 -54.85
CA ASP C 380 11.80 -10.51 -54.08
C ASP C 380 11.23 -10.08 -52.74
N SER C 381 10.98 -8.79 -52.55
CA SER C 381 10.54 -8.27 -51.26
C SER C 381 9.53 -7.15 -51.46
N ILE C 382 8.84 -6.81 -50.36
CA ILE C 382 7.87 -5.73 -50.34
C ILE C 382 8.19 -4.83 -49.15
N THR C 383 8.06 -3.52 -49.34
CA THR C 383 8.35 -2.54 -48.31
C THR C 383 7.06 -2.03 -47.69
N LEU C 384 7.13 -1.67 -46.41
CA LEU C 384 5.98 -1.17 -45.67
C LEU C 384 6.34 0.14 -44.99
N PRO C 385 5.63 1.24 -45.26
CA PRO C 385 5.91 2.50 -44.56
C PRO C 385 5.39 2.43 -43.12
N CYS C 386 6.25 2.75 -42.16
CA CYS C 386 5.94 2.42 -40.77
C CYS C 386 6.16 3.66 -39.90
N ARG C 387 5.37 3.74 -38.82
CA ARG C 387 5.27 4.93 -38.00
C ARG C 387 5.67 4.64 -36.56
N ILE C 388 5.99 5.71 -35.83
CA ILE C 388 6.47 5.62 -34.44
C ILE C 388 5.60 6.53 -33.59
N LYS C 389 5.11 6.02 -32.46
CA LYS C 389 4.33 6.80 -31.52
C LYS C 389 5.00 6.75 -30.14
N GLN C 390 5.16 7.93 -29.53
CA GLN C 390 5.78 8.05 -28.22
C GLN C 390 4.78 8.05 -27.07
N ILE C 391 3.48 8.13 -27.36
CA ILE C 391 2.44 8.12 -26.34
C ILE C 391 1.67 6.82 -26.46
N ILE C 392 1.51 6.12 -25.34
CA ILE C 392 0.99 4.76 -25.37
C ILE C 392 -0.20 4.67 -24.43
N ASN C 393 -1.41 4.64 -24.99
CA ASN C 393 -2.60 4.23 -24.27
C ASN C 393 -2.73 2.72 -24.36
N MET C 394 -1.83 2.04 -23.66
CA MET C 394 -1.72 0.59 -23.76
C MET C 394 -3.02 -0.08 -23.36
N TRP C 395 -3.40 -1.10 -24.12
CA TRP C 395 -4.71 -1.78 -23.98
C TRP C 395 -5.82 -0.74 -24.21
N GLN C 396 -7.00 -0.99 -23.64
CA GLN C 396 -8.14 -0.12 -23.83
C GLN C 396 -8.36 0.83 -22.66
N ARG C 397 -7.41 0.91 -21.73
CA ARG C 397 -7.57 1.77 -20.57
C ARG C 397 -7.61 3.23 -20.97
N ILE C 398 -8.36 4.01 -20.20
CA ILE C 398 -8.38 5.46 -20.35
C ILE C 398 -7.72 6.16 -19.17
N GLY C 399 -7.53 5.48 -18.04
CA GLY C 399 -6.93 6.04 -16.85
C GLY C 399 -5.43 5.94 -16.74
N GLN C 400 -4.74 5.43 -17.75
CA GLN C 400 -3.29 5.28 -17.69
C GLN C 400 -2.67 5.71 -19.01
N ALA C 401 -1.40 6.13 -18.93
CA ALA C 401 -0.64 6.55 -20.10
C ALA C 401 0.84 6.49 -19.78
N MET C 402 1.66 6.38 -20.84
CA MET C 402 3.11 6.27 -20.68
C MET C 402 3.78 6.88 -21.91
N TYR C 403 4.93 7.51 -21.69
CA TYR C 403 5.73 8.07 -22.78
C TYR C 403 7.05 7.31 -22.85
N ALA C 404 7.32 6.70 -24.00
CA ALA C 404 8.49 5.85 -24.12
C ALA C 404 9.77 6.67 -24.07
N PRO C 405 10.87 6.08 -23.60
CA PRO C 405 12.14 6.81 -23.57
C PRO C 405 12.83 6.74 -24.92
N PRO C 406 13.34 7.86 -25.42
CA PRO C 406 14.09 7.83 -26.67
C PRO C 406 15.35 6.99 -26.54
N ILE C 407 15.55 6.08 -27.49
CA ILE C 407 16.69 5.17 -27.48
C ILE C 407 17.67 5.64 -28.54
N GLN C 408 18.93 5.81 -28.14
CA GLN C 408 19.95 6.34 -29.03
C GLN C 408 20.34 5.30 -30.08
N GLY C 409 21.09 5.75 -31.08
CA GLY C 409 21.57 4.86 -32.12
C GLY C 409 20.48 4.49 -33.10
N VAL C 410 20.72 3.39 -33.81
CA VAL C 410 19.77 2.82 -34.76
C VAL C 410 19.36 1.45 -34.27
N ILE C 411 18.06 1.23 -34.17
CA ILE C 411 17.53 -0.04 -33.69
C ILE C 411 17.23 -0.93 -34.90
N ARG C 412 17.55 -2.21 -34.76
CA ARG C 412 17.33 -3.19 -35.83
C ARG C 412 16.68 -4.43 -35.22
N CYS C 413 15.60 -4.90 -35.84
CA CYS C 413 14.79 -5.98 -35.31
C CYS C 413 14.76 -7.17 -36.26
N VAL C 414 14.95 -8.36 -35.69
CA VAL C 414 14.75 -9.62 -36.40
C VAL C 414 13.65 -10.39 -35.68
N SER C 415 12.78 -11.03 -36.43
CA SER C 415 11.62 -11.68 -35.82
C SER C 415 11.03 -12.69 -36.78
N ASN C 416 10.21 -13.58 -36.23
CA ASN C 416 9.42 -14.54 -36.98
C ASN C 416 7.95 -14.11 -36.98
N ILE C 417 7.22 -14.50 -38.01
CA ILE C 417 5.76 -14.39 -38.04
C ILE C 417 5.19 -15.80 -38.21
N THR C 418 4.23 -16.16 -37.36
CA THR C 418 3.68 -17.49 -37.35
C THR C 418 2.16 -17.53 -37.45
N GLY C 419 1.47 -16.42 -37.23
CA GLY C 419 0.01 -16.45 -37.22
C GLY C 419 -0.61 -15.19 -37.76
N LEU C 420 -1.89 -15.31 -38.10
CA LEU C 420 -2.72 -14.20 -38.58
C LEU C 420 -4.03 -14.20 -37.82
N ILE C 421 -4.60 -13.01 -37.64
CA ILE C 421 -5.93 -12.84 -37.06
C ILE C 421 -6.76 -11.99 -38.02
N LEU C 422 -7.87 -12.54 -38.49
CA LEU C 422 -8.68 -11.90 -39.51
C LEU C 422 -10.14 -11.86 -39.09
N THR C 423 -10.90 -11.01 -39.75
CA THR C 423 -12.35 -10.94 -39.60
C THR C 423 -13.03 -11.15 -40.94
N ARG C 424 -14.20 -11.79 -40.91
CA ARG C 424 -14.96 -12.06 -42.13
C ARG C 424 -16.08 -11.04 -42.26
N ASP C 425 -16.12 -10.35 -43.39
CA ASP C 425 -17.09 -9.30 -43.62
C ASP C 425 -18.50 -9.88 -43.72
N GLY C 426 -19.49 -8.98 -43.63
CA GLY C 426 -20.86 -9.36 -43.78
C GLY C 426 -21.25 -9.54 -45.24
N GLY C 427 -22.53 -9.88 -45.44
CA GLY C 427 -23.02 -10.12 -46.78
C GLY C 427 -22.57 -11.46 -47.32
N SER C 428 -21.80 -11.43 -48.41
CA SER C 428 -21.31 -12.65 -49.07
C SER C 428 -22.47 -13.58 -49.41
N THR C 429 -23.52 -13.00 -49.99
CA THR C 429 -24.74 -13.73 -50.25
C THR C 429 -24.54 -14.80 -51.32
N ASN C 430 -25.40 -15.82 -51.26
CA ASN C 430 -25.44 -16.90 -52.25
C ASN C 430 -24.14 -17.71 -52.28
N SER C 431 -23.41 -17.70 -51.17
CA SER C 431 -22.23 -18.58 -50.97
C SER C 431 -21.18 -18.38 -52.06
N THR C 432 -20.75 -17.13 -52.23
CA THR C 432 -19.67 -16.83 -53.16
C THR C 432 -19.01 -15.52 -52.76
N THR C 433 -17.78 -15.35 -53.23
CA THR C 433 -17.00 -14.11 -53.06
C THR C 433 -16.87 -13.76 -51.57
N GLU C 434 -16.11 -14.62 -50.89
CA GLU C 434 -15.82 -14.40 -49.47
C GLU C 434 -14.60 -13.49 -49.32
N THR C 435 -14.71 -12.54 -48.38
CA THR C 435 -13.66 -11.58 -48.12
C THR C 435 -13.31 -11.57 -46.65
N PHE C 436 -12.06 -11.22 -46.35
CA PHE C 436 -11.59 -11.06 -44.98
C PHE C 436 -10.80 -9.76 -44.87
N ARG C 437 -10.81 -9.19 -43.67
CA ARG C 437 -10.06 -7.99 -43.34
C ARG C 437 -9.40 -8.16 -41.97
N PRO C 438 -8.30 -7.46 -41.73
CA PRO C 438 -7.60 -7.62 -40.45
C PRO C 438 -8.46 -7.20 -39.26
N GLY C 439 -8.25 -7.86 -38.14
CA GLY C 439 -8.99 -7.55 -36.94
C GLY C 439 -8.41 -8.25 -35.74
N GLY C 440 -9.21 -8.33 -34.68
CA GLY C 440 -8.77 -8.96 -33.45
C GLY C 440 -7.73 -8.16 -32.69
N GLY C 441 -8.02 -6.89 -32.46
CA GLY C 441 -7.08 -6.01 -31.77
C GLY C 441 -7.02 -6.22 -30.27
N ASP C 442 -7.51 -7.35 -29.79
CA ASP C 442 -7.45 -7.69 -28.37
C ASP C 442 -6.38 -8.76 -28.19
N MET C 443 -5.34 -8.43 -27.42
CA MET C 443 -4.20 -9.32 -27.26
C MET C 443 -4.55 -10.59 -26.49
N ARG C 444 -5.73 -10.63 -25.88
CA ARG C 444 -6.23 -11.91 -25.35
C ARG C 444 -6.24 -12.97 -26.45
N ASP C 445 -6.45 -12.56 -27.70
CA ASP C 445 -6.34 -13.49 -28.82
C ASP C 445 -4.91 -13.97 -29.00
N ASN C 446 -3.92 -13.09 -28.82
CA ASN C 446 -2.54 -13.53 -28.90
C ASN C 446 -2.25 -14.57 -27.83
N TRP C 447 -2.69 -14.30 -26.61
CA TRP C 447 -2.37 -15.22 -25.51
C TRP C 447 -3.16 -16.51 -25.61
N ARG C 448 -4.36 -16.49 -26.19
CA ARG C 448 -5.06 -17.74 -26.46
C ARG C 448 -4.38 -18.51 -27.58
N SER C 449 -3.88 -17.80 -28.59
CA SER C 449 -3.17 -18.44 -29.70
C SER C 449 -1.87 -19.07 -29.23
N GLU C 450 -1.33 -18.59 -28.12
CA GLU C 450 -0.20 -19.29 -27.49
C GLU C 450 -0.71 -20.45 -26.64
N LEU C 451 -1.54 -20.14 -25.64
CA LEU C 451 -1.98 -21.08 -24.60
C LEU C 451 -3.02 -22.08 -25.08
N TYR C 452 -3.26 -22.21 -26.39
CA TYR C 452 -4.29 -23.12 -26.89
C TYR C 452 -3.99 -24.58 -26.54
N LYS C 453 -2.84 -24.82 -25.90
CA LYS C 453 -2.38 -26.18 -25.65
C LYS C 453 -2.65 -26.67 -24.23
N TYR C 454 -2.83 -25.76 -23.27
CA TYR C 454 -2.77 -26.10 -21.85
C TYR C 454 -4.10 -25.90 -21.15
N LYS C 455 -4.39 -26.81 -20.21
CA LYS C 455 -5.58 -26.76 -19.37
C LYS C 455 -5.19 -27.14 -17.94
N VAL C 456 -5.92 -26.59 -16.98
CA VAL C 456 -5.65 -26.80 -15.56
C VAL C 456 -6.78 -27.64 -14.98
N VAL C 457 -6.43 -28.67 -14.21
CA VAL C 457 -7.40 -29.61 -13.69
C VAL C 457 -7.24 -29.78 -12.18
N LYS C 458 -8.30 -30.27 -11.57
CA LYS C 458 -8.49 -30.38 -10.13
C LYS C 458 -8.34 -31.84 -9.69
N ILE C 459 -7.54 -32.05 -8.66
CA ILE C 459 -7.18 -33.40 -8.21
C ILE C 459 -7.92 -33.70 -6.92
N GLU C 460 -8.62 -34.83 -6.90
CA GLU C 460 -9.34 -35.31 -5.72
C GLU C 460 -8.70 -36.60 -5.27
N PRO C 461 -7.76 -36.57 -4.31
CA PRO C 461 -7.12 -37.81 -3.87
C PRO C 461 -8.06 -38.78 -3.19
N LEU C 462 -9.21 -38.32 -2.71
CA LEU C 462 -10.17 -39.16 -2.02
C LEU C 462 -10.97 -40.00 -3.01
N GLY C 463 -11.61 -41.04 -2.49
CA GLY C 463 -12.45 -41.89 -3.31
C GLY C 463 -12.77 -43.17 -2.58
N VAL C 464 -13.67 -43.95 -3.18
CA VAL C 464 -14.11 -45.23 -2.63
C VAL C 464 -14.26 -46.23 -3.76
N ALA C 465 -14.56 -47.47 -3.39
CA ALA C 465 -14.85 -48.57 -4.32
C ALA C 465 -15.28 -49.81 -3.56
N PRO C 466 -16.05 -50.70 -4.17
CA PRO C 466 -16.40 -51.97 -3.51
C PRO C 466 -15.19 -52.89 -3.42
N THR C 467 -15.29 -53.85 -2.50
CA THR C 467 -14.23 -54.83 -2.29
C THR C 467 -14.79 -56.06 -1.60
N ARG C 468 -14.03 -57.15 -1.69
CA ARG C 468 -14.33 -58.35 -0.91
C ARG C 468 -13.93 -58.19 0.55
N CYS C 469 -13.23 -57.11 0.90
CA CYS C 469 -12.76 -56.88 2.25
C CYS C 469 -13.87 -56.35 3.14
N LYS C 470 -13.99 -56.92 4.33
CA LYS C 470 -14.77 -56.36 5.42
C LYS C 470 -13.85 -56.13 6.61
N ARG C 471 -14.14 -55.09 7.40
CA ARG C 471 -13.24 -54.69 8.47
C ARG C 471 -13.07 -55.82 9.49
N ARG C 472 -11.83 -56.11 9.84
CA ARG C 472 -11.54 -57.14 10.82
C ARG C 472 -11.99 -56.68 12.20
N VAL C 473 -12.60 -57.61 12.94
CA VAL C 473 -13.14 -57.29 14.26
C VAL C 473 -11.98 -57.04 15.23
N VAL C 474 -12.05 -55.92 15.95
CA VAL C 474 -11.04 -55.54 16.94
C VAL C 474 -9.65 -55.46 16.29
N GLU D 2 -12.39 -48.54 43.41
CA GLU D 2 -12.93 -47.19 43.29
C GLU D 2 -11.83 -46.19 42.93
N ASN D 3 -10.66 -46.70 42.58
CA ASN D 3 -9.53 -45.86 42.19
C ASN D 3 -9.75 -45.41 40.75
N LEU D 4 -10.64 -44.44 40.59
CA LEU D 4 -10.99 -43.94 39.26
C LEU D 4 -9.81 -43.19 38.64
N TRP D 5 -9.76 -43.21 37.31
CA TRP D 5 -8.72 -42.52 36.56
C TRP D 5 -9.33 -41.41 35.72
N VAL D 6 -8.67 -40.25 35.72
CA VAL D 6 -9.09 -39.14 34.88
C VAL D 6 -8.74 -39.46 33.43
N THR D 7 -9.71 -39.29 32.53
CA THR D 7 -9.59 -39.80 31.17
C THR D 7 -9.97 -38.72 30.17
N VAL D 8 -9.34 -38.78 29.00
CA VAL D 8 -9.44 -37.73 28.00
C VAL D 8 -10.75 -37.84 27.24
N TYR D 9 -11.38 -36.69 27.00
CA TYR D 9 -12.54 -36.57 26.13
C TYR D 9 -12.31 -35.40 25.18
N TYR D 10 -12.66 -35.58 23.92
CA TYR D 10 -12.45 -34.55 22.91
C TYR D 10 -13.77 -34.21 22.23
N GLY D 11 -13.95 -32.93 21.91
CA GLY D 11 -15.12 -32.48 21.18
C GLY D 11 -16.30 -32.04 22.02
N VAL D 12 -16.14 -31.91 23.33
CA VAL D 12 -17.24 -31.51 24.21
C VAL D 12 -17.51 -30.02 24.03
N PRO D 13 -18.77 -29.61 23.98
CA PRO D 13 -19.07 -28.17 23.91
C PRO D 13 -18.60 -27.45 25.16
N VAL D 14 -18.07 -26.24 24.96
CA VAL D 14 -17.54 -25.40 26.03
C VAL D 14 -17.84 -23.94 25.70
N TRP D 15 -18.32 -23.19 26.68
CA TRP D 15 -18.42 -21.75 26.55
C TRP D 15 -17.37 -21.05 27.39
N LYS D 16 -16.67 -20.09 26.77
CA LYS D 16 -15.66 -19.26 27.43
C LYS D 16 -15.57 -17.96 26.67
N ASP D 17 -15.78 -16.84 27.35
CA ASP D 17 -15.78 -15.55 26.68
C ASP D 17 -14.40 -15.18 26.19
N ALA D 18 -14.35 -14.61 24.98
CA ALA D 18 -13.10 -14.20 24.34
C ALA D 18 -13.44 -13.23 23.22
N GLU D 19 -12.42 -12.88 22.43
CA GLU D 19 -12.58 -11.97 21.31
C GLU D 19 -11.82 -12.49 20.09
N THR D 20 -12.50 -12.52 18.95
CA THR D 20 -11.87 -12.82 17.66
C THR D 20 -12.44 -11.89 16.61
N THR D 21 -11.86 -11.97 15.41
CA THR D 21 -12.28 -11.11 14.31
C THR D 21 -13.55 -11.64 13.67
N LEU D 22 -14.52 -10.74 13.45
CA LEU D 22 -15.78 -11.14 12.85
C LEU D 22 -15.60 -11.52 11.39
N PHE D 23 -16.52 -12.34 10.90
CA PHE D 23 -16.57 -12.73 9.50
C PHE D 23 -17.75 -12.04 8.83
N CYS D 24 -17.49 -11.37 7.72
CA CYS D 24 -18.56 -10.76 6.94
C CYS D 24 -19.49 -11.82 6.39
N ALA D 25 -20.71 -11.41 6.08
CA ALA D 25 -21.71 -12.34 5.60
C ALA D 25 -22.84 -11.56 4.94
N SER D 26 -23.29 -12.05 3.78
CA SER D 26 -24.40 -11.45 3.07
C SER D 26 -25.23 -12.57 2.45
N ASP D 27 -26.53 -12.36 2.38
CA ASP D 27 -27.45 -13.40 1.88
C ASP D 27 -27.24 -13.57 0.39
N ALA D 28 -26.45 -14.56 0.00
CA ALA D 28 -26.21 -14.94 -1.39
C ALA D 28 -25.69 -13.77 -2.24
N LYS D 29 -25.06 -12.78 -1.61
CA LYS D 29 -24.57 -11.59 -2.29
C LYS D 29 -25.68 -10.94 -3.12
N ALA D 30 -26.83 -10.72 -2.48
CA ALA D 30 -27.97 -10.12 -3.17
C ALA D 30 -27.69 -8.70 -3.63
N TYR D 31 -26.67 -8.05 -3.07
CA TYR D 31 -26.33 -6.68 -3.48
C TYR D 31 -25.79 -6.61 -4.90
N GLU D 32 -25.37 -7.75 -5.47
CA GLU D 32 -24.81 -7.74 -6.82
C GLU D 32 -25.85 -7.35 -7.88
N THR D 33 -27.14 -7.39 -7.52
CA THR D 33 -28.18 -7.05 -8.49
C THR D 33 -28.01 -5.64 -9.05
N GLU D 34 -27.39 -4.74 -8.30
CA GLU D 34 -27.14 -3.39 -8.77
C GLU D 34 -25.87 -2.86 -8.12
N LYS D 35 -25.17 -2.00 -8.86
CA LYS D 35 -23.91 -1.42 -8.41
C LYS D 35 -24.04 0.10 -8.38
N HIS D 36 -23.39 0.74 -7.40
CA HIS D 36 -22.54 0.14 -6.38
C HIS D 36 -22.85 0.72 -5.00
N ASN D 37 -22.54 -0.04 -3.95
CA ASN D 37 -22.82 0.35 -2.58
C ASN D 37 -21.54 0.31 -1.74
N VAL D 38 -21.36 1.32 -0.90
CA VAL D 38 -20.17 1.38 -0.06
C VAL D 38 -20.20 0.28 0.99
N TRP D 39 -21.35 0.05 1.62
CA TRP D 39 -21.42 -0.87 2.75
C TRP D 39 -21.30 -2.33 2.27
N ALA D 40 -21.96 -2.67 1.17
CA ALA D 40 -21.74 -3.96 0.54
C ALA D 40 -20.33 -4.10 -0.02
N THR D 41 -19.61 -2.98 -0.17
CA THR D 41 -18.25 -2.96 -0.66
C THR D 41 -18.14 -3.59 -2.04
N HIS D 42 -16.91 -3.82 -2.50
CA HIS D 42 -16.72 -4.54 -3.75
C HIS D 42 -17.18 -5.98 -3.65
N ALA D 43 -16.96 -6.63 -2.51
CA ALA D 43 -17.33 -8.03 -2.36
C ALA D 43 -17.45 -8.40 -0.89
N CYS D 44 -18.31 -9.36 -0.60
CA CYS D 44 -18.36 -10.05 0.67
C CYS D 44 -18.86 -11.47 0.41
N VAL D 45 -18.67 -12.34 1.40
CA VAL D 45 -18.96 -13.77 1.21
C VAL D 45 -20.47 -13.97 1.16
N PRO D 46 -20.99 -14.73 0.20
CA PRO D 46 -22.42 -15.08 0.22
C PRO D 46 -22.72 -16.12 1.28
N THR D 47 -23.98 -16.17 1.69
CA THR D 47 -24.39 -17.02 2.80
C THR D 47 -25.67 -17.77 2.46
N ASP D 48 -25.90 -18.83 3.23
CA ASP D 48 -27.14 -19.59 3.11
C ASP D 48 -28.31 -18.74 3.58
N PRO D 49 -29.43 -18.71 2.84
CA PRO D 49 -30.58 -17.89 3.25
C PRO D 49 -31.21 -18.34 4.55
N ASN D 50 -31.00 -19.57 4.99
CA ASN D 50 -31.65 -20.12 6.18
C ASN D 50 -30.59 -20.69 7.12
N PRO D 51 -29.92 -19.84 7.90
CA PRO D 51 -29.06 -20.36 8.97
C PRO D 51 -29.88 -21.15 9.98
N GLN D 52 -29.28 -22.21 10.51
CA GLN D 52 -29.99 -23.15 11.38
C GLN D 52 -30.05 -22.59 12.79
N GLU D 53 -31.21 -22.07 13.17
CA GLU D 53 -31.43 -21.64 14.54
C GLU D 53 -31.53 -22.85 15.46
N ILE D 54 -30.84 -22.78 16.60
CA ILE D 54 -30.84 -23.85 17.58
C ILE D 54 -31.19 -23.24 18.94
N HIS D 55 -32.39 -23.53 19.44
CA HIS D 55 -32.78 -23.12 20.78
C HIS D 55 -32.31 -24.17 21.78
N LEU D 56 -31.69 -23.71 22.86
CA LEU D 56 -31.07 -24.62 23.82
C LEU D 56 -31.97 -24.81 25.03
N GLU D 57 -32.37 -26.05 25.28
CA GLU D 57 -33.13 -26.40 26.46
C GLU D 57 -32.23 -26.41 27.68
N ASN D 58 -32.81 -26.13 28.85
CA ASN D 58 -32.12 -26.20 30.14
C ASN D 58 -31.01 -25.17 30.29
N VAL D 59 -30.84 -24.25 29.34
CA VAL D 59 -29.65 -23.41 29.26
C VAL D 59 -30.02 -21.97 29.57
N THR D 60 -29.30 -21.37 30.51
CA THR D 60 -29.38 -19.94 30.80
C THR D 60 -27.98 -19.35 30.73
N GLU D 61 -27.88 -18.09 30.34
CA GLU D 61 -26.56 -17.48 30.16
C GLU D 61 -26.65 -15.97 30.35
N GLU D 62 -25.61 -15.40 30.95
CA GLU D 62 -25.53 -13.96 31.14
C GLU D 62 -25.24 -13.26 29.82
N PHE D 63 -25.95 -12.15 29.57
CA PHE D 63 -25.70 -11.28 28.43
C PHE D 63 -25.55 -9.85 28.96
N ASN D 64 -24.38 -9.26 28.74
CA ASN D 64 -24.03 -7.95 29.27
C ASN D 64 -23.79 -6.99 28.11
N MET D 65 -24.57 -5.92 28.04
CA MET D 65 -24.28 -4.88 27.07
C MET D 65 -23.16 -3.98 27.58
N TRP D 66 -22.60 -3.19 26.67
CA TRP D 66 -21.59 -2.17 26.96
C TRP D 66 -20.29 -2.80 27.42
N LYS D 67 -20.28 -4.12 27.60
CA LYS D 67 -19.08 -4.89 27.79
C LYS D 67 -18.72 -5.67 26.53
N ASN D 68 -19.58 -5.62 25.51
CA ASN D 68 -19.32 -6.28 24.25
C ASN D 68 -18.20 -5.56 23.49
N ASN D 69 -17.45 -6.35 22.72
CA ASN D 69 -16.34 -5.86 21.93
C ASN D 69 -16.55 -5.99 20.42
N MET D 70 -17.50 -6.82 19.99
CA MET D 70 -17.90 -6.80 18.59
C MET D 70 -18.36 -5.41 18.18
N VAL D 71 -18.93 -4.66 19.11
CA VAL D 71 -19.47 -3.34 18.78
C VAL D 71 -18.35 -2.41 18.30
N GLU D 72 -17.27 -2.29 19.08
CA GLU D 72 -16.21 -1.40 18.63
C GLU D 72 -15.41 -2.02 17.49
N GLN D 73 -15.33 -3.36 17.42
CA GLN D 73 -14.69 -3.95 16.26
C GLN D 73 -15.40 -3.55 14.97
N MET D 74 -16.73 -3.64 14.94
CA MET D 74 -17.43 -3.27 13.72
C MET D 74 -17.46 -1.76 13.56
N HIS D 75 -17.38 -0.99 14.65
CA HIS D 75 -17.17 0.45 14.52
C HIS D 75 -15.91 0.74 13.71
N THR D 76 -14.81 0.05 14.06
CA THR D 76 -13.58 0.18 13.28
C THR D 76 -13.78 -0.31 11.85
N ASP D 77 -14.56 -1.38 11.68
CA ASP D 77 -14.80 -1.90 10.33
C ASP D 77 -15.47 -0.86 9.44
N ILE D 78 -16.54 -0.24 9.92
CA ILE D 78 -17.20 0.80 9.11
C ILE D 78 -16.34 2.06 8.95
N ILE D 79 -15.58 2.49 9.96
CA ILE D 79 -14.75 3.67 9.70
C ILE D 79 -13.71 3.35 8.63
N SER D 80 -13.14 2.13 8.67
CA SER D 80 -12.19 1.72 7.65
C SER D 80 -12.83 1.63 6.28
N LEU D 81 -14.06 1.11 6.22
CA LEU D 81 -14.77 1.04 4.94
C LEU D 81 -15.04 2.42 4.37
N TRP D 82 -15.43 3.37 5.22
CA TRP D 82 -15.67 4.73 4.76
C TRP D 82 -14.38 5.34 4.19
N ASP D 83 -13.27 5.17 4.92
CA ASP D 83 -12.00 5.71 4.44
C ASP D 83 -11.58 5.06 3.13
N GLN D 84 -11.71 3.73 3.04
CA GLN D 84 -11.32 3.03 1.82
C GLN D 84 -12.19 3.44 0.65
N SER D 85 -13.48 3.62 0.87
CA SER D 85 -14.38 4.05 -0.19
C SER D 85 -14.01 5.45 -0.68
N LEU D 86 -13.71 6.36 0.25
CA LEU D 86 -13.33 7.71 -0.19
C LEU D 86 -11.90 7.77 -0.74
N LYS D 87 -11.10 6.72 -0.54
CA LYS D 87 -9.70 6.77 -0.95
C LYS D 87 -9.50 6.97 -2.45
N PRO D 88 -10.14 6.21 -3.35
CA PRO D 88 -9.84 6.39 -4.78
C PRO D 88 -10.43 7.66 -5.38
N CYS D 89 -11.18 8.45 -4.61
CA CYS D 89 -11.86 9.62 -5.13
C CYS D 89 -10.92 10.82 -5.25
N VAL D 90 -11.48 12.00 -5.49
CA VAL D 90 -10.74 13.18 -5.89
C VAL D 90 -10.64 14.16 -4.74
N LYS D 91 -9.43 14.66 -4.50
CA LYS D 91 -9.19 15.75 -3.56
C LYS D 91 -9.78 17.06 -4.10
N LEU D 92 -10.22 17.93 -3.19
CA LEU D 92 -10.93 19.15 -3.56
C LEU D 92 -10.29 20.40 -2.98
N THR D 93 -9.00 20.38 -2.65
CA THR D 93 -8.39 21.55 -2.02
C THR D 93 -8.44 22.82 -2.89
N PRO D 94 -8.21 22.78 -4.21
CA PRO D 94 -8.16 24.04 -4.97
C PRO D 94 -9.45 24.84 -4.96
N LEU D 95 -10.51 24.35 -4.29
CA LEU D 95 -11.82 25.00 -4.33
C LEU D 95 -12.02 26.05 -3.24
N CYS D 96 -11.08 26.22 -2.31
CA CYS D 96 -11.33 27.10 -1.18
C CYS D 96 -10.52 28.38 -1.22
N VAL D 97 -10.35 28.97 -2.40
CA VAL D 97 -9.97 30.38 -2.52
C VAL D 97 -11.19 31.20 -2.16
N THR D 98 -11.00 32.51 -2.00
CA THR D 98 -12.09 33.38 -1.60
C THR D 98 -13.23 33.35 -2.63
N LEU D 99 -14.45 33.56 -2.14
CA LEU D 99 -15.65 33.46 -2.96
C LEU D 99 -16.37 34.81 -2.97
N GLN D 100 -16.78 35.26 -4.14
CA GLN D 100 -17.62 36.44 -4.30
C GLN D 100 -19.06 35.98 -4.43
N CYS D 101 -19.91 36.39 -3.48
CA CYS D 101 -21.25 35.85 -3.36
C CYS D 101 -22.28 36.96 -3.20
N THR D 102 -23.51 36.64 -3.60
CA THR D 102 -24.65 37.52 -3.42
C THR D 102 -25.85 36.69 -2.96
N ASN D 103 -26.79 37.36 -2.31
CA ASN D 103 -27.94 36.68 -1.74
C ASN D 103 -28.92 36.25 -2.84
N VAL D 104 -29.39 35.02 -2.75
CA VAL D 104 -30.35 34.50 -3.71
C VAL D 104 -31.76 34.83 -3.24
N THR D 105 -32.51 35.57 -4.07
CA THR D 105 -33.84 36.04 -3.70
C THR D 105 -34.89 35.70 -4.76
N ASN D 106 -34.61 34.81 -5.69
CA ASN D 106 -35.50 34.54 -6.80
C ASN D 106 -36.33 33.29 -6.51
N ASN D 107 -37.66 33.45 -6.55
CA ASN D 107 -38.61 32.34 -6.36
C ASN D 107 -38.33 31.60 -5.06
N ILE D 108 -38.18 32.36 -3.98
CA ILE D 108 -37.79 31.81 -2.68
C ILE D 108 -38.85 32.21 -1.65
N THR D 109 -39.19 31.26 -0.79
CA THR D 109 -40.18 31.52 0.26
C THR D 109 -39.57 32.41 1.34
N ASP D 110 -40.43 33.18 2.02
CA ASP D 110 -39.96 34.20 2.94
C ASP D 110 -39.11 33.62 4.07
N ASP D 111 -39.50 32.48 4.63
CA ASP D 111 -38.69 31.85 5.68
C ASP D 111 -37.40 31.26 5.15
N MET D 112 -37.26 31.15 3.83
CA MET D 112 -36.13 30.49 3.20
C MET D 112 -35.01 31.46 2.84
N ARG D 113 -35.25 32.77 3.00
CA ARG D 113 -34.21 33.76 2.74
C ARG D 113 -32.98 33.51 3.63
N GLY D 114 -31.81 33.88 3.11
CA GLY D 114 -30.59 33.76 3.86
C GLY D 114 -30.03 32.36 3.98
N GLU D 115 -30.39 31.46 3.07
CA GLU D 115 -29.94 30.08 3.14
C GLU D 115 -29.19 29.63 1.89
N LEU D 116 -29.69 29.95 0.70
CA LEU D 116 -29.06 29.56 -0.56
C LEU D 116 -28.21 30.72 -1.08
N LYS D 117 -26.97 30.42 -1.47
CA LYS D 117 -26.03 31.46 -1.87
C LYS D 117 -25.32 31.06 -3.16
N ASN D 118 -25.09 32.04 -4.02
CA ASN D 118 -24.43 31.85 -5.31
C ASN D 118 -23.07 32.54 -5.26
N CYS D 119 -22.00 31.79 -5.55
CA CYS D 119 -20.64 32.28 -5.38
C CYS D 119 -19.82 32.01 -6.63
N SER D 120 -18.84 32.89 -6.86
CA SER D 120 -17.90 32.76 -7.96
C SER D 120 -16.48 33.00 -7.42
N PHE D 121 -15.50 32.42 -8.10
CA PHE D 121 -14.14 32.40 -7.57
C PHE D 121 -13.15 32.07 -8.67
N ASN D 122 -11.86 32.27 -8.35
CA ASN D 122 -10.76 32.11 -9.30
C ASN D 122 -10.21 30.69 -9.22
N MET D 123 -10.73 29.83 -10.09
CA MET D 123 -10.30 28.44 -10.15
C MET D 123 -9.86 28.14 -11.58
N THR D 124 -8.73 27.45 -11.72
CA THR D 124 -8.16 27.26 -13.05
C THR D 124 -9.00 26.27 -13.85
N THR D 125 -8.58 26.01 -15.09
CA THR D 125 -9.24 25.02 -15.92
C THR D 125 -8.51 23.68 -15.79
N GLU D 126 -8.91 22.72 -16.63
CA GLU D 126 -8.16 21.48 -16.73
C GLU D 126 -6.76 21.75 -17.24
N LEU D 127 -6.63 22.68 -18.20
CA LEU D 127 -5.33 23.04 -18.74
C LEU D 127 -4.49 23.70 -17.66
N ARG D 128 -3.16 23.58 -17.77
CA ARG D 128 -2.27 24.12 -16.77
C ARG D 128 -2.41 25.63 -16.61
N ASP D 129 -2.45 26.36 -17.73
CA ASP D 129 -2.28 27.81 -17.71
C ASP D 129 -3.58 28.59 -17.86
N LYS D 130 -4.73 27.93 -17.92
CA LYS D 130 -5.98 28.61 -18.15
C LYS D 130 -6.86 28.60 -16.90
N LYS D 131 -7.53 29.72 -16.68
CA LYS D 131 -8.42 29.91 -15.54
C LYS D 131 -9.85 30.10 -16.03
N GLN D 132 -10.80 29.60 -15.24
CA GLN D 132 -12.21 29.67 -15.57
C GLN D 132 -13.00 30.29 -14.42
N LYS D 133 -14.10 30.94 -14.77
CA LYS D 133 -15.02 31.48 -13.77
C LYS D 133 -16.13 30.47 -13.54
N VAL D 134 -16.28 30.01 -12.30
CA VAL D 134 -17.22 28.96 -11.94
C VAL D 134 -18.17 29.49 -10.89
N TYR D 135 -19.47 29.27 -11.10
CA TYR D 135 -20.50 29.66 -10.15
C TYR D 135 -21.38 28.47 -9.83
N SER D 136 -21.90 28.45 -8.60
CA SER D 136 -22.79 27.41 -8.14
C SER D 136 -23.57 27.92 -6.94
N LEU D 137 -24.63 27.20 -6.59
CA LEU D 137 -25.49 27.57 -5.47
C LEU D 137 -25.05 26.82 -4.22
N PHE D 138 -24.84 27.55 -3.13
CA PHE D 138 -24.28 27.01 -1.90
C PHE D 138 -25.22 27.30 -0.74
N TYR D 139 -25.01 26.60 0.37
CA TYR D 139 -25.76 26.83 1.59
C TYR D 139 -24.90 27.56 2.62
N ARG D 140 -25.53 28.43 3.40
CA ARG D 140 -24.80 29.22 4.39
C ARG D 140 -24.13 28.34 5.45
N LEU D 141 -24.69 27.17 5.73
CA LEU D 141 -24.17 26.34 6.80
C LEU D 141 -22.77 25.81 6.53
N ASP D 142 -22.30 25.93 5.29
CA ASP D 142 -20.98 25.44 4.92
C ASP D 142 -19.97 26.55 4.68
N VAL D 143 -20.38 27.81 4.78
CA VAL D 143 -19.54 28.94 4.41
C VAL D 143 -19.44 29.91 5.58
N VAL D 144 -18.28 30.52 5.74
CA VAL D 144 -18.06 31.54 6.76
C VAL D 144 -17.44 32.77 6.13
N GLN D 145 -17.68 33.91 6.75
CA GLN D 145 -17.10 35.16 6.29
C GLN D 145 -15.60 35.20 6.60
N ILE D 146 -14.85 35.83 5.70
CA ILE D 146 -13.41 35.99 5.91
C ILE D 146 -13.15 37.18 6.83
N ASN D 147 -13.79 38.30 6.57
CA ASN D 147 -13.72 39.49 7.41
C ASN D 147 -15.10 39.80 7.97
N GLU D 148 -15.18 40.88 8.74
CA GLU D 148 -16.43 41.30 9.36
C GLU D 148 -17.37 41.89 8.33
N LYS D 159 -19.57 41.19 0.84
CA LYS D 159 -18.31 40.75 1.42
C LYS D 159 -17.83 39.47 0.75
N GLU D 160 -16.56 39.13 0.97
CA GLU D 160 -16.00 37.88 0.49
C GLU D 160 -16.23 36.79 1.53
N TYR D 161 -16.36 35.54 1.06
CA TYR D 161 -16.73 34.43 1.91
C TYR D 161 -15.87 33.21 1.59
N ARG D 162 -15.75 32.33 2.57
CA ARG D 162 -15.00 31.09 2.43
C ARG D 162 -15.74 29.98 3.17
N LEU D 163 -15.60 28.75 2.69
CA LEU D 163 -16.25 27.65 3.38
C LEU D 163 -15.55 27.34 4.69
N ILE D 164 -16.17 26.46 5.48
CA ILE D 164 -15.82 26.30 6.88
C ILE D 164 -14.48 25.58 7.08
N ASN D 165 -14.15 24.62 6.22
CA ASN D 165 -13.15 23.60 6.55
C ASN D 165 -11.84 23.74 5.78
N CYS D 166 -11.32 24.95 5.61
CA CYS D 166 -9.92 25.12 5.26
C CYS D 166 -9.10 25.74 6.38
N ASN D 167 -9.63 25.79 7.62
CA ASN D 167 -8.74 25.72 8.77
C ASN D 167 -8.13 24.34 8.87
N THR D 168 -8.92 23.31 8.56
CA THR D 168 -8.73 21.94 8.96
C THR D 168 -8.21 21.10 7.79
N SER D 169 -8.21 19.77 8.01
CA SER D 169 -7.73 18.79 7.04
C SER D 169 -8.35 18.97 5.66
N ALA D 170 -7.67 18.44 4.65
CA ALA D 170 -8.06 18.63 3.25
C ALA D 170 -9.47 18.11 2.99
N ILE D 171 -10.02 18.53 1.85
CA ILE D 171 -11.39 18.23 1.46
C ILE D 171 -11.37 17.40 0.19
N THR D 172 -12.23 16.38 0.14
CA THR D 172 -12.34 15.49 -0.99
C THR D 172 -13.81 15.34 -1.38
N GLN D 173 -14.04 14.79 -2.57
CA GLN D 173 -15.39 14.59 -3.09
C GLN D 173 -15.76 13.11 -3.01
N ALA D 174 -17.02 12.85 -2.68
CA ALA D 174 -17.54 11.49 -2.76
C ALA D 174 -17.76 11.11 -4.21
N CYS D 175 -17.31 9.92 -4.57
CA CYS D 175 -17.50 9.45 -5.94
C CYS D 175 -18.98 9.18 -6.17
N PRO D 176 -19.63 9.84 -7.13
CA PRO D 176 -21.08 9.71 -7.29
C PRO D 176 -21.52 8.40 -7.92
N LYS D 177 -20.60 7.48 -8.20
CA LYS D 177 -20.93 6.24 -8.87
C LYS D 177 -21.23 5.10 -7.89
N VAL D 178 -21.10 5.34 -6.59
CA VAL D 178 -21.36 4.33 -5.57
C VAL D 178 -22.32 4.93 -4.56
N SER D 179 -23.37 4.20 -4.22
CA SER D 179 -24.41 4.72 -3.35
C SER D 179 -24.04 4.56 -1.88
N PHE D 180 -24.60 5.44 -1.06
CA PHE D 180 -24.39 5.41 0.39
C PHE D 180 -25.52 4.70 1.13
N GLU D 181 -26.47 4.10 0.41
CA GLU D 181 -27.60 3.46 1.06
C GLU D 181 -27.12 2.27 1.89
N PRO D 182 -27.68 2.09 3.09
CA PRO D 182 -27.24 0.98 3.94
C PRO D 182 -27.66 -0.38 3.40
N ILE D 183 -26.91 -1.40 3.80
CA ILE D 183 -27.18 -2.77 3.35
C ILE D 183 -27.26 -3.69 4.57
N PRO D 184 -28.31 -4.50 4.71
CA PRO D 184 -28.41 -5.39 5.87
C PRO D 184 -27.26 -6.39 5.89
N ILE D 185 -26.48 -6.35 6.96
CA ILE D 185 -25.22 -7.06 7.01
C ILE D 185 -25.32 -8.24 7.99
N HIS D 186 -24.88 -9.41 7.54
CA HIS D 186 -24.80 -10.60 8.38
C HIS D 186 -23.36 -10.79 8.86
N TYR D 187 -23.22 -11.37 10.05
CA TYR D 187 -21.93 -11.66 10.67
C TYR D 187 -21.88 -13.09 11.15
N CYS D 188 -20.75 -13.76 10.91
CA CYS D 188 -20.52 -15.13 11.33
C CYS D 188 -19.25 -15.21 12.14
N ALA D 189 -19.14 -16.25 12.96
CA ALA D 189 -17.99 -16.44 13.81
C ALA D 189 -16.85 -17.13 13.06
N PRO D 190 -15.61 -16.96 13.50
CA PRO D 190 -14.50 -17.75 12.94
C PRO D 190 -14.66 -19.22 13.27
N ALA D 191 -13.82 -20.03 12.63
CA ALA D 191 -13.81 -21.45 12.88
C ALA D 191 -13.52 -21.73 14.35
N GLY D 192 -14.31 -22.59 14.96
CA GLY D 192 -14.20 -22.86 16.38
C GLY D 192 -14.96 -21.92 17.28
N PHE D 193 -15.94 -21.19 16.74
CA PHE D 193 -16.72 -20.23 17.51
C PHE D 193 -18.17 -20.25 17.03
N ALA D 194 -19.03 -19.67 17.86
CA ALA D 194 -20.45 -19.55 17.53
C ALA D 194 -20.99 -18.29 18.21
N ILE D 195 -22.19 -17.89 17.81
CA ILE D 195 -22.82 -16.68 18.30
C ILE D 195 -24.10 -17.07 19.04
N LEU D 196 -24.26 -16.56 20.26
CA LEU D 196 -25.39 -16.92 21.09
C LEU D 196 -26.49 -15.88 20.98
N LYS D 197 -27.74 -16.35 21.01
CA LYS D 197 -28.91 -15.49 20.90
C LYS D 197 -29.76 -15.65 22.16
N CYS D 198 -29.98 -14.55 22.87
CA CYS D 198 -30.87 -14.56 24.01
C CYS D 198 -32.33 -14.54 23.54
N LYS D 199 -33.10 -15.52 24.02
CA LYS D 199 -34.50 -15.66 23.63
C LYS D 199 -35.46 -14.93 24.56
N ASP D 200 -34.95 -14.21 25.55
CA ASP D 200 -35.81 -13.46 26.46
C ASP D 200 -36.55 -12.38 25.70
N LYS D 201 -37.82 -12.21 26.05
CA LYS D 201 -38.63 -11.17 25.44
C LYS D 201 -38.55 -9.87 26.24
N LYS D 202 -38.44 -9.95 27.57
CA LYS D 202 -38.28 -8.78 28.42
C LYS D 202 -36.88 -8.67 29.02
N PHE D 203 -35.85 -9.09 28.29
CA PHE D 203 -34.51 -9.18 28.86
C PHE D 203 -33.99 -7.82 29.26
N ASN D 204 -33.43 -7.73 30.47
CA ASN D 204 -32.77 -6.51 30.92
C ASN D 204 -31.37 -6.43 30.32
N GLY D 205 -30.62 -5.39 30.72
CA GLY D 205 -29.30 -5.17 30.18
C GLY D 205 -28.23 -6.14 30.64
N THR D 206 -28.33 -6.63 31.87
CA THR D 206 -27.32 -7.50 32.44
C THR D 206 -28.00 -8.66 33.16
N GLY D 207 -27.25 -9.74 33.36
CA GLY D 207 -27.75 -10.89 34.06
C GLY D 207 -28.08 -12.05 33.15
N PRO D 208 -28.46 -13.17 33.75
CA PRO D 208 -28.68 -14.40 32.97
C PRO D 208 -29.89 -14.30 32.05
N CYS D 209 -29.84 -15.08 30.98
CA CYS D 209 -30.95 -15.19 30.03
C CYS D 209 -31.58 -16.56 30.19
N PRO D 210 -32.77 -16.68 30.81
CA PRO D 210 -33.31 -18.02 31.09
C PRO D 210 -33.59 -18.88 29.86
N SER D 211 -33.82 -18.29 28.69
CA SER D 211 -33.97 -19.06 27.46
C SER D 211 -32.89 -18.63 26.47
N VAL D 212 -32.02 -19.56 26.10
CA VAL D 212 -30.83 -19.26 25.31
C VAL D 212 -30.87 -20.05 24.01
N SER D 213 -30.47 -19.40 22.93
CA SER D 213 -30.31 -20.04 21.63
C SER D 213 -28.99 -19.56 21.01
N THR D 214 -28.54 -20.27 19.98
CA THR D 214 -27.28 -19.96 19.33
C THR D 214 -27.46 -19.90 17.83
N VAL D 215 -26.53 -19.18 17.17
CA VAL D 215 -26.48 -19.08 15.73
C VAL D 215 -25.04 -19.23 15.28
N GLN D 216 -24.86 -19.60 14.00
CA GLN D 216 -23.57 -19.50 13.36
C GLN D 216 -23.41 -18.18 12.62
N CYS D 217 -24.51 -17.53 12.26
CA CYS D 217 -24.49 -16.22 11.63
C CYS D 217 -25.70 -15.44 12.10
N THR D 218 -25.55 -14.12 12.15
CA THR D 218 -26.61 -13.25 12.64
C THR D 218 -27.44 -12.69 11.48
N HIS D 219 -28.55 -12.06 11.84
CA HIS D 219 -29.44 -11.49 10.84
C HIS D 219 -28.80 -10.25 10.22
N GLY D 220 -29.52 -9.61 9.30
CA GLY D 220 -29.01 -8.43 8.64
C GLY D 220 -29.22 -7.18 9.49
N ILE D 221 -28.21 -6.32 9.49
CA ILE D 221 -28.25 -5.05 10.20
C ILE D 221 -27.95 -3.93 9.22
N LYS D 222 -28.82 -2.93 9.18
CA LYS D 222 -28.61 -1.78 8.31
C LYS D 222 -27.62 -0.83 8.99
N PRO D 223 -26.50 -0.50 8.33
CA PRO D 223 -25.57 0.48 8.94
C PRO D 223 -26.10 1.91 8.87
N VAL D 224 -27.26 2.12 9.47
CA VAL D 224 -27.90 3.43 9.46
C VAL D 224 -27.14 4.38 10.38
N VAL D 225 -26.98 5.63 9.94
CA VAL D 225 -26.35 6.68 10.73
C VAL D 225 -27.42 7.66 11.16
N SER D 226 -27.69 7.72 12.46
CA SER D 226 -28.64 8.66 13.02
C SER D 226 -28.13 9.09 14.39
N THR D 227 -28.58 10.26 14.84
CA THR D 227 -28.03 10.87 16.04
C THR D 227 -28.98 10.89 17.22
N GLN D 228 -30.30 10.92 17.00
CA GLN D 228 -31.26 10.87 18.09
C GLN D 228 -32.37 9.85 17.92
N LEU D 229 -32.62 9.36 16.71
CA LEU D 229 -33.79 8.53 16.44
C LEU D 229 -33.32 7.25 15.78
N LEU D 230 -33.66 6.10 16.36
CA LEU D 230 -33.34 4.82 15.72
C LEU D 230 -34.24 4.60 14.51
N LEU D 231 -33.63 4.53 13.33
CA LEU D 231 -34.36 4.60 12.07
C LEU D 231 -34.26 3.27 11.32
N ASN D 232 -35.42 2.71 10.98
CA ASN D 232 -35.56 1.48 10.20
C ASN D 232 -34.64 0.37 10.71
N GLY D 233 -34.81 0.09 12.00
CA GLY D 233 -34.16 -1.05 12.64
C GLY D 233 -35.18 -2.07 13.10
N SER D 234 -34.92 -2.71 14.24
CA SER D 234 -35.80 -3.74 14.77
C SER D 234 -36.81 -3.14 15.74
N LEU D 235 -37.92 -3.85 15.92
CA LEU D 235 -39.00 -3.43 16.80
C LEU D 235 -38.89 -4.11 18.15
N ALA D 236 -39.47 -3.47 19.17
CA ALA D 236 -39.63 -4.15 20.46
C ALA D 236 -40.75 -5.17 20.35
N GLU D 237 -40.44 -6.41 20.75
CA GLU D 237 -41.32 -7.54 20.46
C GLU D 237 -42.62 -7.49 21.27
N GLU D 238 -42.57 -7.06 22.53
CA GLU D 238 -43.76 -6.96 23.36
C GLU D 238 -44.10 -5.53 23.78
N GLU D 239 -43.16 -4.81 24.38
CA GLU D 239 -43.45 -3.51 24.97
C GLU D 239 -42.25 -2.61 24.80
N VAL D 240 -42.49 -1.30 24.90
CA VAL D 240 -41.41 -0.33 24.74
C VAL D 240 -40.34 -0.56 25.79
N MET D 241 -39.09 -0.46 25.38
CA MET D 241 -37.95 -0.93 26.15
C MET D 241 -36.99 0.23 26.44
N ILE D 242 -36.48 0.27 27.66
CA ILE D 242 -35.54 1.29 28.11
C ILE D 242 -34.31 0.58 28.68
N ARG D 243 -33.12 1.03 28.26
CA ARG D 243 -31.89 0.40 28.73
C ARG D 243 -30.83 1.47 29.00
N SER D 244 -29.97 1.17 29.97
CA SER D 244 -28.83 2.01 30.30
C SER D 244 -27.91 1.23 31.24
N GLU D 245 -26.64 1.62 31.27
CA GLU D 245 -25.67 0.94 32.12
C GLU D 245 -26.05 1.06 33.59
N ASN D 246 -26.35 2.29 34.03
CA ASN D 246 -26.74 2.53 35.41
C ASN D 246 -27.72 3.68 35.42
N ILE D 247 -28.94 3.43 35.92
CA ILE D 247 -29.97 4.46 35.93
C ILE D 247 -29.56 5.62 36.83
N THR D 248 -28.89 5.32 37.94
CA THR D 248 -28.49 6.37 38.87
C THR D 248 -27.53 7.37 38.21
N ASN D 249 -26.56 6.87 37.46
CA ASN D 249 -25.58 7.74 36.80
C ASN D 249 -26.25 8.46 35.63
N ASN D 250 -26.39 9.78 35.76
CA ASN D 250 -26.98 10.57 34.69
C ASN D 250 -26.02 10.81 33.53
N ALA D 251 -24.72 10.53 33.72
CA ALA D 251 -23.76 10.69 32.64
C ALA D 251 -23.87 9.60 31.58
N LYS D 252 -24.66 8.55 31.83
CA LYS D 252 -24.85 7.47 30.89
C LYS D 252 -26.13 7.71 30.10
N ASN D 253 -26.10 7.32 28.82
CA ASN D 253 -27.22 7.59 27.93
C ASN D 253 -28.36 6.61 28.18
N ILE D 254 -29.55 6.98 27.72
CA ILE D 254 -30.77 6.23 27.96
C ILE D 254 -31.24 5.64 26.63
N LEU D 255 -31.19 4.32 26.53
CA LEU D 255 -31.70 3.64 25.34
C LEU D 255 -33.22 3.55 25.39
N VAL D 256 -33.85 3.65 24.23
CA VAL D 256 -35.29 3.47 24.07
C VAL D 256 -35.51 2.58 22.85
N GLN D 257 -36.47 1.66 22.95
CA GLN D 257 -36.81 0.73 21.87
C GLN D 257 -38.32 0.65 21.79
N PHE D 258 -38.88 0.98 20.62
CA PHE D 258 -40.33 1.12 20.49
C PHE D 258 -41.01 -0.21 20.18
N ASN D 259 -42.14 -0.45 20.85
CA ASN D 259 -42.96 -1.62 20.53
C ASN D 259 -43.56 -1.50 19.13
N THR D 260 -44.11 -0.34 18.79
CA THR D 260 -44.74 -0.12 17.50
C THR D 260 -44.11 1.09 16.82
N PRO D 261 -43.79 0.97 15.53
CA PRO D 261 -43.18 2.09 14.81
C PRO D 261 -44.22 2.98 14.13
N VAL D 262 -43.83 4.24 13.95
CA VAL D 262 -44.56 5.18 13.11
C VAL D 262 -43.59 5.75 12.09
N GLN D 263 -44.05 5.88 10.85
CA GLN D 263 -43.16 6.21 9.76
C GLN D 263 -42.69 7.66 9.86
N ILE D 264 -41.60 7.96 9.16
CA ILE D 264 -41.07 9.31 9.00
C ILE D 264 -41.01 9.61 7.51
N ASN D 265 -41.62 10.72 7.08
CA ASN D 265 -41.60 11.16 5.70
C ASN D 265 -40.71 12.39 5.59
N CYS D 266 -39.72 12.34 4.70
CA CYS D 266 -38.80 13.46 4.53
C CYS D 266 -38.43 13.58 3.05
N THR D 267 -38.67 14.76 2.48
CA THR D 267 -38.43 15.02 1.07
C THR D 267 -37.81 16.40 0.93
N ARG D 268 -37.14 16.61 -0.21
CA ARG D 268 -36.77 17.97 -0.59
C ARG D 268 -37.70 18.44 -1.71
N PRO D 269 -38.60 19.39 -1.44
CA PRO D 269 -39.57 19.79 -2.47
C PRO D 269 -38.95 20.53 -3.64
N ASN D 270 -37.73 21.06 -3.50
CA ASN D 270 -37.11 21.82 -4.57
C ASN D 270 -36.46 20.91 -5.59
N ASN D 271 -36.66 21.24 -6.87
CA ASN D 271 -36.08 20.47 -7.97
C ASN D 271 -34.65 20.97 -8.19
N ASN D 272 -33.69 20.28 -7.59
CA ASN D 272 -32.29 20.68 -7.69
C ASN D 272 -31.72 20.27 -9.05
N THR D 273 -30.72 21.03 -9.50
CA THR D 273 -30.02 20.75 -10.74
C THR D 273 -28.52 20.78 -10.49
N ARG D 274 -27.78 20.07 -11.35
CA ARG D 274 -26.35 19.86 -11.16
C ARG D 274 -25.59 20.24 -12.42
N LYS D 275 -24.36 20.73 -12.23
CA LYS D 275 -23.45 21.01 -13.33
C LYS D 275 -22.13 20.28 -13.07
N SER D 276 -21.32 20.18 -14.13
CA SER D 276 -20.05 19.47 -14.07
C SER D 276 -18.91 20.41 -14.44
N ILE D 277 -17.84 20.38 -13.65
CA ILE D 277 -16.68 21.25 -13.85
C ILE D 277 -15.42 20.38 -13.89
N ARG D 278 -14.42 20.86 -14.63
CA ARG D 278 -13.15 20.17 -14.78
C ARG D 278 -12.06 20.87 -13.97
N ILE D 279 -11.21 20.07 -13.33
CA ILE D 279 -10.08 20.59 -12.54
C ILE D 279 -8.75 20.25 -13.20
N GLY D 280 -8.48 18.97 -13.42
CA GLY D 280 -7.26 18.53 -14.05
C GLY D 280 -7.51 17.27 -14.85
N PRO D 281 -6.43 16.55 -15.20
CA PRO D 281 -6.60 15.34 -16.01
C PRO D 281 -7.38 14.26 -15.26
N GLY D 282 -8.61 14.00 -15.71
CA GLY D 282 -9.47 13.05 -15.04
C GLY D 282 -10.13 13.55 -13.78
N GLN D 283 -10.27 14.87 -13.63
CA GLN D 283 -10.86 15.48 -12.44
C GLN D 283 -12.16 16.17 -12.83
N ALA D 284 -13.28 15.52 -12.54
CA ALA D 284 -14.60 16.07 -12.79
C ALA D 284 -15.28 16.43 -11.47
N PHE D 285 -15.85 17.63 -11.40
CA PHE D 285 -16.48 18.14 -10.20
C PHE D 285 -17.95 18.39 -10.46
N TYR D 286 -18.79 18.09 -9.47
CA TYR D 286 -20.23 18.29 -9.56
C TYR D 286 -20.67 19.34 -8.54
N ALA D 287 -21.52 20.25 -9.00
CA ALA D 287 -21.99 21.35 -8.16
C ALA D 287 -23.44 21.65 -8.48
N THR D 288 -24.10 22.33 -7.55
CA THR D 288 -25.52 22.62 -7.70
C THR D 288 -25.75 23.69 -8.75
N GLY D 289 -26.67 23.43 -9.68
CA GLY D 289 -27.13 24.42 -10.62
C GLY D 289 -28.33 25.19 -10.08
N ASP D 290 -28.93 25.99 -10.96
CA ASP D 290 -30.11 26.74 -10.58
C ASP D 290 -31.27 25.80 -10.26
N ILE D 291 -32.11 26.21 -9.33
CA ILE D 291 -33.24 25.40 -8.86
C ILE D 291 -34.50 25.84 -9.57
N ILE D 292 -35.28 24.87 -10.05
CA ILE D 292 -36.51 25.15 -10.80
C ILE D 292 -37.69 24.98 -9.85
N GLY D 293 -38.56 25.98 -9.81
CA GLY D 293 -39.67 26.02 -8.90
C GLY D 293 -39.39 26.91 -7.70
N ASP D 294 -40.46 27.17 -6.94
CA ASP D 294 -40.32 27.99 -5.75
C ASP D 294 -39.53 27.25 -4.68
N ILE D 295 -38.55 27.93 -4.09
CA ILE D 295 -37.70 27.29 -3.09
C ILE D 295 -38.52 27.03 -1.83
N ARG D 296 -38.65 25.76 -1.46
CA ARG D 296 -39.42 25.36 -0.30
C ARG D 296 -38.50 24.59 0.65
N GLN D 297 -38.62 24.89 1.94
CA GLN D 297 -37.78 24.24 2.94
C GLN D 297 -38.11 22.76 3.06
N ALA D 298 -37.07 21.96 3.30
CA ALA D 298 -37.27 20.54 3.56
C ALA D 298 -38.00 20.35 4.89
N HIS D 299 -38.90 19.37 4.94
CA HIS D 299 -39.71 19.14 6.12
C HIS D 299 -39.86 17.64 6.35
N CYS D 300 -40.37 17.30 7.53
CA CYS D 300 -40.69 15.92 7.89
C CYS D 300 -41.96 15.90 8.72
N ASN D 301 -42.88 14.99 8.39
CA ASN D 301 -44.17 14.91 9.06
C ASN D 301 -44.37 13.54 9.69
N VAL D 302 -44.94 13.54 10.89
CA VAL D 302 -45.26 12.32 11.63
C VAL D 302 -46.56 12.55 12.37
N SER D 303 -47.35 11.49 12.54
CA SER D 303 -48.62 11.59 13.24
C SER D 303 -48.44 11.97 14.70
N LYS D 304 -49.39 12.74 15.23
CA LYS D 304 -49.30 13.20 16.62
C LYS D 304 -49.92 12.22 17.61
N ALA D 305 -51.08 11.65 17.26
CA ALA D 305 -51.77 10.76 18.17
C ALA D 305 -50.93 9.54 18.50
N THR D 306 -50.36 8.92 17.46
CA THR D 306 -49.39 7.85 17.70
C THR D 306 -48.25 8.37 18.56
N TRP D 307 -47.89 9.64 18.41
CA TRP D 307 -46.74 10.16 19.13
C TRP D 307 -46.99 10.19 20.63
N ASN D 308 -48.10 10.82 21.09
CA ASN D 308 -48.30 10.72 22.53
C ASN D 308 -48.67 9.32 22.99
N GLU D 309 -49.30 8.49 22.16
CA GLU D 309 -49.59 7.15 22.68
C GLU D 309 -48.28 6.44 23.00
N THR D 310 -47.29 6.60 22.12
CA THR D 310 -45.99 5.99 22.36
C THR D 310 -45.28 6.62 23.55
N LEU D 311 -45.36 7.95 23.72
CA LEU D 311 -44.80 8.57 24.92
C LEU D 311 -45.51 8.12 26.19
N GLY D 312 -46.82 7.89 26.12
CA GLY D 312 -47.51 7.36 27.28
C GLY D 312 -46.99 5.99 27.67
N LYS D 313 -46.77 5.13 26.67
CA LYS D 313 -46.14 3.83 26.94
C LYS D 313 -44.74 4.00 27.51
N VAL D 314 -43.97 4.93 26.94
CA VAL D 314 -42.59 5.16 27.38
C VAL D 314 -42.58 5.63 28.83
N VAL D 315 -43.49 6.54 29.18
CA VAL D 315 -43.53 7.08 30.54
C VAL D 315 -44.01 6.01 31.53
N LYS D 316 -44.96 5.16 31.10
CA LYS D 316 -45.38 4.07 31.97
C LYS D 316 -44.21 3.14 32.27
N GLN D 317 -43.39 2.85 31.26
CA GLN D 317 -42.19 2.07 31.51
C GLN D 317 -41.18 2.84 32.37
N LEU D 318 -41.09 4.14 32.17
CA LEU D 318 -40.13 4.98 32.91
C LEU D 318 -40.43 4.97 34.40
N ARG D 319 -41.72 5.07 34.76
CA ARG D 319 -42.11 5.19 36.15
C ARG D 319 -41.80 3.95 36.97
N LYS D 320 -41.47 2.83 36.32
CA LYS D 320 -41.00 1.66 37.05
C LYS D 320 -39.68 1.92 37.76
N HIS D 321 -38.80 2.69 37.12
CA HIS D 321 -37.46 2.95 37.65
C HIS D 321 -37.36 4.25 38.43
N PHE D 322 -38.50 4.89 38.71
CA PHE D 322 -38.54 6.07 39.56
C PHE D 322 -39.75 5.95 40.47
N GLY D 323 -39.99 7.01 41.25
CA GLY D 323 -41.20 7.08 42.04
C GLY D 323 -42.43 7.05 41.14
N ASN D 324 -43.44 6.27 41.52
CA ASN D 324 -44.60 6.16 40.64
C ASN D 324 -45.52 7.36 40.71
N ASN D 325 -45.14 8.44 41.39
CA ASN D 325 -45.96 9.63 41.46
C ASN D 325 -45.16 10.91 41.20
N THR D 326 -43.98 10.80 40.60
CA THR D 326 -43.24 11.97 40.18
C THR D 326 -43.87 12.58 38.94
N ILE D 327 -43.20 13.60 38.39
CA ILE D 327 -43.64 14.28 37.18
C ILE D 327 -42.56 14.12 36.13
N ILE D 328 -42.97 13.69 34.93
CA ILE D 328 -42.05 13.43 33.83
C ILE D 328 -42.29 14.45 32.73
N ARG D 329 -41.23 15.14 32.32
CA ARG D 329 -41.29 16.15 31.29
C ARG D 329 -40.15 15.93 30.30
N PHE D 330 -40.38 16.32 29.05
CA PHE D 330 -39.37 16.26 28.01
C PHE D 330 -39.05 17.66 27.52
N ALA D 331 -37.94 17.80 26.80
CA ALA D 331 -37.52 19.14 26.41
C ALA D 331 -36.61 19.19 25.19
N ASN D 332 -36.08 20.40 24.96
CA ASN D 332 -35.16 20.77 23.90
C ASN D 332 -33.73 20.39 24.30
N SER D 333 -32.93 20.05 23.30
CA SER D 333 -31.53 19.69 23.55
C SER D 333 -30.79 20.85 24.20
N SER D 334 -29.91 20.51 25.14
CA SER D 334 -29.23 21.52 25.96
C SER D 334 -28.30 22.41 25.15
N GLY D 335 -27.95 21.98 23.94
CA GLY D 335 -27.09 22.79 23.10
C GLY D 335 -25.89 22.02 22.56
N GLY D 336 -24.80 22.74 22.31
CA GLY D 336 -23.61 22.14 21.76
C GLY D 336 -23.59 22.17 20.25
N ASP D 337 -22.75 21.30 19.68
CA ASP D 337 -22.62 21.22 18.23
C ASP D 337 -23.88 20.65 17.61
N LEU D 338 -24.12 21.01 16.34
CA LEU D 338 -25.37 20.69 15.68
C LEU D 338 -25.59 19.19 15.53
N GLU D 339 -24.51 18.39 15.52
CA GLU D 339 -24.67 16.96 15.25
C GLU D 339 -25.46 16.25 16.34
N VAL D 340 -25.37 16.71 17.59
CA VAL D 340 -26.29 16.24 18.63
C VAL D 340 -27.37 17.26 18.96
N THR D 341 -27.21 18.51 18.54
CA THR D 341 -28.24 19.50 18.81
C THR D 341 -29.48 19.27 17.96
N THR D 342 -29.31 18.70 16.77
CA THR D 342 -30.42 18.38 15.87
C THR D 342 -30.31 16.92 15.44
N HIS D 343 -31.31 16.47 14.69
CA HIS D 343 -31.34 15.09 14.20
C HIS D 343 -30.87 15.00 12.76
N SER D 344 -30.11 13.96 12.46
CA SER D 344 -29.50 13.77 11.16
C SER D 344 -29.80 12.39 10.60
N PHE D 345 -29.94 12.32 9.28
CA PHE D 345 -30.15 11.07 8.58
C PHE D 345 -29.80 11.25 7.11
N ASN D 346 -29.52 10.13 6.45
CA ASN D 346 -28.86 10.11 5.13
C ASN D 346 -29.83 9.87 3.98
N CYS D 347 -31.13 9.71 4.25
CA CYS D 347 -32.13 9.25 3.29
C CYS D 347 -31.89 9.78 1.88
N GLY D 348 -31.90 8.88 0.91
CA GLY D 348 -31.71 9.24 -0.48
C GLY D 348 -30.28 9.44 -0.91
N GLY D 349 -29.32 9.23 -0.02
CA GLY D 349 -27.93 9.48 -0.32
C GLY D 349 -27.44 10.86 0.04
N GLU D 350 -28.22 11.64 0.79
CA GLU D 350 -27.79 12.96 1.24
C GLU D 350 -28.36 13.22 2.63
N PHE D 351 -27.68 14.10 3.36
CA PHE D 351 -27.92 14.26 4.78
C PHE D 351 -28.94 15.35 5.07
N PHE D 352 -29.57 15.23 6.23
CA PHE D 352 -30.69 16.08 6.66
C PHE D 352 -30.47 16.48 8.10
N TYR D 353 -30.82 17.72 8.44
CA TYR D 353 -30.66 18.25 9.79
C TYR D 353 -31.97 18.88 10.22
N CYS D 354 -32.71 18.21 11.10
CA CYS D 354 -34.06 18.61 11.47
C CYS D 354 -34.15 18.92 12.95
N ASN D 355 -35.06 19.85 13.29
CA ASN D 355 -35.21 20.37 14.64
C ASN D 355 -36.19 19.50 15.41
N THR D 356 -35.69 18.71 16.35
CA THR D 356 -36.54 17.91 17.22
C THR D 356 -36.93 18.66 18.49
N SER D 357 -36.81 19.99 18.50
CA SER D 357 -37.13 20.77 19.69
C SER D 357 -38.62 20.64 20.04
N GLY D 358 -39.50 20.87 19.06
CA GLY D 358 -40.92 20.74 19.29
C GLY D 358 -41.41 19.32 19.36
N LEU D 359 -40.56 18.34 19.05
CA LEU D 359 -40.96 16.94 19.14
C LEU D 359 -41.28 16.55 20.57
N PHE D 360 -40.50 17.05 21.53
CA PHE D 360 -40.62 16.65 22.92
C PHE D 360 -41.33 17.68 23.78
N ASN D 361 -42.00 18.66 23.17
CA ASN D 361 -42.75 19.66 23.91
C ASN D 361 -44.03 19.08 24.49
N SER D 362 -43.92 18.51 25.70
CA SER D 362 -45.06 17.96 26.41
C SER D 362 -44.66 17.74 27.86
N THR D 363 -45.67 17.69 28.73
CA THR D 363 -45.47 17.43 30.15
C THR D 363 -46.53 16.44 30.62
N TRP D 364 -46.11 15.50 31.46
CA TRP D 364 -46.96 14.41 31.91
C TRP D 364 -47.23 14.56 33.41
N ILE D 365 -48.50 14.43 33.79
CA ILE D 365 -48.92 14.49 35.17
C ILE D 365 -49.46 13.13 35.58
N SER D 366 -49.55 12.92 36.89
CA SER D 366 -50.09 11.66 37.41
C SER D 366 -51.54 11.49 36.95
N ASN D 367 -51.90 10.25 36.68
CA ASN D 367 -53.22 9.89 36.16
C ASN D 367 -53.51 10.62 34.85
N ASN D 379 -54.23 18.28 11.74
CA ASN D 379 -55.11 17.70 12.75
C ASN D 379 -54.50 16.42 13.33
N ASP D 380 -53.68 15.73 12.53
CA ASP D 380 -53.11 14.46 12.93
C ASP D 380 -51.61 14.35 12.76
N SER D 381 -50.99 15.19 11.92
CA SER D 381 -49.56 15.09 11.66
C SER D 381 -48.90 16.46 11.90
N ILE D 382 -47.67 16.41 12.41
CA ILE D 382 -46.90 17.62 12.74
C ILE D 382 -45.63 17.62 11.90
N THR D 383 -45.19 18.82 11.52
CA THR D 383 -44.05 19.00 10.63
C THR D 383 -42.85 19.52 11.40
N LEU D 384 -41.67 19.31 10.81
CA LEU D 384 -40.40 19.77 11.38
C LEU D 384 -39.58 20.42 10.28
N PRO D 385 -39.18 21.68 10.41
CA PRO D 385 -38.24 22.26 9.45
C PRO D 385 -36.90 21.56 9.52
N CYS D 386 -36.21 21.50 8.38
CA CYS D 386 -34.96 20.75 8.28
C CYS D 386 -33.91 21.57 7.55
N ARG D 387 -32.65 21.23 7.84
CA ARG D 387 -31.49 21.88 7.22
C ARG D 387 -30.72 20.88 6.37
N ILE D 388 -29.99 21.38 5.39
CA ILE D 388 -29.22 20.57 4.46
C ILE D 388 -27.78 21.01 4.49
N LYS D 389 -26.86 20.05 4.52
CA LYS D 389 -25.42 20.32 4.58
C LYS D 389 -24.71 19.49 3.53
N GLN D 390 -23.77 20.12 2.81
CA GLN D 390 -22.97 19.42 1.82
C GLN D 390 -21.66 18.88 2.42
N ILE D 391 -20.81 19.77 2.92
CA ILE D 391 -19.53 19.34 3.48
C ILE D 391 -19.78 18.82 4.89
N ILE D 392 -19.26 17.62 5.17
CA ILE D 392 -19.61 16.89 6.37
C ILE D 392 -18.33 16.42 7.07
N ASN D 393 -18.23 16.69 8.36
CA ASN D 393 -17.22 16.08 9.21
C ASN D 393 -17.80 14.76 9.69
N MET D 394 -17.69 13.74 8.86
CA MET D 394 -18.27 12.44 9.16
C MET D 394 -17.64 11.87 10.43
N TRP D 395 -18.44 11.12 11.18
CA TRP D 395 -18.06 10.58 12.50
C TRP D 395 -17.82 11.78 13.42
N GLN D 396 -16.99 11.60 14.44
CA GLN D 396 -16.47 12.70 15.23
C GLN D 396 -15.12 13.17 14.73
N ARG D 397 -14.63 12.59 13.63
CA ARG D 397 -13.26 12.80 13.20
C ARG D 397 -13.01 14.25 12.81
N ILE D 398 -11.82 14.74 13.14
CA ILE D 398 -11.41 16.10 12.79
C ILE D 398 -10.29 16.11 11.76
N GLY D 399 -9.66 14.97 11.48
CA GLY D 399 -8.58 14.86 10.53
C GLY D 399 -8.97 14.54 9.11
N GLN D 400 -10.27 14.49 8.81
CA GLN D 400 -10.74 14.24 7.45
C GLN D 400 -12.03 15.02 7.21
N ALA D 401 -12.32 15.25 5.93
CA ALA D 401 -13.54 15.95 5.54
C ALA D 401 -13.91 15.52 4.14
N MET D 402 -15.21 15.65 3.83
CA MET D 402 -15.75 15.24 2.54
C MET D 402 -16.83 16.20 2.11
N TYR D 403 -17.12 16.20 0.80
CA TYR D 403 -18.19 16.99 0.22
C TYR D 403 -19.20 16.06 -0.43
N ALA D 404 -20.46 16.18 -0.04
CA ALA D 404 -21.51 15.34 -0.62
C ALA D 404 -21.85 15.82 -2.03
N PRO D 405 -21.95 14.91 -3.00
CA PRO D 405 -22.34 15.30 -4.35
C PRO D 405 -23.79 15.71 -4.40
N PRO D 406 -24.11 16.81 -5.08
CA PRO D 406 -25.52 17.20 -5.23
C PRO D 406 -26.28 16.18 -6.06
N ILE D 407 -27.55 16.01 -5.74
CA ILE D 407 -28.43 15.07 -6.41
C ILE D 407 -29.62 15.84 -6.97
N GLN D 408 -29.89 15.65 -8.27
CA GLN D 408 -30.93 16.39 -8.95
C GLN D 408 -32.31 15.86 -8.59
N GLY D 409 -33.34 16.59 -9.05
CA GLY D 409 -34.70 16.12 -8.89
C GLY D 409 -35.27 16.43 -7.51
N VAL D 410 -36.19 15.57 -7.09
CA VAL D 410 -36.85 15.67 -5.79
C VAL D 410 -36.68 14.33 -5.08
N ILE D 411 -36.08 14.36 -3.89
CA ILE D 411 -35.81 13.14 -3.15
C ILE D 411 -37.01 12.87 -2.25
N ARG D 412 -37.12 11.63 -1.77
CA ARG D 412 -38.17 11.23 -0.86
C ARG D 412 -37.63 10.11 0.03
N CYS D 413 -37.97 10.17 1.31
CA CYS D 413 -37.63 9.10 2.24
C CYS D 413 -38.84 8.71 3.06
N VAL D 414 -39.10 7.40 3.14
CA VAL D 414 -40.07 6.83 4.07
C VAL D 414 -39.31 5.93 5.01
N SER D 415 -39.46 6.16 6.32
CA SER D 415 -38.66 5.44 7.30
C SER D 415 -39.46 5.29 8.59
N ASN D 416 -39.34 4.12 9.21
CA ASN D 416 -39.95 3.87 10.51
C ASN D 416 -39.27 4.69 11.60
N ILE D 417 -39.74 4.49 12.83
CA ILE D 417 -39.00 4.87 14.02
C ILE D 417 -38.91 3.64 14.92
N THR D 418 -37.70 3.36 15.40
CA THR D 418 -37.45 2.15 16.18
C THR D 418 -36.82 2.38 17.54
N GLY D 419 -36.51 3.62 17.90
CA GLY D 419 -36.00 3.88 19.24
C GLY D 419 -35.67 5.35 19.44
N LEU D 420 -35.45 5.68 20.71
CA LEU D 420 -35.01 7.00 21.13
C LEU D 420 -33.74 6.85 21.96
N ILE D 421 -33.00 7.95 22.07
CA ILE D 421 -31.77 7.98 22.85
C ILE D 421 -31.82 9.24 23.72
N LEU D 422 -31.75 9.06 25.04
CA LEU D 422 -32.12 10.12 25.98
C LEU D 422 -31.04 10.41 27.01
N THR D 423 -31.06 11.64 27.53
CA THR D 423 -30.20 12.07 28.62
C THR D 423 -31.06 12.63 29.74
N ARG D 424 -30.73 12.27 30.98
CA ARG D 424 -31.51 12.66 32.14
C ARG D 424 -30.80 13.82 32.87
N ASP D 425 -31.58 14.82 33.26
CA ASP D 425 -31.03 15.98 33.93
C ASP D 425 -30.49 15.63 35.30
N GLY D 426 -29.45 16.34 35.73
CA GLY D 426 -28.91 16.19 37.06
C GLY D 426 -29.49 17.20 38.04
N GLY D 427 -29.07 17.08 39.29
CA GLY D 427 -29.50 18.00 40.32
C GLY D 427 -30.89 17.75 40.86
N SER D 428 -31.53 16.63 40.51
CA SER D 428 -32.86 16.34 41.00
C SER D 428 -32.82 15.96 42.47
N THR D 429 -33.88 16.34 43.20
CA THR D 429 -34.00 16.06 44.62
C THR D 429 -35.39 15.54 44.93
N ASN D 430 -35.48 14.75 46.01
CA ASN D 430 -36.74 14.21 46.52
C ASN D 430 -37.44 13.28 45.53
N SER D 431 -36.70 12.79 44.53
CA SER D 431 -37.21 11.82 43.57
C SER D 431 -38.50 12.29 42.88
N THR D 432 -38.54 13.58 42.54
CA THR D 432 -39.68 14.15 41.85
C THR D 432 -39.19 15.11 40.78
N THR D 433 -40.07 15.37 39.80
CA THR D 433 -39.83 16.31 38.71
C THR D 433 -38.57 15.90 37.92
N GLU D 434 -38.71 14.77 37.24
CA GLU D 434 -37.67 14.25 36.35
C GLU D 434 -37.92 14.74 34.93
N THR D 435 -36.89 15.29 34.29
CA THR D 435 -36.96 15.69 32.89
C THR D 435 -35.85 14.99 32.11
N PHE D 436 -36.05 14.90 30.80
CA PHE D 436 -35.13 14.19 29.94
C PHE D 436 -34.88 14.99 28.66
N ARG D 437 -33.73 14.76 28.06
CA ARG D 437 -33.32 15.43 26.83
C ARG D 437 -32.64 14.44 25.91
N PRO D 438 -32.77 14.59 24.59
CA PRO D 438 -32.00 13.76 23.67
C PRO D 438 -30.52 14.12 23.70
N GLY D 439 -29.68 13.15 23.35
CA GLY D 439 -28.26 13.40 23.29
C GLY D 439 -27.48 12.12 23.11
N GLY D 440 -26.16 12.24 23.27
CA GLY D 440 -25.27 11.10 23.14
C GLY D 440 -25.13 10.60 21.71
N GLY D 441 -24.48 11.39 20.86
CA GLY D 441 -24.31 11.05 19.46
C GLY D 441 -23.42 9.86 19.18
N ASP D 442 -23.05 9.12 20.22
CA ASP D 442 -22.19 7.95 20.04
C ASP D 442 -22.97 6.86 19.33
N MET D 443 -22.64 6.62 18.06
CA MET D 443 -23.28 5.56 17.28
C MET D 443 -22.97 4.17 17.81
N ARG D 444 -21.96 4.05 18.69
CA ARG D 444 -21.79 2.81 19.45
C ARG D 444 -23.06 2.45 20.17
N ASP D 445 -23.80 3.45 20.65
CA ASP D 445 -25.10 3.19 21.26
C ASP D 445 -26.09 2.60 20.24
N ASN D 446 -26.07 3.13 19.01
CA ASN D 446 -26.94 2.59 17.97
C ASN D 446 -26.61 1.12 17.71
N TRP D 447 -25.33 0.79 17.62
CA TRP D 447 -24.95 -0.58 17.34
C TRP D 447 -25.16 -1.49 18.54
N ARG D 448 -25.09 -0.96 19.76
CA ARG D 448 -25.54 -1.72 20.92
C ARG D 448 -27.02 -2.04 20.80
N SER D 449 -27.83 -1.03 20.49
CA SER D 449 -29.27 -1.19 20.31
C SER D 449 -29.62 -2.07 19.13
N GLU D 450 -28.66 -2.35 18.25
CA GLU D 450 -28.91 -3.35 17.21
C GLU D 450 -28.45 -4.75 17.61
N LEU D 451 -27.19 -4.91 18.00
CA LEU D 451 -26.57 -6.21 18.18
C LEU D 451 -26.74 -6.77 19.59
N TYR D 452 -27.47 -6.09 20.47
CA TYR D 452 -27.45 -6.43 21.90
C TYR D 452 -28.03 -7.83 22.22
N LYS D 453 -28.38 -8.63 21.22
CA LYS D 453 -28.85 -10.00 21.38
C LYS D 453 -27.78 -11.05 21.15
N TYR D 454 -26.50 -10.68 21.04
CA TYR D 454 -25.50 -11.64 20.61
C TYR D 454 -24.17 -11.43 21.34
N LYS D 455 -23.45 -12.54 21.52
CA LYS D 455 -22.13 -12.56 22.12
C LYS D 455 -21.28 -13.60 21.39
N VAL D 456 -19.96 -13.47 21.51
CA VAL D 456 -19.01 -14.39 20.89
C VAL D 456 -18.34 -15.22 21.98
N VAL D 457 -18.22 -16.52 21.73
CA VAL D 457 -17.78 -17.50 22.71
C VAL D 457 -16.88 -18.53 22.04
N LYS D 458 -15.86 -18.99 22.77
CA LYS D 458 -14.94 -20.00 22.28
C LYS D 458 -15.33 -21.38 22.81
N ILE D 459 -15.27 -22.38 21.94
CA ILE D 459 -15.61 -23.77 22.28
C ILE D 459 -14.32 -24.56 22.41
N GLU D 460 -14.11 -25.19 23.57
CA GLU D 460 -12.91 -25.99 23.79
C GLU D 460 -13.25 -27.48 23.67
N PRO D 461 -12.84 -28.13 22.58
CA PRO D 461 -13.16 -29.56 22.44
C PRO D 461 -12.51 -30.45 23.48
N LEU D 462 -11.44 -29.99 24.13
CA LEU D 462 -10.71 -30.82 25.07
C LEU D 462 -11.52 -31.07 26.34
N GLY D 463 -11.13 -32.12 27.05
CA GLY D 463 -11.77 -32.47 28.32
C GLY D 463 -11.19 -33.73 28.93
N VAL D 464 -10.94 -33.71 30.24
CA VAL D 464 -10.38 -34.86 30.95
C VAL D 464 -11.15 -35.05 32.25
N ALA D 465 -11.86 -36.17 32.36
CA ALA D 465 -12.74 -36.41 33.50
C ALA D 465 -12.52 -37.82 34.05
N PRO D 466 -12.71 -38.01 35.35
CA PRO D 466 -12.56 -39.35 35.93
C PRO D 466 -13.60 -40.33 35.43
N THR D 467 -13.22 -41.60 35.38
CA THR D 467 -14.13 -42.69 35.06
C THR D 467 -13.48 -44.00 35.49
N ARG D 468 -14.15 -45.11 35.19
CA ARG D 468 -13.68 -46.43 35.58
C ARG D 468 -12.78 -47.09 34.54
N CYS D 469 -12.47 -46.41 33.44
CA CYS D 469 -11.63 -46.98 32.41
C CYS D 469 -10.16 -46.87 32.81
N LYS D 470 -9.47 -48.00 32.81
CA LYS D 470 -8.02 -48.05 32.95
C LYS D 470 -7.45 -48.55 31.63
N ARG D 471 -6.44 -47.84 31.13
CA ARG D 471 -5.89 -48.16 29.80
C ARG D 471 -5.39 -49.59 29.76
N ARG D 472 -5.64 -50.25 28.63
CA ARG D 472 -5.20 -51.63 28.45
C ARG D 472 -3.70 -51.75 28.64
N VAL D 473 -3.28 -52.81 29.32
CA VAL D 473 -1.86 -53.02 29.60
C VAL D 473 -1.11 -53.19 28.29
N VAL D 474 0.08 -52.60 28.24
CA VAL D 474 0.93 -52.65 27.05
C VAL D 474 1.28 -54.09 26.69
N LEU E 9 -29.34 -32.32 16.47
CA LEU E 9 -28.54 -32.56 15.27
C LEU E 9 -27.83 -31.29 14.82
N GLY E 10 -28.29 -30.16 15.34
CA GLY E 10 -27.64 -28.90 15.06
C GLY E 10 -26.33 -28.74 15.82
N PHE E 11 -25.59 -27.70 15.46
CA PHE E 11 -24.30 -27.44 16.09
C PHE E 11 -24.48 -27.06 17.56
N LEU E 12 -23.61 -27.61 18.40
CA LEU E 12 -23.59 -27.34 19.85
C LEU E 12 -24.93 -27.70 20.50
N GLY E 13 -25.55 -28.80 20.05
CA GLY E 13 -26.81 -29.24 20.62
C GLY E 13 -26.68 -29.89 21.98
N ALA E 14 -25.46 -30.27 22.37
CA ALA E 14 -25.25 -30.98 23.64
C ALA E 14 -25.24 -30.07 24.84
N ALA E 15 -25.38 -28.75 24.67
CA ALA E 15 -25.36 -27.85 25.81
C ALA E 15 -26.53 -28.11 26.74
N GLY E 16 -27.68 -28.50 26.18
CA GLY E 16 -28.84 -28.80 26.99
C GLY E 16 -28.90 -30.25 27.42
N SER E 17 -27.77 -30.94 27.33
CA SER E 17 -27.68 -32.36 27.67
C SER E 17 -26.62 -32.56 28.75
N THR E 18 -26.74 -33.68 29.46
CA THR E 18 -25.74 -34.06 30.45
C THR E 18 -24.50 -34.60 29.76
N MET E 19 -23.50 -34.99 30.55
CA MET E 19 -22.28 -35.56 29.98
C MET E 19 -22.56 -36.86 29.22
N GLY E 20 -23.39 -37.72 29.78
CA GLY E 20 -23.70 -38.97 29.09
C GLY E 20 -24.41 -38.75 27.78
N ALA E 21 -25.35 -37.81 27.74
CA ALA E 21 -26.08 -37.52 26.52
C ALA E 21 -25.24 -36.73 25.51
N ALA E 22 -24.22 -36.02 25.97
CA ALA E 22 -23.36 -35.28 25.05
C ALA E 22 -22.43 -36.18 24.24
N SER E 23 -22.38 -37.47 24.55
CA SER E 23 -21.45 -38.42 23.93
C SER E 23 -21.84 -38.83 22.50
N MET E 24 -22.84 -38.26 21.84
CA MET E 24 -23.19 -38.67 20.48
C MET E 24 -22.96 -37.61 19.42
N THR E 25 -22.51 -36.42 19.78
CA THR E 25 -22.38 -35.30 18.85
C THR E 25 -20.94 -34.79 18.75
N LEU E 26 -19.97 -35.57 19.23
CA LEU E 26 -18.58 -35.14 19.25
C LEU E 26 -18.08 -34.81 17.85
N THR E 27 -18.32 -35.70 16.90
CA THR E 27 -17.91 -35.44 15.52
C THR E 27 -18.67 -34.25 14.93
N VAL E 28 -19.91 -34.03 15.37
CA VAL E 28 -20.67 -32.89 14.87
C VAL E 28 -20.01 -31.58 15.29
N GLN E 29 -19.58 -31.47 16.55
CA GLN E 29 -18.82 -30.28 16.93
C GLN E 29 -17.49 -30.22 16.21
N ALA E 30 -16.80 -31.36 16.08
CA ALA E 30 -15.46 -31.35 15.49
C ALA E 30 -15.48 -31.02 14.00
N ARG E 31 -16.63 -31.17 13.33
CA ARG E 31 -16.68 -30.93 11.89
C ARG E 31 -16.32 -29.50 11.53
N ASN E 32 -16.84 -28.53 12.28
CA ASN E 32 -16.63 -27.11 11.98
C ASN E 32 -15.62 -26.45 12.91
N LEU E 33 -14.79 -27.24 13.60
CA LEU E 33 -13.79 -26.65 14.49
C LEU E 33 -12.83 -25.74 13.72
N LEU E 34 -12.34 -26.22 12.58
CA LEU E 34 -11.44 -25.44 11.74
C LEU E 34 -12.04 -25.13 10.36
N SER E 35 -13.13 -25.80 9.98
CA SER E 35 -13.78 -25.54 8.71
C SER E 35 -14.71 -24.34 8.80
N LEU E 57 -4.95 -5.89 -1.44
CA LEU E 57 -4.30 -4.90 -0.60
C LEU E 57 -5.18 -4.53 0.58
N THR E 58 -6.37 -5.11 0.62
CA THR E 58 -7.38 -4.68 1.58
C THR E 58 -7.09 -5.18 2.99
N VAL E 59 -7.29 -4.29 3.97
CA VAL E 59 -7.22 -4.69 5.36
C VAL E 59 -8.22 -5.79 5.65
N TRP E 60 -9.30 -5.86 4.87
CA TRP E 60 -10.23 -6.99 4.95
C TRP E 60 -9.51 -8.31 4.70
N GLY E 61 -8.82 -8.41 3.57
CA GLY E 61 -8.04 -9.61 3.27
C GLY E 61 -6.98 -9.87 4.30
N ILE E 62 -6.34 -8.81 4.81
CA ILE E 62 -5.39 -8.97 5.90
C ILE E 62 -6.07 -9.63 7.11
N LYS E 63 -7.29 -9.19 7.41
CA LYS E 63 -8.02 -9.74 8.54
C LYS E 63 -8.36 -11.21 8.33
N GLN E 64 -8.79 -11.59 7.12
CA GLN E 64 -9.05 -13.01 6.91
C GLN E 64 -7.76 -13.84 6.95
N LEU E 65 -6.64 -13.28 6.49
CA LEU E 65 -5.37 -13.98 6.64
C LEU E 65 -5.05 -14.22 8.11
N GLN E 66 -5.21 -13.19 8.93
CA GLN E 66 -4.96 -13.32 10.36
C GLN E 66 -5.89 -14.36 10.99
N ALA E 67 -7.17 -14.32 10.63
CA ALA E 67 -8.12 -15.27 11.18
C ALA E 67 -7.74 -16.70 10.81
N ARG E 68 -7.38 -16.92 9.54
CA ARG E 68 -7.01 -18.26 9.09
C ARG E 68 -5.77 -18.75 9.82
N VAL E 69 -4.75 -17.89 9.96
CA VAL E 69 -3.51 -18.36 10.60
C VAL E 69 -3.73 -18.62 12.08
N LEU E 70 -4.54 -17.78 12.75
CA LEU E 70 -4.85 -18.05 14.16
C LEU E 70 -5.63 -19.36 14.32
N ALA E 71 -6.61 -19.59 13.44
CA ALA E 71 -7.38 -20.82 13.52
C ALA E 71 -6.49 -22.04 13.33
N VAL E 72 -5.60 -22.00 12.32
CA VAL E 72 -4.77 -23.15 12.06
C VAL E 72 -3.75 -23.35 13.18
N GLU E 73 -3.22 -22.27 13.75
CA GLU E 73 -2.25 -22.45 14.82
C GLU E 73 -2.91 -23.03 16.06
N ARG E 74 -4.15 -22.62 16.36
CA ARG E 74 -4.84 -23.21 17.51
C ARG E 74 -5.19 -24.68 17.25
N TYR E 75 -5.60 -25.01 16.02
CA TYR E 75 -5.87 -26.39 15.69
C TYR E 75 -4.62 -27.25 15.82
N LEU E 76 -3.47 -26.73 15.37
CA LEU E 76 -2.22 -27.47 15.55
C LEU E 76 -1.79 -27.53 17.01
N ARG E 77 -2.11 -26.52 17.81
CA ARG E 77 -1.93 -26.64 19.26
C ARG E 77 -2.65 -27.87 19.77
N ASP E 78 -3.94 -27.99 19.44
CA ASP E 78 -4.72 -29.13 19.92
C ASP E 78 -4.15 -30.45 19.39
N GLN E 79 -3.76 -30.47 18.12
CA GLN E 79 -3.27 -31.72 17.53
C GLN E 79 -1.90 -32.12 18.08
N GLN E 80 -1.03 -31.15 18.38
CA GLN E 80 0.25 -31.51 18.99
C GLN E 80 0.06 -31.96 20.43
N LEU E 81 -0.92 -31.40 21.14
CA LEU E 81 -1.29 -31.97 22.44
C LEU E 81 -1.74 -33.42 22.29
N LEU E 82 -2.58 -33.68 21.28
CA LEU E 82 -3.03 -35.05 21.05
C LEU E 82 -1.86 -35.98 20.74
N GLY E 83 -0.91 -35.50 19.94
CA GLY E 83 0.26 -36.31 19.63
C GLY E 83 1.13 -36.57 20.84
N ILE E 84 1.28 -35.57 21.71
CA ILE E 84 2.05 -35.76 22.95
C ILE E 84 1.38 -36.81 23.83
N TRP E 85 0.05 -36.76 23.94
CA TRP E 85 -0.67 -37.67 24.81
C TRP E 85 -1.01 -39.01 24.15
N GLY E 86 -0.68 -39.18 22.87
CA GLY E 86 -0.89 -40.46 22.22
C GLY E 86 -2.34 -40.74 21.91
N CYS E 87 -3.22 -39.80 22.27
CA CYS E 87 -4.65 -39.91 22.02
C CYS E 87 -5.04 -39.28 20.68
N SER E 88 -4.08 -39.05 19.80
CA SER E 88 -4.37 -38.43 18.51
C SER E 88 -5.26 -39.32 17.67
N GLY E 89 -6.22 -38.69 16.99
CA GLY E 89 -7.16 -39.40 16.15
C GLY E 89 -8.29 -40.08 16.89
N LYS E 90 -8.34 -39.95 18.21
CA LYS E 90 -9.38 -40.57 19.03
C LYS E 90 -10.14 -39.50 19.80
N LEU E 91 -11.47 -39.61 19.80
CA LEU E 91 -12.28 -38.65 20.53
C LEU E 91 -12.26 -38.90 22.03
N ILE E 92 -12.12 -40.15 22.45
CA ILE E 92 -11.97 -40.51 23.85
C ILE E 92 -10.69 -41.32 24.01
N CYS E 93 -10.02 -41.12 25.14
CA CYS E 93 -8.73 -41.77 25.38
C CYS E 93 -8.62 -41.98 26.89
N CYS E 94 -9.03 -43.17 27.35
CA CYS E 94 -9.04 -43.44 28.79
C CYS E 94 -7.65 -43.88 29.23
N THR E 95 -7.11 -43.18 30.22
CA THR E 95 -5.71 -43.29 30.61
C THR E 95 -5.56 -44.17 31.85
N ASN E 96 -4.31 -44.30 32.29
CA ASN E 96 -3.97 -45.00 33.51
C ASN E 96 -3.71 -44.05 34.68
N VAL E 97 -4.02 -42.77 34.53
CA VAL E 97 -3.66 -41.76 35.51
C VAL E 97 -4.72 -41.66 36.61
N PRO E 98 -4.40 -42.01 37.85
CA PRO E 98 -5.30 -41.72 38.96
C PRO E 98 -5.18 -40.26 39.37
N TRP E 99 -6.16 -39.82 40.17
CA TRP E 99 -6.26 -38.43 40.59
C TRP E 99 -6.52 -38.36 42.08
N ASN E 100 -5.90 -37.38 42.74
CA ASN E 100 -6.22 -37.15 44.14
C ASN E 100 -7.61 -36.51 44.24
N SER E 101 -8.37 -36.96 45.23
CA SER E 101 -9.80 -36.65 45.31
C SER E 101 -10.09 -35.32 45.98
N SER E 102 -9.08 -34.56 46.40
CA SER E 102 -9.32 -33.27 47.03
C SER E 102 -9.95 -32.27 46.06
N TRP E 103 -9.86 -32.53 44.76
CA TRP E 103 -10.29 -31.55 43.77
C TRP E 103 -11.82 -31.49 43.63
N SER E 104 -12.49 -32.63 43.68
CA SER E 104 -13.94 -32.70 43.55
C SER E 104 -14.50 -33.64 44.61
N ASN E 105 -15.74 -33.36 45.02
CA ASN E 105 -16.42 -34.14 46.05
C ASN E 105 -17.70 -34.77 45.51
N ARG E 106 -17.72 -35.08 44.23
CA ARG E 106 -18.87 -35.72 43.58
C ARG E 106 -18.44 -37.09 43.05
N ASN E 107 -19.39 -38.00 42.97
CA ASN E 107 -19.15 -39.36 42.52
C ASN E 107 -19.86 -39.65 41.20
N LEU E 108 -19.42 -40.72 40.54
CA LEU E 108 -19.51 -40.85 39.08
C LEU E 108 -20.95 -40.74 38.57
N SER E 109 -21.89 -41.45 39.18
CA SER E 109 -23.26 -41.42 38.65
C SER E 109 -23.88 -40.04 38.82
N GLU E 110 -23.82 -39.49 40.03
CA GLU E 110 -24.34 -38.16 40.32
C GLU E 110 -23.56 -37.04 39.63
N ILE E 111 -22.42 -37.36 39.04
CA ILE E 111 -21.74 -36.43 38.13
C ILE E 111 -22.39 -36.56 36.77
N TRP E 112 -22.26 -37.75 36.18
CA TRP E 112 -22.55 -37.94 34.76
C TRP E 112 -24.02 -37.62 34.43
N ASP E 113 -24.95 -38.13 35.24
CA ASP E 113 -26.31 -38.26 34.73
C ASP E 113 -27.17 -37.00 34.84
N ASN E 114 -26.72 -35.97 35.57
CA ASN E 114 -27.61 -34.87 35.91
C ASN E 114 -27.03 -33.47 35.74
N MET E 115 -25.75 -33.35 35.39
CA MET E 115 -25.03 -32.10 35.53
C MET E 115 -24.35 -31.77 34.21
N THR E 116 -23.93 -30.52 34.04
CA THR E 116 -23.50 -29.99 32.74
C THR E 116 -21.98 -29.90 32.65
N TRP E 117 -21.46 -30.17 31.44
CA TRP E 117 -20.01 -30.23 31.24
C TRP E 117 -19.30 -29.00 31.79
N LEU E 118 -19.90 -27.82 31.70
CA LEU E 118 -19.14 -26.66 32.14
C LEU E 118 -19.42 -26.26 33.59
N GLN E 119 -20.50 -26.74 34.20
CA GLN E 119 -20.50 -26.71 35.66
C GLN E 119 -19.36 -27.56 36.17
N TRP E 120 -19.17 -28.75 35.57
CA TRP E 120 -17.99 -29.55 35.86
C TRP E 120 -16.70 -28.80 35.53
N ASP E 121 -16.66 -28.09 34.40
CA ASP E 121 -15.45 -27.41 33.97
C ASP E 121 -15.12 -26.22 34.86
N LYS E 122 -16.12 -25.51 35.37
CA LYS E 122 -15.87 -24.47 36.35
C LYS E 122 -15.39 -25.07 37.67
N GLU E 123 -15.87 -26.27 38.00
CA GLU E 123 -15.33 -26.96 39.17
C GLU E 123 -13.86 -27.32 38.98
N ILE E 124 -13.49 -27.74 37.77
CA ILE E 124 -12.17 -28.32 37.51
C ILE E 124 -11.19 -27.32 36.90
N SER E 125 -11.63 -26.10 36.62
CA SER E 125 -10.93 -25.23 35.68
C SER E 125 -9.53 -24.83 36.14
N ASN E 126 -9.24 -24.96 37.43
CA ASN E 126 -7.98 -24.53 38.00
C ASN E 126 -6.90 -25.61 38.03
N TYR E 127 -7.26 -26.89 38.14
CA TYR E 127 -6.29 -27.98 38.18
C TYR E 127 -5.84 -28.43 36.79
N THR E 128 -6.18 -27.66 35.75
CA THR E 128 -5.87 -28.08 34.39
C THR E 128 -4.37 -28.14 34.14
N GLN E 129 -3.61 -27.22 34.72
CA GLN E 129 -2.15 -27.25 34.55
C GLN E 129 -1.56 -28.50 35.21
N ILE E 130 -2.09 -28.89 36.37
CA ILE E 130 -1.61 -30.08 37.04
C ILE E 130 -1.97 -31.33 36.24
N ILE E 131 -3.18 -31.36 35.67
CA ILE E 131 -3.53 -32.45 34.75
C ILE E 131 -2.56 -32.49 33.57
N TYR E 132 -2.28 -31.34 32.97
CA TYR E 132 -1.30 -31.24 31.91
C TYR E 132 0.01 -31.94 32.30
N GLY E 133 0.62 -31.44 33.36
CA GLY E 133 1.94 -31.95 33.75
C GLY E 133 1.92 -33.42 34.12
N LEU E 134 0.94 -33.83 34.94
CA LEU E 134 0.86 -35.22 35.38
C LEU E 134 0.60 -36.15 34.22
N LEU E 135 -0.52 -35.94 33.53
CA LEU E 135 -0.90 -36.79 32.40
C LEU E 135 0.19 -36.86 31.35
N GLU E 136 1.00 -35.81 31.21
CA GLU E 136 2.12 -35.91 30.27
C GLU E 136 3.26 -36.72 30.86
N GLU E 137 3.91 -36.21 31.90
CA GLU E 137 5.19 -36.75 32.36
C GLU E 137 5.04 -38.11 33.06
N SER E 138 4.07 -38.23 33.97
CA SER E 138 3.99 -39.44 34.79
C SER E 138 3.70 -40.68 33.95
N GLN E 139 3.01 -40.52 32.82
CA GLN E 139 2.55 -41.67 32.06
C GLN E 139 3.09 -41.75 30.65
N ASN E 140 3.01 -40.68 29.84
CA ASN E 140 3.29 -40.84 28.42
C ASN E 140 4.75 -41.24 28.18
N GLN E 141 5.68 -40.51 28.78
CA GLN E 141 7.10 -40.79 28.56
C GLN E 141 7.50 -42.14 29.17
N GLN E 142 7.00 -42.45 30.35
CA GLN E 142 7.32 -43.74 30.97
C GLN E 142 6.77 -44.90 30.12
N GLU E 143 5.56 -44.74 29.58
CA GLU E 143 5.01 -45.77 28.72
C GLU E 143 5.81 -45.91 27.44
N LYS E 144 6.29 -44.80 26.88
CA LYS E 144 7.17 -44.87 25.71
C LYS E 144 8.45 -45.62 26.04
N ASN E 145 9.01 -45.36 27.22
CA ASN E 145 10.18 -46.11 27.66
C ASN E 145 9.87 -47.60 27.77
N GLU E 146 8.68 -47.93 28.26
CA GLU E 146 8.29 -49.34 28.37
C GLU E 146 8.12 -49.98 27.00
N GLN E 147 7.58 -49.23 26.03
CA GLN E 147 7.50 -49.74 24.66
C GLN E 147 8.89 -50.01 24.09
N ASP E 148 9.83 -49.09 24.34
CA ASP E 148 11.20 -49.30 23.88
C ASP E 148 11.81 -50.53 24.53
N LEU E 149 11.60 -50.71 25.83
CA LEU E 149 12.12 -51.88 26.52
C LEU E 149 11.50 -53.17 25.97
N LEU E 150 10.19 -53.15 25.70
CA LEU E 150 9.53 -54.33 25.14
C LEU E 150 10.05 -54.65 23.76
N ALA E 151 10.26 -53.63 22.92
CA ALA E 151 10.80 -53.85 21.58
C ALA E 151 12.28 -54.23 21.62
N LEU E 152 12.97 -53.97 22.74
CA LEU E 152 14.36 -54.36 22.85
C LEU E 152 14.52 -55.88 22.75
N ASP E 153 13.64 -56.63 23.39
CA ASP E 153 13.69 -58.08 23.35
C ASP E 153 12.75 -58.62 22.28
N LEU F 9 6.68 -44.26 -14.17
CA LEU F 9 6.66 -44.05 -12.72
C LEU F 9 6.51 -42.57 -12.40
N GLY F 10 6.23 -41.77 -13.42
CA GLY F 10 6.04 -40.35 -13.22
C GLY F 10 4.70 -40.02 -12.60
N PHE F 11 4.51 -38.73 -12.33
CA PHE F 11 3.27 -38.27 -11.73
C PHE F 11 2.10 -38.44 -12.69
N LEU F 12 0.95 -38.85 -12.14
CA LEU F 12 -0.27 -39.08 -12.91
C LEU F 12 -0.08 -40.18 -13.96
N GLY F 13 0.81 -41.13 -13.68
CA GLY F 13 1.03 -42.23 -14.61
C GLY F 13 -0.17 -43.14 -14.74
N ALA F 14 -0.94 -43.30 -13.66
CA ALA F 14 -2.07 -44.22 -13.66
C ALA F 14 -3.26 -43.72 -14.46
N ALA F 15 -3.23 -42.47 -14.94
CA ALA F 15 -4.35 -41.96 -15.73
C ALA F 15 -4.62 -42.84 -16.94
N GLY F 16 -3.56 -43.35 -17.56
CA GLY F 16 -3.72 -44.28 -18.66
C GLY F 16 -4.04 -45.70 -18.25
N SER F 17 -3.94 -46.01 -16.96
CA SER F 17 -4.21 -47.34 -16.46
C SER F 17 -5.63 -47.45 -15.94
N THR F 18 -6.06 -48.68 -15.70
CA THR F 18 -7.37 -48.92 -15.12
C THR F 18 -7.38 -48.54 -13.64
N MET F 19 -8.59 -48.40 -13.09
CA MET F 19 -8.71 -48.07 -11.68
C MET F 19 -8.22 -49.19 -10.79
N GLY F 20 -8.23 -50.44 -11.28
CA GLY F 20 -7.65 -51.53 -10.52
C GLY F 20 -6.14 -51.40 -10.35
N ALA F 21 -5.45 -51.04 -11.44
CA ALA F 21 -4.01 -50.89 -11.42
C ALA F 21 -3.55 -49.50 -10.97
N ALA F 22 -4.48 -48.56 -10.80
CA ALA F 22 -4.09 -47.23 -10.32
C ALA F 22 -3.61 -47.25 -8.88
N SER F 23 -3.79 -48.36 -8.17
CA SER F 23 -3.47 -48.42 -6.75
C SER F 23 -1.97 -48.35 -6.46
N MET F 24 -1.12 -48.48 -7.47
CA MET F 24 0.32 -48.49 -7.21
C MET F 24 0.98 -47.11 -7.29
N THR F 25 0.21 -46.04 -7.51
CA THR F 25 0.78 -44.71 -7.61
C THR F 25 0.28 -43.76 -6.53
N LEU F 26 -0.41 -44.27 -5.51
CA LEU F 26 -1.04 -43.41 -4.51
C LEU F 26 0.01 -42.60 -3.74
N THR F 27 1.12 -43.24 -3.38
CA THR F 27 2.18 -42.51 -2.67
C THR F 27 2.80 -41.43 -3.54
N VAL F 28 2.97 -41.72 -4.84
CA VAL F 28 3.51 -40.71 -5.74
C VAL F 28 2.55 -39.53 -5.84
N GLN F 29 1.25 -39.81 -5.89
CA GLN F 29 0.27 -38.73 -5.93
C GLN F 29 0.31 -37.91 -4.63
N ALA F 30 0.43 -38.57 -3.49
CA ALA F 30 0.42 -37.87 -2.21
C ALA F 30 1.72 -37.11 -1.95
N ARG F 31 2.81 -37.47 -2.64
CA ARG F 31 4.10 -36.87 -2.35
C ARG F 31 4.09 -35.35 -2.56
N ASN F 32 3.50 -34.88 -3.65
CA ASN F 32 3.58 -33.47 -4.01
C ASN F 32 2.38 -32.66 -3.54
N LEU F 33 1.69 -33.11 -2.49
CA LEU F 33 0.61 -32.31 -1.92
C LEU F 33 1.11 -31.08 -1.20
N LEU F 34 2.41 -30.98 -0.95
CA LEU F 34 2.98 -29.84 -0.24
C LEU F 34 4.27 -29.37 -0.90
N LEU F 57 6.42 -5.11 -1.06
CA LEU F 57 5.29 -6.02 -1.13
C LEU F 57 4.77 -6.13 -2.56
N THR F 58 4.94 -7.30 -3.16
CA THR F 58 4.66 -7.53 -4.58
C THR F 58 3.40 -8.36 -4.74
N VAL F 59 2.64 -8.07 -5.80
CA VAL F 59 1.41 -8.82 -6.08
C VAL F 59 1.72 -10.30 -6.25
N TRP F 60 2.90 -10.63 -6.81
CA TRP F 60 3.29 -12.02 -6.93
C TRP F 60 3.46 -12.65 -5.55
N GLY F 61 4.05 -11.92 -4.61
CA GLY F 61 4.14 -12.41 -3.24
C GLY F 61 2.77 -12.58 -2.59
N ILE F 62 1.86 -11.64 -2.88
CA ILE F 62 0.50 -11.73 -2.33
C ILE F 62 -0.17 -13.02 -2.82
N LYS F 63 -0.12 -13.26 -4.13
CA LYS F 63 -0.73 -14.46 -4.67
C LYS F 63 0.00 -15.72 -4.21
N GLN F 64 1.32 -15.64 -4.02
CA GLN F 64 2.08 -16.76 -3.51
C GLN F 64 1.61 -17.15 -2.12
N LEU F 65 1.46 -16.16 -1.23
CA LEU F 65 0.95 -16.42 0.10
C LEU F 65 -0.46 -16.99 0.04
N GLN F 66 -1.33 -16.40 -0.78
CA GLN F 66 -2.71 -16.86 -0.86
C GLN F 66 -2.78 -18.31 -1.34
N ALA F 67 -2.00 -18.65 -2.36
CA ALA F 67 -2.03 -20.01 -2.89
C ALA F 67 -1.46 -21.01 -1.89
N ARG F 68 -0.33 -20.67 -1.24
CA ARG F 68 0.23 -21.57 -0.25
C ARG F 68 -0.77 -21.84 0.86
N VAL F 69 -1.36 -20.78 1.41
CA VAL F 69 -2.30 -21.02 2.49
C VAL F 69 -3.48 -21.83 1.98
N LEU F 70 -4.04 -21.48 0.81
CA LEU F 70 -5.20 -22.19 0.28
C LEU F 70 -4.93 -23.68 0.16
N ALA F 71 -3.74 -24.04 -0.32
CA ALA F 71 -3.36 -25.44 -0.35
C ALA F 71 -3.32 -26.03 1.07
N VAL F 72 -2.84 -25.23 2.04
CA VAL F 72 -2.77 -25.74 3.41
C VAL F 72 -4.17 -26.05 3.95
N GLU F 73 -5.12 -25.11 3.78
CA GLU F 73 -6.45 -25.41 4.29
C GLU F 73 -7.10 -26.55 3.52
N ARG F 74 -6.84 -26.67 2.22
CA ARG F 74 -7.32 -27.84 1.49
C ARG F 74 -6.83 -29.14 2.13
N TYR F 75 -5.52 -29.24 2.33
CA TYR F 75 -4.97 -30.48 2.89
C TYR F 75 -5.51 -30.75 4.27
N LEU F 76 -5.64 -29.71 5.09
CA LEU F 76 -6.24 -29.90 6.41
C LEU F 76 -7.71 -30.30 6.33
N ARG F 77 -8.46 -29.80 5.34
CA ARG F 77 -9.84 -30.23 5.18
C ARG F 77 -9.89 -31.73 4.93
N ASP F 78 -9.08 -32.20 3.99
CA ASP F 78 -9.08 -33.63 3.66
C ASP F 78 -8.62 -34.46 4.85
N GLN F 79 -7.62 -33.97 5.59
CA GLN F 79 -7.17 -34.70 6.77
C GLN F 79 -8.22 -34.70 7.87
N GLN F 80 -9.00 -33.61 7.99
CA GLN F 80 -10.14 -33.61 8.90
C GLN F 80 -11.12 -34.72 8.54
N LEU F 81 -11.47 -34.81 7.26
CA LEU F 81 -12.42 -35.85 6.86
C LEU F 81 -11.85 -37.23 7.14
N LEU F 82 -10.58 -37.46 6.83
CA LEU F 82 -9.97 -38.76 7.08
C LEU F 82 -9.97 -39.10 8.57
N GLY F 83 -9.63 -38.12 9.42
CA GLY F 83 -9.66 -38.36 10.85
C GLY F 83 -11.06 -38.61 11.38
N ILE F 84 -12.05 -37.91 10.80
CA ILE F 84 -13.43 -38.14 11.19
C ILE F 84 -13.87 -39.55 10.82
N TRP F 85 -13.36 -40.08 9.71
CA TRP F 85 -13.65 -41.47 9.37
C TRP F 85 -12.75 -42.45 10.11
N GLY F 86 -11.70 -41.98 10.77
CA GLY F 86 -10.82 -42.84 11.53
C GLY F 86 -9.86 -43.66 10.70
N CYS F 87 -9.72 -43.35 9.41
CA CYS F 87 -8.80 -44.06 8.53
C CYS F 87 -7.56 -43.21 8.21
N SER F 88 -7.21 -42.30 9.10
CA SER F 88 -6.07 -41.42 8.88
C SER F 88 -4.76 -42.18 8.96
N GLY F 89 -3.78 -41.72 8.18
CA GLY F 89 -2.47 -42.34 8.15
C GLY F 89 -2.35 -43.55 7.26
N LYS F 90 -3.44 -43.97 6.61
CA LYS F 90 -3.42 -45.11 5.70
C LYS F 90 -3.97 -44.68 4.36
N LEU F 91 -3.26 -45.04 3.29
CA LEU F 91 -3.74 -44.71 1.95
C LEU F 91 -5.01 -45.46 1.61
N ILE F 92 -5.24 -46.62 2.23
CA ILE F 92 -6.40 -47.46 1.97
C ILE F 92 -7.08 -47.75 3.29
N CYS F 93 -8.41 -47.70 3.30
CA CYS F 93 -9.18 -48.04 4.49
C CYS F 93 -10.31 -48.99 4.10
N CYS F 94 -10.46 -50.05 4.89
CA CYS F 94 -11.48 -51.08 4.65
C CYS F 94 -12.58 -50.91 5.70
N THR F 95 -13.59 -50.11 5.35
CA THR F 95 -14.73 -49.90 6.22
C THR F 95 -15.76 -51.02 6.00
N ASN F 96 -16.52 -51.30 7.05
CA ASN F 96 -17.50 -52.39 7.05
C ASN F 96 -18.84 -52.00 6.43
N VAL F 97 -18.98 -50.77 5.95
CA VAL F 97 -20.26 -50.28 5.44
C VAL F 97 -20.53 -50.80 4.03
N PRO F 98 -21.63 -51.51 3.81
CA PRO F 98 -22.09 -51.78 2.44
C PRO F 98 -22.86 -50.58 1.89
N TRP F 99 -22.90 -50.50 0.56
CA TRP F 99 -23.49 -49.38 -0.15
C TRP F 99 -24.56 -49.89 -1.12
N ASN F 100 -25.68 -49.16 -1.24
CA ASN F 100 -26.63 -49.48 -2.31
C ASN F 100 -26.04 -49.52 -3.70
N SER F 101 -26.12 -50.71 -4.31
CA SER F 101 -25.67 -50.95 -5.68
C SER F 101 -26.56 -50.27 -6.71
N SER F 102 -27.71 -49.71 -6.32
CA SER F 102 -28.53 -48.96 -7.25
C SER F 102 -27.78 -47.77 -7.83
N TRP F 103 -26.74 -47.30 -7.14
CA TRP F 103 -25.92 -46.20 -7.65
C TRP F 103 -25.13 -46.62 -8.88
N SER F 104 -24.64 -47.86 -8.91
CA SER F 104 -23.93 -48.37 -10.08
C SER F 104 -24.08 -49.90 -10.09
N ASN F 105 -24.96 -50.40 -10.96
CA ASN F 105 -25.27 -51.82 -11.02
C ASN F 105 -24.32 -52.53 -11.98
N ARG F 106 -23.05 -52.62 -11.54
CA ARG F 106 -22.00 -53.26 -12.32
C ARG F 106 -21.10 -54.07 -11.41
N ASN F 107 -20.58 -55.17 -11.94
CA ASN F 107 -19.69 -56.05 -11.18
C ASN F 107 -18.26 -55.52 -11.13
N LEU F 108 -17.61 -55.80 -9.98
CA LEU F 108 -16.33 -55.19 -9.65
C LEU F 108 -15.25 -55.57 -10.65
N SER F 109 -15.36 -56.74 -11.29
CA SER F 109 -14.40 -57.13 -12.29
C SER F 109 -14.37 -56.14 -13.44
N GLU F 110 -15.53 -55.84 -14.02
CA GLU F 110 -15.60 -54.86 -15.09
C GLU F 110 -15.38 -53.43 -14.57
N ILE F 111 -15.67 -53.18 -13.29
CA ILE F 111 -15.35 -51.89 -12.70
C ILE F 111 -13.85 -51.65 -12.72
N TRP F 112 -13.07 -52.61 -12.23
CA TRP F 112 -11.65 -52.40 -12.02
C TRP F 112 -10.84 -52.63 -13.29
N ASP F 113 -11.22 -53.62 -14.11
CA ASP F 113 -10.40 -54.01 -15.24
C ASP F 113 -10.70 -53.22 -16.51
N ASN F 114 -11.83 -52.52 -16.59
CA ASN F 114 -12.20 -51.79 -17.79
C ASN F 114 -12.31 -50.29 -17.58
N MET F 115 -13.12 -49.85 -16.62
CA MET F 115 -13.37 -48.43 -16.44
C MET F 115 -12.20 -47.76 -15.73
N THR F 116 -11.87 -46.55 -16.18
CA THR F 116 -10.87 -45.76 -15.48
C THR F 116 -11.45 -45.19 -14.20
N TRP F 117 -10.56 -44.79 -13.30
CA TRP F 117 -10.99 -44.22 -12.02
C TRP F 117 -11.80 -42.95 -12.25
N LEU F 118 -11.41 -42.15 -13.24
CA LEU F 118 -12.18 -40.97 -13.61
C LEU F 118 -13.61 -41.32 -13.97
N GLN F 119 -13.79 -42.31 -14.84
CA GLN F 119 -15.14 -42.64 -15.29
C GLN F 119 -15.96 -43.24 -14.15
N TRP F 120 -15.32 -43.98 -13.25
CA TRP F 120 -16.03 -44.41 -12.05
C TRP F 120 -16.51 -43.22 -11.24
N ASP F 121 -15.65 -42.21 -11.07
CA ASP F 121 -16.05 -41.01 -10.33
C ASP F 121 -17.18 -40.27 -11.06
N LYS F 122 -17.12 -40.20 -12.38
CA LYS F 122 -18.17 -39.57 -13.15
C LYS F 122 -19.50 -40.28 -12.95
N GLU F 123 -19.47 -41.61 -12.92
CA GLU F 123 -20.70 -42.37 -12.72
C GLU F 123 -21.23 -42.22 -11.31
N ILE F 124 -20.35 -42.08 -10.31
CA ILE F 124 -20.74 -42.04 -8.91
C ILE F 124 -20.76 -40.61 -8.35
N SER F 125 -20.74 -39.60 -9.22
CA SER F 125 -20.47 -38.24 -8.78
C SER F 125 -21.52 -37.69 -7.82
N ASN F 126 -22.79 -38.05 -8.01
CA ASN F 126 -23.86 -37.30 -7.34
C ASN F 126 -24.24 -37.85 -5.96
N TYR F 127 -24.12 -39.15 -5.72
CA TYR F 127 -24.44 -39.71 -4.41
C TYR F 127 -23.36 -39.46 -3.37
N THR F 128 -22.40 -38.59 -3.69
CA THR F 128 -21.23 -38.43 -2.84
C THR F 128 -21.62 -38.00 -1.43
N GLN F 129 -22.42 -36.95 -1.29
CA GLN F 129 -22.71 -36.40 0.03
C GLN F 129 -23.48 -37.40 0.89
N ILE F 130 -24.39 -38.16 0.29
CA ILE F 130 -25.08 -39.22 1.01
C ILE F 130 -24.07 -40.25 1.50
N ILE F 131 -23.11 -40.60 0.64
CA ILE F 131 -22.06 -41.53 1.05
C ILE F 131 -21.26 -40.97 2.22
N TYR F 132 -20.89 -39.69 2.14
CA TYR F 132 -20.13 -39.07 3.22
C TYR F 132 -20.90 -39.13 4.52
N GLY F 133 -22.20 -38.81 4.48
CA GLY F 133 -23.00 -38.83 5.69
C GLY F 133 -23.14 -40.22 6.28
N LEU F 134 -23.39 -41.21 5.42
CA LEU F 134 -23.61 -42.56 5.96
C LEU F 134 -22.31 -43.14 6.51
N LEU F 135 -21.18 -42.94 5.82
CA LEU F 135 -19.90 -43.35 6.38
C LEU F 135 -19.60 -42.63 7.69
N GLU F 136 -19.86 -41.31 7.76
CA GLU F 136 -19.51 -40.60 8.99
C GLU F 136 -20.35 -41.09 10.17
N GLU F 137 -21.65 -41.34 9.96
CA GLU F 137 -22.54 -41.60 11.09
C GLU F 137 -22.77 -43.10 11.33
N SER F 138 -23.27 -43.83 10.32
CA SER F 138 -23.78 -45.17 10.56
C SER F 138 -22.71 -46.13 11.07
N GLN F 139 -21.43 -45.80 10.89
CA GLN F 139 -20.34 -46.67 11.31
C GLN F 139 -19.51 -46.07 12.43
N ASN F 140 -18.99 -44.85 12.24
CA ASN F 140 -17.88 -44.39 13.09
C ASN F 140 -18.32 -44.16 14.53
N GLN F 141 -19.40 -43.38 14.74
CA GLN F 141 -19.77 -43.08 16.11
C GLN F 141 -20.33 -44.31 16.81
N GLN F 142 -21.02 -45.18 16.07
CA GLN F 142 -21.52 -46.41 16.66
C GLN F 142 -20.38 -47.32 17.10
N GLU F 143 -19.34 -47.47 16.26
CA GLU F 143 -18.21 -48.30 16.65
C GLU F 143 -17.39 -47.64 17.76
N LYS F 144 -17.33 -46.31 17.77
CA LYS F 144 -16.68 -45.61 18.88
C LYS F 144 -17.43 -45.84 20.19
N ASN F 145 -18.75 -45.76 20.15
CA ASN F 145 -19.55 -46.02 21.35
C ASN F 145 -19.40 -47.46 21.82
N GLU F 146 -19.39 -48.41 20.88
CA GLU F 146 -19.20 -49.81 21.25
C GLU F 146 -17.78 -50.06 21.77
N GLN F 147 -16.78 -49.34 21.25
CA GLN F 147 -15.44 -49.42 21.79
C GLN F 147 -15.40 -48.92 23.22
N ASP F 148 -16.11 -47.82 23.49
CA ASP F 148 -16.21 -47.33 24.87
C ASP F 148 -16.89 -48.36 25.77
N LEU F 149 -17.95 -48.99 25.27
CA LEU F 149 -18.65 -50.01 26.05
C LEU F 149 -17.75 -51.20 26.34
N LEU F 150 -16.97 -51.62 25.35
CA LEU F 150 -16.03 -52.72 25.55
C LEU F 150 -14.93 -52.35 26.53
N ALA F 151 -14.42 -51.11 26.42
CA ALA F 151 -13.40 -50.64 27.36
C ALA F 151 -13.95 -50.50 28.77
N LEU F 152 -15.27 -50.34 28.92
CA LEU F 152 -15.87 -50.38 30.25
C LEU F 152 -15.59 -51.71 30.93
N ASP F 153 -15.68 -52.81 30.18
CA ASP F 153 -15.39 -54.13 30.72
C ASP F 153 -13.91 -54.47 30.53
N GLN G 24 -6.50 65.93 -0.58
CA GLN G 24 -5.37 65.61 -1.44
C GLN G 24 -4.07 65.49 -0.65
N VAL G 25 -3.14 64.70 -1.17
CA VAL G 25 -1.84 64.51 -0.54
C VAL G 25 -0.88 65.57 -1.06
N GLN G 26 -0.19 66.25 -0.16
CA GLN G 26 0.76 67.29 -0.53
C GLN G 26 2.10 66.67 -0.91
N LEU G 27 2.70 67.18 -1.97
CA LEU G 27 3.97 66.68 -2.48
C LEU G 27 5.03 67.77 -2.40
N VAL G 28 6.21 67.39 -1.91
CA VAL G 28 7.32 68.31 -1.72
C VAL G 28 8.52 67.81 -2.51
N GLN G 29 9.19 68.71 -3.21
CA GLN G 29 10.39 68.39 -3.97
C GLN G 29 11.48 69.40 -3.63
N SER G 30 12.72 69.04 -3.97
CA SER G 30 13.84 69.92 -3.71
C SER G 30 13.81 71.13 -4.64
N GLY G 31 14.59 72.16 -4.26
CA GLY G 31 14.61 73.39 -5.02
C GLY G 31 15.48 73.30 -6.26
N ALA G 32 15.43 74.38 -7.05
CA ALA G 32 16.21 74.45 -8.28
C ALA G 32 17.70 74.49 -7.97
N GLU G 33 18.49 73.83 -8.82
CA GLU G 33 19.92 73.71 -8.60
C GLU G 33 20.68 73.98 -9.89
N VAL G 34 21.86 74.59 -9.75
CA VAL G 34 22.78 74.82 -10.85
C VAL G 34 24.02 73.97 -10.60
N LYS G 35 24.38 73.14 -11.57
CA LYS G 35 25.44 72.16 -11.38
C LYS G 35 26.40 72.17 -12.56
N LYS G 36 27.66 71.81 -12.29
CA LYS G 36 28.66 71.71 -13.33
C LYS G 36 28.46 70.45 -14.17
N PRO G 37 28.85 70.48 -15.44
CA PRO G 37 28.70 69.28 -16.29
C PRO G 37 29.58 68.13 -15.82
N GLY G 38 29.11 66.92 -16.10
CA GLY G 38 29.87 65.73 -15.79
C GLY G 38 29.94 65.37 -14.32
N SER G 39 28.98 65.82 -13.52
CA SER G 39 28.99 65.60 -12.08
C SER G 39 27.68 64.93 -11.67
N SER G 40 27.51 64.76 -10.36
CA SER G 40 26.37 64.06 -9.79
C SER G 40 25.44 65.03 -9.06
N VAL G 41 24.15 64.73 -9.08
CA VAL G 41 23.12 65.58 -8.50
C VAL G 41 22.17 64.72 -7.68
N LYS G 42 21.83 65.20 -6.48
CA LYS G 42 20.90 64.52 -5.58
C LYS G 42 19.66 65.38 -5.39
N VAL G 43 18.49 64.72 -5.36
CA VAL G 43 17.22 65.41 -5.19
C VAL G 43 16.37 64.63 -4.19
N SER G 44 15.32 65.28 -3.67
CA SER G 44 14.47 64.73 -2.63
C SER G 44 13.01 64.87 -3.00
N CYS G 45 12.16 64.11 -2.31
CA CYS G 45 10.72 64.19 -2.48
C CYS G 45 10.05 63.76 -1.19
N LYS G 46 8.80 64.21 -1.01
CA LYS G 46 8.06 63.94 0.21
C LYS G 46 6.57 64.00 -0.09
N ALA G 47 5.80 63.11 0.55
CA ALA G 47 4.35 63.08 0.44
C ALA G 47 3.75 63.03 1.83
N SER G 48 2.73 63.86 2.07
CA SER G 48 2.07 63.87 3.37
C SER G 48 1.30 62.58 3.60
N GLY G 49 1.24 62.16 4.86
CA GLY G 49 0.52 60.95 5.21
C GLY G 49 1.20 59.66 4.82
N ASN G 50 2.45 59.72 4.37
CA ASN G 50 3.20 58.55 3.92
C ASN G 50 2.40 57.76 2.88
N SER G 51 1.88 58.48 1.89
CA SER G 51 1.11 57.86 0.81
C SER G 51 1.98 57.03 -0.13
N PHE G 52 3.31 57.09 0.01
CA PHE G 52 4.19 56.27 -0.81
C PHE G 52 3.87 54.78 -0.65
N SER G 53 3.42 54.37 0.54
CA SER G 53 3.08 52.97 0.77
C SER G 53 1.91 52.53 -0.10
N ASN G 54 0.97 53.43 -0.38
CA ASN G 54 -0.22 53.09 -1.14
C ASN G 54 -0.15 53.51 -2.60
N HIS G 55 0.83 54.32 -2.99
CA HIS G 55 0.90 54.85 -4.33
C HIS G 55 2.28 54.62 -4.93
N ASP G 56 2.30 54.24 -6.20
CA ASP G 56 3.54 53.91 -6.89
C ASP G 56 4.39 55.17 -7.09
N VAL G 57 5.67 55.08 -6.78
CA VAL G 57 6.58 56.21 -6.94
C VAL G 57 7.01 56.30 -8.39
N HIS G 58 7.12 57.52 -8.91
CA HIS G 58 7.61 57.74 -10.26
C HIS G 58 8.43 59.03 -10.31
N TRP G 59 9.21 59.14 -11.38
CA TRP G 59 10.13 60.26 -11.59
C TRP G 59 10.19 60.58 -13.08
N VAL G 60 9.80 61.80 -13.44
CA VAL G 60 9.59 62.16 -14.83
C VAL G 60 10.31 63.47 -15.13
N ARG G 61 11.08 63.48 -16.22
CA ARG G 61 11.76 64.67 -16.71
C ARG G 61 10.96 65.26 -17.88
N GLN G 62 11.05 66.57 -18.05
CA GLN G 62 10.48 67.23 -19.21
C GLN G 62 11.30 68.47 -19.51
N ALA G 63 11.55 68.70 -20.80
CA ALA G 63 12.30 69.87 -21.27
C ALA G 63 11.37 70.80 -22.04
N THR G 64 11.58 72.10 -21.87
CA THR G 64 10.69 73.10 -22.45
C THR G 64 10.72 73.02 -23.97
N GLY G 65 9.55 72.77 -24.57
CA GLY G 65 9.42 72.69 -26.00
C GLY G 65 9.49 71.31 -26.60
N GLN G 66 9.60 70.26 -25.77
CA GLN G 66 9.70 68.90 -26.25
C GLN G 66 8.69 68.01 -25.53
N GLY G 67 8.55 66.79 -26.00
CA GLY G 67 7.59 65.85 -25.47
C GLY G 67 7.92 65.41 -24.06
N LEU G 68 7.11 64.48 -23.57
CA LEU G 68 7.23 64.00 -22.20
C LEU G 68 7.92 62.64 -22.17
N GLU G 69 8.82 62.47 -21.21
CA GLU G 69 9.53 61.20 -21.06
C GLU G 69 9.55 60.80 -19.59
N TRP G 70 9.19 59.55 -19.33
CA TRP G 70 9.30 58.96 -18.00
C TRP G 70 10.70 58.44 -17.76
N MET G 71 11.25 58.68 -16.57
CA MET G 71 12.58 58.16 -16.24
C MET G 71 12.50 56.90 -15.38
N GLY G 72 11.90 57.00 -14.20
CA GLY G 72 11.95 55.90 -13.25
C GLY G 72 10.67 55.77 -12.46
N TRP G 73 10.55 54.63 -11.79
CA TRP G 73 9.35 54.32 -11.02
C TRP G 73 9.72 53.36 -9.90
N MET G 74 8.91 53.40 -8.84
CA MET G 74 9.10 52.50 -7.71
C MET G 74 7.73 52.12 -7.15
N SER G 75 7.48 50.82 -7.04
CA SER G 75 6.16 50.34 -6.67
C SER G 75 5.75 50.84 -5.28
N HIS G 76 4.44 50.89 -5.05
CA HIS G 76 3.93 51.37 -3.77
C HIS G 76 4.37 50.46 -2.63
N GLU G 77 4.52 49.16 -2.90
CA GLU G 77 5.12 48.28 -1.91
C GLU G 77 6.63 48.48 -1.82
N GLY G 78 7.23 49.16 -2.78
CA GLY G 78 8.67 49.26 -2.84
C GLY G 78 9.36 47.99 -3.27
N ASP G 79 8.65 47.10 -3.95
CA ASP G 79 9.19 45.80 -4.30
C ASP G 79 9.69 45.69 -5.74
N LYS G 80 9.32 46.61 -6.62
CA LYS G 80 9.76 46.55 -8.01
C LYS G 80 10.10 47.94 -8.51
N THR G 81 11.20 48.03 -9.26
CA THR G 81 11.74 49.29 -9.76
C THR G 81 12.11 49.11 -11.23
N GLY G 82 12.19 50.23 -11.93
CA GLY G 82 12.58 50.21 -13.33
C GLY G 82 13.08 51.57 -13.77
N LEU G 83 13.98 51.53 -14.75
CA LEU G 83 14.63 52.73 -15.26
C LEU G 83 14.52 52.77 -16.78
N ALA G 84 14.44 53.98 -17.32
CA ALA G 84 14.51 54.14 -18.77
C ALA G 84 15.89 53.68 -19.25
N GLN G 85 15.90 52.93 -20.36
CA GLN G 85 17.14 52.35 -20.84
C GLN G 85 18.16 53.41 -21.22
N LYS G 86 17.73 54.66 -21.44
CA LYS G 86 18.67 55.75 -21.68
C LYS G 86 19.39 56.18 -20.41
N PHE G 87 18.86 55.86 -19.24
CA PHE G 87 19.39 56.33 -17.97
C PHE G 87 20.10 55.22 -17.18
N GLN G 88 20.33 54.05 -17.79
CA GLN G 88 20.97 52.95 -17.08
C GLN G 88 22.40 53.33 -16.69
N GLY G 89 22.75 53.03 -15.44
CA GLY G 89 24.08 53.28 -14.95
C GLY G 89 24.35 54.68 -14.46
N ARG G 90 23.37 55.58 -14.53
CA ARG G 90 23.52 56.95 -14.08
C ARG G 90 22.57 57.35 -12.96
N VAL G 91 21.57 56.53 -12.66
CA VAL G 91 20.53 56.88 -11.71
C VAL G 91 20.35 55.73 -10.72
N THR G 92 19.71 56.04 -9.59
CA THR G 92 19.45 55.04 -8.57
C THR G 92 18.13 55.35 -7.88
N ILE G 93 17.58 54.33 -7.22
CA ILE G 93 16.31 54.42 -6.52
C ILE G 93 16.58 54.28 -5.02
N THR G 94 16.11 55.27 -4.24
CA THR G 94 16.29 55.25 -2.81
C THR G 94 15.06 55.82 -2.12
N ARG G 95 14.82 55.36 -0.90
CA ARG G 95 13.77 55.89 -0.05
C ARG G 95 14.21 55.74 1.40
N ASP G 96 13.61 56.56 2.28
CA ASP G 96 13.96 56.51 3.68
C ASP G 96 13.23 55.36 4.37
N SER G 97 13.60 55.14 5.64
CA SER G 97 12.91 54.13 6.44
C SER G 97 11.44 54.50 6.60
N GLY G 98 10.56 53.54 6.33
CA GLY G 98 9.14 53.81 6.27
C GLY G 98 8.67 54.41 4.97
N ALA G 99 9.57 54.66 4.03
CA ALA G 99 9.25 55.20 2.71
C ALA G 99 8.49 56.53 2.81
N SER G 100 8.80 57.31 3.84
CA SER G 100 8.16 58.61 3.98
C SER G 100 8.72 59.60 2.97
N THR G 101 9.96 59.42 2.55
CA THR G 101 10.60 60.24 1.53
C THR G 101 11.30 59.34 0.51
N VAL G 102 11.71 59.94 -0.60
CA VAL G 102 12.45 59.27 -1.65
C VAL G 102 13.52 60.22 -2.18
N TYR G 103 14.67 59.64 -2.54
CA TYR G 103 15.83 60.42 -2.97
C TYR G 103 16.39 59.85 -4.27
N MET G 104 16.67 60.74 -5.22
CA MET G 104 17.22 60.36 -6.51
C MET G 104 18.64 60.89 -6.65
N GLU G 105 19.56 60.04 -7.10
CA GLU G 105 20.92 60.44 -7.43
C GLU G 105 21.10 60.34 -8.94
N LEU G 106 21.54 61.43 -9.55
CA LEU G 106 21.69 61.53 -11.00
C LEU G 106 23.17 61.79 -11.30
N ARG G 107 23.75 60.96 -12.16
CA ARG G 107 25.18 60.98 -12.41
C ARG G 107 25.48 61.20 -13.89
N GLY G 108 26.67 61.72 -14.15
CA GLY G 108 27.12 61.95 -15.52
C GLY G 108 26.29 62.97 -16.27
N LEU G 109 25.93 64.07 -15.62
CA LEU G 109 25.05 65.06 -16.23
C LEU G 109 25.85 66.09 -17.02
N THR G 110 25.35 66.41 -18.20
CA THR G 110 25.93 67.43 -19.06
C THR G 110 24.91 68.56 -19.26
N ALA G 111 25.28 69.53 -20.10
CA ALA G 111 24.41 70.68 -20.33
C ALA G 111 23.10 70.26 -21.01
N ASP G 112 23.12 69.18 -21.77
CA ASP G 112 21.92 68.72 -22.46
C ASP G 112 20.91 68.09 -21.52
N ASP G 113 21.32 67.67 -20.33
CA ASP G 113 20.40 67.10 -19.35
C ASP G 113 19.64 68.17 -18.58
N THR G 114 19.95 69.44 -18.81
CA THR G 114 19.21 70.53 -18.17
C THR G 114 17.74 70.47 -18.59
N ALA G 115 16.86 70.25 -17.61
CA ALA G 115 15.43 70.15 -17.84
C ALA G 115 14.73 70.24 -16.49
N ILE G 116 13.43 69.96 -16.49
CA ILE G 116 12.61 69.99 -15.28
C ILE G 116 12.33 68.57 -14.84
N TYR G 117 12.49 68.29 -13.55
CA TYR G 117 12.39 66.95 -13.00
C TYR G 117 11.22 66.90 -12.03
N TYR G 118 10.36 65.90 -12.19
CA TYR G 118 9.06 65.87 -11.51
C TYR G 118 8.94 64.60 -10.66
N CYS G 119 8.37 64.78 -9.47
CA CYS G 119 8.06 63.69 -8.55
C CYS G 119 6.55 63.50 -8.52
N LEU G 120 6.10 62.26 -8.69
CA LEU G 120 4.68 61.98 -8.81
C LEU G 120 4.38 60.57 -8.32
N THR G 121 3.10 60.35 -8.01
CA THR G 121 2.58 59.04 -7.67
C THR G 121 1.71 58.51 -8.80
N GLY G 122 1.32 57.24 -8.68
CA GLY G 122 0.54 56.62 -9.71
C GLY G 122 -0.17 55.36 -9.24
N SER G 123 -0.83 54.69 -10.18
CA SER G 123 -1.56 53.46 -9.92
C SER G 123 -1.18 52.42 -10.96
N LYS G 124 -1.24 51.15 -10.55
CA LYS G 124 -0.79 50.05 -11.41
C LYS G 124 -1.75 48.87 -11.26
N HIS G 125 -1.50 47.83 -12.05
CA HIS G 125 -2.22 46.57 -11.97
C HIS G 125 -1.23 45.46 -11.68
N ARG G 126 -1.43 44.75 -10.57
CA ARG G 126 -0.67 43.56 -10.25
C ARG G 126 -1.52 42.34 -10.60
N LEU G 127 -1.19 41.70 -11.73
CA LEU G 127 -1.97 40.58 -12.23
C LEU G 127 -1.05 39.42 -12.56
N ARG G 128 -1.54 38.21 -12.33
CA ARG G 128 -0.77 37.01 -12.61
C ARG G 128 -0.77 36.71 -14.11
N ASP G 129 0.40 36.27 -14.60
CA ASP G 129 0.51 35.92 -16.01
C ASP G 129 0.42 34.42 -16.22
N TYR G 130 1.34 33.68 -15.61
CA TYR G 130 1.46 32.24 -15.76
C TYR G 130 1.41 31.57 -14.40
N PHE G 131 1.08 30.28 -14.39
CA PHE G 131 0.95 29.58 -13.12
C PHE G 131 0.96 28.07 -13.32
N LEU G 132 1.74 27.38 -12.50
CA LEU G 132 1.72 25.93 -12.38
C LEU G 132 1.12 25.58 -11.03
N TYR G 133 -0.08 25.01 -11.03
CA TYR G 133 -0.67 24.53 -9.79
C TYR G 133 0.07 23.29 -9.30
N ASN G 134 0.59 23.36 -8.08
CA ASN G 134 1.39 22.29 -7.49
C ASN G 134 0.57 21.61 -6.40
N GLU G 135 0.38 20.30 -6.54
CA GLU G 135 -0.44 19.57 -5.58
C GLU G 135 0.22 19.53 -4.20
N TYR G 136 1.54 19.30 -4.17
CA TYR G 136 2.27 19.11 -2.91
C TYR G 136 3.18 20.28 -2.58
N GLY G 137 2.79 21.49 -2.97
CA GLY G 137 3.58 22.67 -2.68
C GLY G 137 2.96 23.93 -3.22
N PRO G 138 3.62 25.06 -3.02
CA PRO G 138 3.12 26.31 -3.58
C PRO G 138 3.10 26.29 -5.09
N ASN G 139 2.12 26.96 -5.67
CA ASN G 139 2.05 27.06 -7.12
C ASN G 139 3.19 27.92 -7.66
N TYR G 140 3.70 27.53 -8.83
CA TYR G 140 4.58 28.44 -9.55
C TYR G 140 3.75 29.61 -10.02
N GLU G 141 4.26 30.82 -9.82
CA GLU G 141 3.50 32.00 -10.17
C GLU G 141 4.43 33.11 -10.62
N GLU G 142 4.03 33.79 -11.69
CA GLU G 142 4.69 35.02 -12.15
C GLU G 142 3.64 36.11 -12.26
N TRP G 143 3.99 37.31 -11.79
CA TRP G 143 3.08 38.44 -11.80
C TRP G 143 3.51 39.45 -12.84
N GLY G 144 2.54 40.18 -13.37
CA GLY G 144 2.81 41.26 -14.30
C GLY G 144 2.31 42.58 -13.78
N ASP G 145 3.21 43.56 -13.67
CA ASP G 145 2.85 44.89 -13.20
C ASP G 145 2.54 45.78 -14.40
N TYR G 146 1.30 46.29 -14.44
CA TYR G 146 0.84 47.11 -15.56
C TYR G 146 0.23 48.38 -15.00
N LEU G 147 0.65 49.53 -15.52
CA LEU G 147 0.22 50.81 -14.96
C LEU G 147 -1.27 51.01 -15.14
N ALA G 148 -1.90 51.57 -14.11
CA ALA G 148 -3.31 51.94 -14.17
C ALA G 148 -3.47 53.40 -14.55
N THR G 149 -2.92 54.30 -13.74
CA THR G 149 -2.94 55.73 -14.03
C THR G 149 -1.84 56.38 -13.20
N LEU G 150 -1.46 57.58 -13.61
CA LEU G 150 -0.46 58.37 -12.90
C LEU G 150 -1.18 59.43 -12.08
N ASP G 151 -0.92 59.43 -10.78
CA ASP G 151 -1.69 60.20 -9.82
C ASP G 151 -1.15 61.63 -9.73
N VAL G 152 -1.56 62.37 -8.69
CA VAL G 152 -1.25 63.78 -8.56
C VAL G 152 0.27 63.99 -8.61
N TRP G 153 0.69 64.99 -9.39
CA TRP G 153 2.08 65.35 -9.53
C TRP G 153 2.53 66.25 -8.38
N GLY G 154 3.84 66.33 -8.20
CA GLY G 154 4.42 67.35 -7.36
C GLY G 154 4.63 68.64 -8.11
N HIS G 155 5.05 69.67 -7.38
CA HIS G 155 5.34 70.95 -8.03
C HIS G 155 6.54 70.85 -8.97
N GLY G 156 7.41 69.87 -8.76
CA GLY G 156 8.53 69.63 -9.65
C GLY G 156 9.79 70.38 -9.24
N THR G 157 10.88 70.04 -9.91
CA THR G 157 12.19 70.63 -9.66
C THR G 157 12.87 70.91 -10.99
N ALA G 158 13.47 72.09 -11.10
CA ALA G 158 14.19 72.49 -12.30
C ALA G 158 15.69 72.41 -12.02
N VAL G 159 16.40 71.64 -12.85
CA VAL G 159 17.84 71.48 -12.72
C VAL G 159 18.49 71.96 -14.01
N THR G 160 19.44 72.88 -13.88
CA THR G 160 20.18 73.40 -15.01
C THR G 160 21.67 73.13 -14.83
N VAL G 161 22.35 72.87 -15.94
CA VAL G 161 23.76 72.51 -15.94
C VAL G 161 24.52 73.61 -16.67
N SER G 162 25.53 74.17 -15.99
CA SER G 162 26.32 75.25 -16.56
C SER G 162 27.66 75.28 -15.84
N SER G 163 28.60 76.02 -16.42
CA SER G 163 29.93 76.17 -15.83
C SER G 163 29.87 76.86 -14.47
N VAL H 2 7.69 47.82 -29.62
CA VAL H 2 6.38 48.42 -29.87
C VAL H 2 6.51 49.93 -30.03
N VAL H 3 5.91 50.45 -31.11
CA VAL H 3 5.92 51.88 -31.38
C VAL H 3 4.49 52.37 -31.52
N ILE H 4 4.30 53.65 -31.23
CA ILE H 4 2.97 54.27 -31.20
C ILE H 4 3.02 55.59 -31.96
N THR H 5 1.95 55.89 -32.68
CA THR H 5 1.85 57.12 -33.46
C THR H 5 0.56 57.85 -33.12
N GLN H 6 0.61 59.18 -33.15
CA GLN H 6 -0.56 60.03 -32.99
C GLN H 6 -0.70 60.90 -34.22
N SER H 7 -1.96 61.14 -34.63
CA SER H 7 -2.24 61.94 -35.80
C SER H 7 -3.58 62.63 -35.63
N PRO H 8 -3.69 63.90 -36.03
CA PRO H 8 -2.65 64.77 -36.60
C PRO H 8 -1.79 65.39 -35.52
N LEU H 9 -0.63 65.97 -35.88
CA LEU H 9 0.19 66.65 -34.88
C LEU H 9 -0.54 67.85 -34.29
N PHE H 10 -1.25 68.61 -35.13
CA PHE H 10 -2.13 69.67 -34.66
C PHE H 10 -3.22 69.89 -35.70
N LEU H 11 -4.32 70.51 -35.25
CA LEU H 11 -5.44 70.74 -36.14
C LEU H 11 -6.19 72.02 -35.76
N PRO H 12 -6.47 72.90 -36.71
CA PRO H 12 -7.34 74.05 -36.41
C PRO H 12 -8.76 73.57 -36.12
N VAL H 13 -9.44 74.32 -35.26
CA VAL H 13 -10.76 73.93 -34.76
C VAL H 13 -11.71 75.11 -34.90
N THR H 14 -12.90 74.85 -35.44
CA THR H 14 -14.00 75.80 -35.40
C THR H 14 -14.82 75.57 -34.13
N PRO H 15 -14.97 76.56 -33.26
CA PRO H 15 -15.65 76.33 -31.98
C PRO H 15 -17.09 75.84 -32.18
N GLY H 16 -17.52 74.95 -31.28
CA GLY H 16 -18.86 74.41 -31.33
C GLY H 16 -19.09 73.32 -32.34
N GLU H 17 -18.04 72.68 -32.85
CA GLU H 17 -18.14 71.65 -33.87
C GLU H 17 -17.42 70.39 -33.40
N ALA H 18 -18.04 69.24 -33.64
CA ALA H 18 -17.47 67.98 -33.22
C ALA H 18 -16.17 67.68 -33.97
N ALA H 19 -15.22 67.07 -33.27
CA ALA H 19 -13.93 66.72 -33.85
C ALA H 19 -13.45 65.39 -33.27
N SER H 20 -12.49 64.78 -33.97
CA SER H 20 -11.96 63.48 -33.57
C SER H 20 -10.44 63.51 -33.66
N LEU H 21 -9.81 62.64 -32.87
CA LEU H 21 -8.36 62.49 -32.84
C LEU H 21 -8.00 61.01 -32.97
N SER H 22 -6.81 60.74 -33.49
CA SER H 22 -6.42 59.38 -33.81
C SER H 22 -5.06 59.04 -33.21
N CYS H 23 -4.96 57.84 -32.65
CA CYS H 23 -3.71 57.28 -32.14
C CYS H 23 -3.57 55.85 -32.64
N LYS H 24 -2.37 55.52 -33.13
CA LYS H 24 -2.10 54.20 -33.68
C LYS H 24 -0.84 53.63 -33.05
N CYS H 25 -0.78 52.30 -32.98
CA CYS H 25 0.37 51.61 -32.40
C CYS H 25 0.69 50.39 -33.24
N SER H 26 1.91 49.87 -33.03
CA SER H 26 2.42 48.77 -33.84
C SER H 26 1.77 47.44 -33.53
N HIS H 27 1.23 47.26 -32.33
CA HIS H 27 0.67 45.97 -31.94
C HIS H 27 -0.70 46.17 -31.31
N SER H 28 -1.50 45.11 -31.34
CA SER H 28 -2.85 45.16 -30.80
C SER H 28 -2.80 45.41 -29.30
N LEU H 29 -3.69 46.29 -28.84
CA LEU H 29 -3.77 46.63 -27.42
C LEU H 29 -4.63 45.64 -26.63
N GLN H 30 -5.34 44.75 -27.32
CA GLN H 30 -6.21 43.79 -26.64
C GLN H 30 -5.41 42.83 -25.78
N HIS H 31 -5.91 42.56 -24.58
CA HIS H 31 -5.30 41.63 -23.66
C HIS H 31 -5.85 40.23 -23.93
N SER H 32 -5.14 39.22 -23.41
CA SER H 32 -5.62 37.84 -23.55
C SER H 32 -7.02 37.68 -22.95
N THR H 33 -7.37 38.51 -21.97
CA THR H 33 -8.71 38.56 -21.43
C THR H 33 -9.60 39.54 -22.18
N GLY H 34 -9.11 40.16 -23.24
CA GLY H 34 -9.87 41.14 -24.00
C GLY H 34 -9.72 42.57 -23.53
N ALA H 35 -9.02 42.80 -22.42
CA ALA H 35 -8.90 44.15 -21.88
C ALA H 35 -8.07 45.04 -22.79
N ASN H 36 -8.49 46.29 -22.93
CA ASN H 36 -7.74 47.31 -23.66
C ASN H 36 -7.13 48.29 -22.67
N TYR H 37 -5.88 48.66 -22.92
CA TYR H 37 -5.10 49.47 -21.98
C TYR H 37 -4.71 50.79 -22.66
N LEU H 38 -5.64 51.74 -22.71
CA LEU H 38 -5.38 53.01 -23.35
C LEU H 38 -6.12 54.11 -22.63
N ALA H 39 -5.41 55.16 -22.27
CA ALA H 39 -6.01 56.31 -21.61
C ALA H 39 -5.54 57.58 -22.29
N TRP H 40 -6.49 58.47 -22.59
CA TRP H 40 -6.21 59.72 -23.25
C TRP H 40 -6.04 60.83 -22.22
N TYR H 41 -5.06 61.70 -22.46
CA TYR H 41 -4.75 62.77 -21.52
C TYR H 41 -4.61 64.08 -22.28
N LEU H 42 -5.24 65.13 -21.76
CA LEU H 42 -5.15 66.48 -22.30
C LEU H 42 -4.36 67.35 -21.33
N GLN H 43 -3.34 68.03 -21.83
CA GLN H 43 -2.51 68.91 -21.02
C GLN H 43 -2.73 70.36 -21.45
N ARG H 44 -3.23 71.17 -20.52
CA ARG H 44 -3.27 72.60 -20.73
C ARG H 44 -1.85 73.17 -20.68
N PRO H 45 -1.48 74.05 -21.60
CA PRO H 45 -0.23 74.80 -21.44
C PRO H 45 -0.28 75.60 -20.15
N GLY H 46 0.79 75.47 -19.36
CA GLY H 46 0.84 76.08 -18.05
C GLY H 46 0.39 75.21 -16.90
N GLN H 47 0.03 73.95 -17.16
CA GLN H 47 -0.32 73.02 -16.09
C GLN H 47 -0.21 71.59 -16.62
N THR H 48 -0.59 70.63 -15.78
CA THR H 48 -0.33 69.21 -15.97
C THR H 48 -1.46 68.53 -16.74
N PRO H 49 -1.18 67.40 -17.40
CA PRO H 49 -2.23 66.69 -18.13
C PRO H 49 -3.30 66.14 -17.19
N ARG H 50 -4.41 65.71 -17.79
CA ARG H 50 -5.52 65.16 -17.04
C ARG H 50 -6.16 64.02 -17.83
N LEU H 51 -6.61 63.00 -17.11
CA LEU H 51 -7.22 61.83 -17.74
C LEU H 51 -8.57 62.20 -18.34
N LEU H 52 -8.79 61.76 -19.58
CA LEU H 52 -10.04 61.99 -20.29
C LEU H 52 -10.87 60.72 -20.40
N ILE H 53 -10.31 59.68 -21.00
CA ILE H 53 -10.94 58.37 -21.12
C ILE H 53 -9.87 57.33 -20.80
N HIS H 54 -10.26 56.29 -20.07
CA HIS H 54 -9.33 55.24 -19.67
C HIS H 54 -9.76 53.90 -20.23
N LEU H 55 -8.78 53.15 -20.74
CA LEU H 55 -8.97 51.77 -21.18
C LEU H 55 -10.01 51.65 -22.29
N ALA H 56 -10.10 52.67 -23.13
CA ALA H 56 -10.80 52.65 -24.42
C ALA H 56 -12.30 52.38 -24.31
N THR H 57 -12.86 52.39 -23.10
CA THR H 57 -14.27 52.08 -22.93
C THR H 57 -15.09 53.22 -22.34
N HIS H 58 -14.61 53.85 -21.27
CA HIS H 58 -15.44 54.78 -20.53
C HIS H 58 -14.62 56.01 -20.12
N ARG H 59 -15.27 57.16 -20.12
CA ARG H 59 -14.63 58.41 -19.73
C ARG H 59 -14.28 58.39 -18.24
N ALA H 60 -13.30 59.22 -17.87
CA ALA H 60 -12.95 59.32 -16.46
C ALA H 60 -14.08 60.01 -15.69
N SER H 61 -14.01 59.87 -14.36
CA SER H 61 -15.03 60.49 -13.51
C SER H 61 -14.94 62.01 -13.61
N GLY H 62 -16.11 62.64 -13.74
CA GLY H 62 -16.18 64.09 -13.90
C GLY H 62 -15.93 64.59 -15.30
N VAL H 63 -15.68 63.72 -16.26
CA VAL H 63 -15.44 64.14 -17.64
C VAL H 63 -16.78 64.41 -18.31
N PRO H 64 -16.94 65.55 -18.98
CA PRO H 64 -18.20 65.83 -19.69
C PRO H 64 -18.45 64.82 -20.79
N ASP H 65 -19.72 64.63 -21.12
CA ASP H 65 -20.13 63.63 -22.11
C ASP H 65 -19.63 63.95 -23.52
N ARG H 66 -19.16 65.18 -23.76
CA ARG H 66 -18.72 65.55 -25.10
C ARG H 66 -17.58 64.67 -25.61
N PHE H 67 -16.79 64.08 -24.72
CA PHE H 67 -15.73 63.18 -25.12
C PHE H 67 -16.28 61.82 -25.52
N SER H 68 -15.59 61.15 -26.44
CA SER H 68 -15.96 59.81 -26.87
C SER H 68 -14.75 59.15 -27.51
N GLY H 69 -14.52 57.89 -27.14
CA GLY H 69 -13.42 57.14 -27.67
C GLY H 69 -13.90 55.88 -28.37
N SER H 70 -13.07 55.39 -29.28
CA SER H 70 -13.40 54.22 -30.07
C SER H 70 -12.11 53.56 -30.53
N GLY H 71 -12.22 52.62 -31.47
CA GLY H 71 -11.09 51.87 -31.95
C GLY H 71 -10.87 50.58 -31.16
N SER H 72 -10.10 49.69 -31.77
CA SER H 72 -9.79 48.40 -31.15
C SER H 72 -8.50 47.87 -31.74
N GLY H 73 -7.88 46.93 -31.04
CA GLY H 73 -6.64 46.34 -31.51
C GLY H 73 -5.50 47.33 -31.55
N THR H 74 -5.10 47.73 -32.76
CA THR H 74 -4.00 48.67 -32.94
C THR H 74 -4.47 50.11 -33.13
N ASP H 75 -5.59 50.33 -33.81
CA ASP H 75 -6.09 51.67 -34.08
C ASP H 75 -7.14 52.09 -33.07
N PHE H 76 -7.06 53.34 -32.64
CA PHE H 76 -8.02 53.89 -31.69
C PHE H 76 -8.25 55.36 -32.02
N THR H 77 -9.44 55.84 -31.70
CA THR H 77 -9.82 57.22 -31.96
C THR H 77 -10.47 57.82 -30.74
N LEU H 78 -10.36 59.15 -30.62
CA LEU H 78 -11.02 59.92 -29.57
C LEU H 78 -11.78 61.06 -30.23
N LYS H 79 -13.10 61.03 -30.14
CA LYS H 79 -13.97 62.01 -30.77
C LYS H 79 -14.59 62.89 -29.69
N ILE H 80 -14.54 64.20 -29.89
CA ILE H 80 -15.13 65.18 -28.99
C ILE H 80 -16.21 65.92 -29.75
N SER H 81 -17.42 65.96 -29.18
CA SER H 81 -18.54 66.66 -29.80
C SER H 81 -18.66 68.07 -29.24
N ARG H 82 -18.92 69.03 -30.14
CA ARG H 82 -19.13 70.43 -29.78
C ARG H 82 -17.90 70.99 -29.04
N VAL H 83 -16.78 71.03 -29.77
CA VAL H 83 -15.53 71.52 -29.19
C VAL H 83 -15.61 73.03 -29.00
N GLU H 84 -15.13 73.50 -27.86
CA GLU H 84 -15.17 74.91 -27.48
C GLU H 84 -13.78 75.36 -27.03
N SER H 85 -13.72 76.61 -26.56
CA SER H 85 -12.43 77.28 -26.36
C SER H 85 -11.62 76.65 -25.23
N ASP H 86 -12.28 76.00 -24.27
CA ASP H 86 -11.55 75.37 -23.18
C ASP H 86 -11.07 73.96 -23.55
N ASP H 87 -11.03 73.64 -24.83
CA ASP H 87 -10.49 72.37 -25.30
C ASP H 87 -9.18 72.52 -26.05
N VAL H 88 -8.67 73.74 -26.20
CA VAL H 88 -7.38 73.94 -26.85
C VAL H 88 -6.26 73.43 -25.94
N GLY H 89 -5.43 72.55 -26.47
CA GLY H 89 -4.37 71.94 -25.71
C GLY H 89 -3.77 70.77 -26.45
N THR H 90 -3.02 69.95 -25.71
CA THR H 90 -2.28 68.82 -26.25
C THR H 90 -2.86 67.51 -25.71
N TYR H 91 -3.06 66.54 -26.61
CA TYR H 91 -3.72 65.29 -26.28
C TYR H 91 -2.74 64.14 -26.47
N TYR H 92 -2.70 63.22 -25.49
CA TYR H 92 -1.76 62.10 -25.51
C TYR H 92 -2.50 60.79 -25.29
N CYS H 93 -2.12 59.78 -26.07
CA CYS H 93 -2.53 58.40 -25.81
C CYS H 93 -1.40 57.65 -25.14
N MET H 94 -1.73 56.92 -24.07
CA MET H 94 -0.73 56.22 -23.28
C MET H 94 -0.58 54.77 -23.75
N GLN H 95 0.26 54.02 -23.03
CA GLN H 95 0.50 52.62 -23.31
C GLN H 95 0.48 51.87 -21.99
N GLY H 96 -0.32 50.80 -21.91
CA GLY H 96 -0.48 50.09 -20.66
C GLY H 96 -0.49 48.58 -20.76
N LEU H 97 -0.31 48.05 -21.96
CA LEU H 97 -0.36 46.60 -22.15
C LEU H 97 1.00 45.93 -22.04
N HIS H 98 2.06 46.58 -22.52
CA HIS H 98 3.37 45.96 -22.63
C HIS H 98 4.43 46.90 -22.08
N SER H 99 5.26 46.39 -21.19
CA SER H 99 6.39 47.18 -20.71
C SER H 99 7.40 47.39 -21.83
N PRO H 100 7.99 48.59 -21.92
CA PRO H 100 7.76 49.77 -21.09
C PRO H 100 6.50 50.54 -21.49
N TRP H 101 5.87 51.23 -20.55
CA TRP H 101 4.74 52.09 -20.86
C TRP H 101 5.22 53.36 -21.55
N THR H 102 4.59 53.70 -22.66
CA THR H 102 4.98 54.85 -23.46
C THR H 102 3.77 55.72 -23.73
N PHE H 103 3.99 56.82 -24.43
CA PHE H 103 2.94 57.75 -24.81
C PHE H 103 3.09 58.09 -26.28
N GLY H 104 1.98 58.50 -26.89
CA GLY H 104 2.00 58.91 -28.27
C GLY H 104 2.70 60.24 -28.45
N GLN H 105 2.98 60.57 -29.72
CA GLN H 105 3.67 61.81 -30.03
C GLN H 105 2.84 63.04 -29.71
N GLY H 106 1.53 62.89 -29.57
CA GLY H 106 0.69 63.99 -29.14
C GLY H 106 -0.05 64.65 -30.29
N THR H 107 -1.25 65.15 -29.98
CA THR H 107 -2.03 65.94 -30.92
C THR H 107 -2.43 67.25 -30.24
N LYS H 108 -2.33 68.34 -30.99
CA LYS H 108 -2.65 69.67 -30.47
C LYS H 108 -3.96 70.15 -31.08
N VAL H 109 -4.94 70.41 -30.23
CA VAL H 109 -6.19 71.02 -30.63
C VAL H 109 -6.08 72.52 -30.42
N GLU H 110 -6.39 73.31 -31.45
CA GLU H 110 -6.37 74.76 -31.36
C GLU H 110 -7.48 75.34 -32.22
N ILE H 111 -8.08 76.44 -31.74
CA ILE H 111 -9.12 77.12 -32.50
C ILE H 111 -8.54 77.66 -33.80
N LYS H 112 -9.27 77.46 -34.89
CA LYS H 112 -8.82 77.97 -36.18
C LYS H 112 -8.76 79.49 -36.16
N ARG H 113 -7.79 80.04 -36.87
CA ARG H 113 -7.61 81.49 -36.95
C ARG H 113 -7.08 81.90 -38.32
C1 NAG I . 32.63 -36.54 27.67
C2 NAG I . 31.84 -36.68 28.95
C3 NAG I . 31.53 -38.15 29.19
C4 NAG I . 30.86 -38.77 27.96
C5 NAG I . 31.55 -38.38 26.66
C6 NAG I . 30.75 -38.73 25.42
C7 NAG I . 32.28 -34.93 30.62
C8 NAG I . 33.14 -34.51 31.77
N2 NAG I . 32.57 -36.12 30.08
O3 NAG I . 30.68 -38.25 30.33
O4 NAG I . 30.92 -40.19 28.06
O5 NAG I . 31.83 -36.97 26.58
O6 NAG I . 29.64 -37.87 25.27
O7 NAG I . 31.38 -34.22 30.18
C1 NAG I . 29.92 -40.89 28.84
C2 NAG I . 30.50 -42.28 29.15
C3 NAG I . 29.57 -43.09 30.05
C4 NAG I . 29.19 -42.28 31.29
C5 NAG I . 28.61 -40.94 30.87
C6 NAG I . 28.28 -40.05 32.05
C7 NAG I . 30.11 -43.48 26.94
C8 NAG I . 28.64 -43.18 27.00
N2 NAG I . 30.89 -43.04 27.96
O3 NAG I . 30.21 -44.30 30.44
O4 NAG I . 28.24 -42.99 32.07
O5 NAG I . 29.56 -40.22 30.07
O6 NAG I . 29.30 -40.10 33.04
O7 NAG I . 30.60 -44.11 26.01
C1 NAG J . 29.05 36.11 8.68
C2 NAG J . 30.34 36.92 8.92
C3 NAG J . 30.95 37.39 7.60
C4 NAG J . 31.16 36.20 6.68
C5 NAG J . 29.82 35.50 6.46
C6 NAG J . 29.91 34.30 5.56
C7 NAG J . 29.88 37.97 11.11
C8 NAG J . 29.61 39.26 11.82
N2 NAG J . 30.07 38.06 9.79
O3 NAG J . 32.19 38.03 7.86
O4 NAG J . 31.73 36.62 5.44
O5 NAG J . 29.32 35.05 7.72
O6 NAG J . 29.35 34.56 4.28
O7 NAG J . 29.93 36.90 11.70
C1 NAG J . 33.03 35.99 5.36
C2 NAG J . 33.74 36.43 4.07
C3 NAG J . 35.14 35.82 4.01
C4 NAG J . 35.91 36.13 5.28
C5 NAG J . 35.12 35.71 6.51
C6 NAG J . 35.78 36.09 7.81
C7 NAG J . 33.10 36.67 1.71
C8 NAG J . 32.21 36.16 0.61
N2 NAG J . 32.97 36.06 2.89
O3 NAG J . 35.84 36.34 2.88
O4 NAG J . 37.16 35.44 5.28
O5 NAG J . 33.83 36.34 6.50
O6 NAG J . 36.13 37.47 7.83
O7 NAG J . 33.88 37.61 1.54
C1 NAG K . 16.26 36.41 12.43
C2 NAG K . 16.19 36.98 13.83
C3 NAG K . 14.75 37.39 14.17
C4 NAG K . 14.20 38.35 13.12
C5 NAG K . 14.36 37.70 11.75
C6 NAG K . 13.93 38.61 10.60
C7 NAG K . 17.75 36.28 15.57
C8 NAG K . 18.14 35.20 16.53
N2 NAG K . 16.69 36.03 14.80
O3 NAG K . 14.69 37.91 15.49
O4 NAG K . 12.83 38.67 13.32
O5 NAG K . 15.72 37.35 11.50
O6 NAG K . 15.06 39.27 10.04
O7 NAG K . 18.37 37.35 15.50
C1 NAG K . 12.78 39.86 14.12
C2 NAG K . 11.61 40.76 13.73
C3 NAG K . 11.49 41.93 14.70
C4 NAG K . 11.46 41.44 16.14
C5 NAG K . 12.65 40.52 16.41
C6 NAG K . 12.60 39.89 17.79
C7 NAG K . 10.86 41.02 11.39
C8 NAG K . 11.16 41.61 10.05
N2 NAG K . 11.75 41.25 12.36
O3 NAG K . 10.32 42.68 14.43
O4 NAG K . 11.53 42.55 17.04
O5 NAG K . 12.63 39.44 15.47
O6 NAG K . 12.49 38.47 17.69
O7 NAG K . 9.84 40.33 11.58
C1 NAG L . 9.53 36.34 -1.90
C2 NAG L . 10.83 35.89 -2.56
C3 NAG L . 11.67 37.10 -2.96
C4 NAG L . 10.85 38.07 -3.80
C5 NAG L . 9.55 38.41 -3.07
C6 NAG L . 8.62 39.27 -3.89
C7 NAG L . 11.39 33.70 -1.58
C8 NAG L . 12.25 32.96 -0.62
N2 NAG L . 11.59 35.01 -1.67
O3 NAG L . 12.81 36.67 -3.68
O4 NAG L . 11.62 39.25 -4.00
O5 NAG L . 8.84 37.21 -2.77
O6 NAG L . 7.86 40.15 -3.07
O7 NAG L . 10.53 33.13 -2.26
C1 NAG L . 11.68 39.59 -5.40
C2 NAG L . 12.36 40.96 -5.49
C3 NAG L . 12.44 41.39 -6.95
C4 NAG L . 13.14 40.33 -7.78
C5 NAG L . 12.50 38.96 -7.58
C6 NAG L . 13.26 37.85 -8.25
C7 NAG L . 11.95 42.15 -3.40
C8 NAG L . 11.14 43.22 -2.72
N2 NAG L . 11.66 41.95 -4.69
O3 NAG L . 13.14 42.63 -7.04
O4 NAG L . 13.09 40.67 -9.16
O5 NAG L . 12.43 38.64 -6.18
O6 NAG L . 14.66 37.94 -8.00
O7 NAG L . 12.82 41.53 -2.82
C1 NAG M . 24.39 19.27 -5.25
C2 NAG M . 25.42 18.36 -5.92
C3 NAG M . 26.77 18.45 -5.21
C4 NAG M . 27.23 19.90 -5.12
C5 NAG M . 26.14 20.74 -4.46
C6 NAG M . 26.46 22.23 -4.43
C7 NAG M . 24.69 16.31 -7.06
C8 NAG M . 24.21 14.89 -6.89
N2 NAG M . 24.95 16.97 -5.94
O3 NAG M . 27.73 17.68 -5.91
O4 NAG M . 28.44 19.97 -4.37
O5 NAG M . 24.91 20.61 -5.19
O6 NAG M . 25.84 22.91 -5.52
O7 NAG M . 24.83 16.81 -8.17
C1 NAG M . 29.44 20.69 -5.13
C2 NAG M . 30.41 21.35 -4.15
C3 NAG M . 31.46 22.15 -4.92
C4 NAG M . 32.16 21.26 -5.95
C5 NAG M . 31.14 20.52 -6.81
C6 NAG M . 31.78 19.48 -7.72
C7 NAG M . 30.18 22.44 -1.97
C8 NAG M . 29.34 23.34 -1.12
N2 NAG M . 29.72 22.20 -3.20
O3 NAG M . 32.40 22.67 -3.99
O4 NAG M . 32.96 22.06 -6.82
O5 NAG M . 30.18 19.82 -6.01
O6 NAG M . 31.68 18.18 -7.17
O7 NAG M . 31.23 21.95 -1.57
C1 BMA M . 34.27 22.32 -6.31
C2 BMA M . 35.29 22.24 -7.47
C3 BMA M . 36.66 22.75 -7.02
C4 BMA M . 36.55 24.11 -6.32
C5 BMA M . 35.57 23.99 -5.14
C6 BMA M . 35.40 25.29 -4.39
O2 BMA M . 34.88 23.06 -8.55
O3 BMA M . 37.57 22.86 -8.12
O4 BMA M . 37.82 24.52 -5.83
O5 BMA M . 34.29 23.60 -5.68
O6 BMA M . 34.80 26.24 -5.27
C1 NAG N . 23.86 4.69 26.31
C2 NAG N . 23.38 5.81 25.40
C3 NAG N . 22.79 6.94 26.23
C4 NAG N . 21.75 6.42 27.19
C5 NAG N . 22.27 5.19 27.96
C6 NAG N . 21.20 4.51 28.78
C7 NAG N . 24.25 6.70 23.29
C8 NAG N . 25.47 7.15 22.55
N2 NAG N . 24.46 6.28 24.54
O3 NAG N . 22.23 7.92 25.36
O4 NAG N . 21.44 7.45 28.12
O5 NAG N . 22.78 4.19 27.06
O6 NAG N . 20.31 3.75 27.98
O7 NAG N . 23.14 6.69 22.78
C1 NAG N . 20.04 7.82 28.02
C2 NAG N . 19.62 8.46 29.34
C3 NAG N . 18.14 8.84 29.29
C4 NAG N . 17.85 9.70 28.07
C5 NAG N . 18.44 9.09 26.79
C6 NAG N . 18.36 10.02 25.60
C7 NAG N . 20.95 7.67 31.24
C8 NAG N . 21.06 6.67 32.36
N2 NAG N . 19.88 7.57 30.46
O3 NAG N . 17.78 9.53 30.48
O4 NAG N . 16.44 9.79 27.90
O5 NAG N . 19.82 8.76 26.96
O6 NAG N . 19.61 10.12 24.94
O7 NAG N . 21.80 8.54 31.07
C1 BMA N . 15.95 11.12 28.17
C2 BMA N . 14.52 11.19 27.59
C3 BMA N . 13.82 12.50 27.99
C4 BMA N . 13.99 12.79 29.50
C5 BMA N . 15.47 12.69 29.91
C6 BMA N . 15.66 12.85 31.40
O2 BMA N . 13.72 10.13 28.10
O3 BMA N . 12.43 12.45 27.68
O4 BMA N . 13.51 14.09 29.79
O5 BMA N . 15.96 11.39 29.56
O6 BMA N . 14.85 11.88 32.05
C1 MAN N . 12.07 13.56 26.84
C2 MAN N . 10.75 14.14 27.38
C3 MAN N . 9.68 13.07 27.25
C4 MAN N . 9.54 12.64 25.79
C5 MAN N . 10.90 12.12 25.26
C6 MAN N . 10.88 11.84 23.77
O2 MAN N . 10.31 15.22 26.55
O3 MAN N . 8.41 13.52 27.75
O4 MAN N . 8.59 11.60 25.68
O5 MAN N . 11.93 13.13 25.49
O6 MAN N . 12.04 11.08 23.45
C1 MAN N . 9.92 16.33 27.37
C2 MAN N . 8.58 16.89 26.80
C3 MAN N . 8.84 17.56 25.45
C4 MAN N . 9.97 18.59 25.55
C5 MAN N . 11.23 17.89 26.09
C6 MAN N . 12.39 18.85 26.28
O2 MAN N . 8.03 17.90 27.64
O3 MAN N . 7.65 18.18 24.95
O4 MAN N . 10.24 19.14 24.27
O5 MAN N . 10.93 17.32 27.37
O6 MAN N . 13.59 18.15 25.98
C1 MAN N . 14.94 12.06 33.48
C2 MAN N . 14.59 10.70 34.14
C3 MAN N . 13.10 10.39 33.95
C4 MAN N . 12.24 11.57 34.43
C5 MAN N . 12.66 12.85 33.67
C6 MAN N . 11.90 14.07 34.13
O2 MAN N . 14.81 10.73 35.54
O3 MAN N . 12.72 9.20 34.63
O4 MAN N . 10.87 11.30 34.17
O5 MAN N . 14.06 13.09 33.91
O6 MAN N . 12.18 15.14 33.24
C1 NAG O . 30.02 13.02 33.24
C2 NAG O . 31.07 12.39 34.14
C3 NAG O . 30.41 11.76 35.36
C4 NAG O . 29.52 12.78 36.07
C5 NAG O . 28.56 13.44 35.10
C6 NAG O . 27.78 14.58 35.71
C7 NAG O . 32.86 11.74 32.59
C8 NAG O . 33.56 10.60 31.92
N2 NAG O . 31.85 11.41 33.41
O3 NAG O . 31.42 11.27 36.24
O4 NAG O . 28.75 12.12 37.07
O5 NAG O . 29.29 14.00 33.98
O6 NAG O . 27.44 15.57 34.75
O7 NAG O . 33.20 12.91 32.41
C1 NAG O . 29.28 12.47 38.37
C2 NAG O . 28.20 12.25 39.43
C3 NAG O . 28.75 12.53 40.82
C4 NAG O . 30.02 11.72 41.07
C5 NAG O . 31.02 11.97 39.94
C6 NAG O . 32.25 11.09 40.06
C7 NAG O . 25.78 12.67 39.38
C8 NAG O . 24.70 13.66 39.06
N2 NAG O . 27.04 13.08 39.16
O3 NAG O . 27.77 12.20 41.80
O4 NAG O . 30.60 12.10 42.31
O5 NAG O . 30.42 11.66 38.67
O6 NAG O . 32.01 9.79 39.54
O7 NAG O . 25.53 11.55 39.82
C1 NAG P . 15.94 27.94 28.44
C2 NAG P . 15.78 26.95 29.60
C3 NAG P . 14.35 27.05 30.15
C4 NAG P . 13.94 28.50 30.43
C5 NAG P . 14.36 29.46 29.31
C6 NAG P . 14.26 30.92 29.71
C7 NAG P . 16.24 24.59 30.07
C8 NAG P . 16.53 23.24 29.48
N2 NAG P . 16.06 25.58 29.20
O3 NAG P . 14.24 26.29 31.36
O4 NAG P . 12.52 28.57 30.49
O5 NAG P . 15.71 29.24 28.91
O6 NAG P . 15.39 31.31 30.48
O7 NAG P . 16.17 24.75 31.28
C1 NAG P . 12.00 28.79 31.82
C2 NAG P . 10.96 29.91 31.77
C3 NAG P . 10.32 30.09 33.13
C4 NAG P . 9.75 28.77 33.64
C5 NAG P . 10.84 27.70 33.62
C6 NAG P . 10.31 26.33 34.00
C7 NAG P . 10.86 32.10 30.66
C8 NAG P . 11.63 33.33 30.27
N2 NAG P . 11.55 31.16 31.31
O3 NAG P . 9.27 31.07 33.06
O4 NAG P . 9.26 28.93 34.97
O5 NAG P . 11.39 27.59 32.31
O6 NAG P . 9.12 26.02 33.29
O7 NAG P . 9.67 31.97 30.41
C1 NAG Q . 33.54 18.36 30.39
C2 NAG Q . 32.33 19.20 30.80
C3 NAG Q . 32.57 20.66 30.43
C4 NAG Q . 33.88 21.15 31.04
C5 NAG Q . 35.03 20.22 30.68
C6 NAG Q . 36.32 20.55 31.39
C7 NAG Q . 30.28 17.87 30.82
C8 NAG Q . 29.06 17.46 30.05
N2 NAG Q . 31.11 18.72 30.19
O3 NAG Q . 31.48 21.45 30.89
O4 NAG Q . 34.19 22.46 30.57
O5 NAG Q . 34.71 18.85 31.03
O6 NAG Q . 36.33 20.04 32.71
O7 NAG Q . 30.51 17.46 31.95
C1 NAG Q . 33.82 23.44 31.57
C2 NAG Q . 34.82 24.60 31.53
C3 NAG Q . 34.44 25.65 32.58
C4 NAG Q . 32.99 26.08 32.41
C5 NAG Q . 32.06 24.87 32.35
C6 NAG Q . 30.64 25.24 32.00
C7 NAG Q . 37.24 24.68 31.15
C8 NAG Q . 38.57 24.07 31.48
N2 NAG Q . 36.18 24.13 31.75
O3 NAG Q . 35.31 26.77 32.46
O4 NAG Q . 32.61 26.89 33.52
O5 NAG Q . 32.50 23.94 31.35
O6 NAG Q . 30.59 26.12 30.88
O7 NAG Q . 37.13 25.64 30.39
C1 BMA Q . 32.53 28.28 33.15
C2 BMA Q . 31.26 28.87 33.79
C3 BMA Q . 31.24 30.39 33.66
C4 BMA Q . 32.58 31.01 34.09
C5 BMA Q . 33.72 30.37 33.30
C6 BMA Q . 35.08 30.91 33.67
O2 BMA Q . 31.22 28.58 35.18
O3 BMA Q . 30.18 30.98 34.40
O4 BMA Q . 32.56 32.41 33.85
O5 BMA Q . 33.71 28.96 33.57
O6 BMA Q . 35.57 30.15 34.78
C1 NAG R . 44.05 16.34 10.31
C2 NAG R . 42.61 16.79 10.33
C3 NAG R . 42.42 17.95 9.34
C4 NAG R . 43.50 19.02 9.51
C5 NAG R . 44.89 18.44 9.74
C6 NAG R . 45.89 19.46 10.27
C7 NAG R . 40.38 15.74 10.17
C8 NAG R . 39.62 14.50 9.81
N2 NAG R . 41.71 15.68 10.03
O3 NAG R . 41.14 18.53 9.53
O4 NAG R . 43.53 19.78 8.30
O5 NAG R . 44.87 17.39 10.72
O6 NAG R . 46.11 19.29 11.66
O7 NAG R . 39.80 16.75 10.57
C1 NAG R . 43.63 21.19 8.56
C2 NAG R . 44.54 21.81 7.51
C3 NAG R . 44.66 23.31 7.72
C4 NAG R . 43.27 23.95 7.81
C5 NAG R . 42.40 23.21 8.83
C6 NAG R . 40.97 23.70 8.88
C7 NAG R . 46.22 20.21 6.67
C8 NAG R . 47.61 19.68 6.83
N2 NAG R . 45.86 21.19 7.51
O3 NAG R . 45.41 23.90 6.67
O4 NAG R . 43.41 25.30 8.22
O5 NAG R . 42.35 21.81 8.51
O6 NAG R . 40.06 22.63 9.13
O7 NAG R . 45.45 19.78 5.81
C1 BMA R . 42.84 26.16 7.20
C2 BMA R . 42.68 27.55 7.86
C3 BMA R . 42.14 28.54 6.82
C4 BMA R . 43.01 28.52 5.55
C5 BMA R . 43.10 27.08 5.01
C6 BMA R . 43.95 26.95 3.76
O2 BMA R . 43.93 28.05 8.29
O3 BMA R . 42.06 29.85 7.36
O4 BMA R . 42.45 29.36 4.57
O5 BMA R . 43.66 26.24 6.04
O6 BMA R . 45.31 26.82 4.16
C1 MAN R . 40.67 30.22 7.52
C2 MAN R . 40.63 31.70 7.99
C3 MAN R . 41.07 31.79 9.45
C4 MAN R . 40.23 30.86 10.33
C5 MAN R . 40.37 29.42 9.83
C6 MAN R . 39.51 28.44 10.59
O2 MAN R . 39.30 32.21 7.97
O3 MAN R . 41.00 33.12 9.94
O4 MAN R . 40.69 30.93 11.68
O5 MAN R . 39.98 29.35 8.43
O6 MAN R . 39.82 27.12 10.14
C1 MAN R . 46.16 27.19 3.05
C2 MAN R . 47.57 26.62 3.32
C3 MAN R . 48.25 27.39 4.45
C4 MAN R . 48.18 28.91 4.22
C5 MAN R . 46.72 29.33 4.01
C6 MAN R . 46.57 30.80 3.71
O2 MAN R . 48.43 26.78 2.18
O3 MAN R . 49.60 26.98 4.64
O4 MAN R . 48.71 29.59 5.33
O5 MAN R . 46.17 28.59 2.89
O6 MAN R . 45.17 31.10 3.62
C1 NAG S . 40.34 17.91 13.47
C2 NAG S . 40.13 19.35 13.00
C3 NAG S . 41.40 19.91 12.38
C4 NAG S . 42.55 19.78 13.38
C5 NAG S . 42.71 18.32 13.77
C6 NAG S . 43.81 18.10 14.79
C7 NAG S . 37.99 20.26 12.23
C8 NAG S . 36.93 20.22 11.16
N2 NAG S . 39.02 19.43 12.07
O3 NAG S . 41.19 21.27 12.03
O4 NAG S . 43.76 20.28 12.82
O5 NAG S . 41.50 17.85 14.35
O6 NAG S . 43.32 17.44 15.94
O7 NAG S . 37.90 21.00 13.20
C1 NAG S . 44.00 21.60 13.35
C2 NAG S . 45.46 21.70 13.83
C3 NAG S . 45.75 23.12 14.34
C4 NAG S . 45.37 24.16 13.28
C5 NAG S . 43.92 23.95 12.86
C6 NAG S . 43.49 24.90 11.76
C7 NAG S . 46.94 20.31 15.22
C8 NAG S . 47.01 19.32 16.34
N2 NAG S . 45.71 20.74 14.89
O3 NAG S . 47.14 23.24 14.64
O4 NAG S . 45.53 25.47 13.82
O5 NAG S . 43.76 22.63 12.36
O6 NAG S . 44.57 25.22 10.90
O7 NAG S . 47.94 20.72 14.65
C1 NAG T . 28.73 1.72 31.73
C2 NAG T . 27.21 1.56 31.83
C3 NAG T . 26.78 1.26 33.27
C4 NAG T . 27.54 0.07 33.82
C5 NAG T . 29.03 0.34 33.71
C6 NAG T . 29.89 -0.81 34.18
C7 NAG T . 25.28 2.74 30.86
C8 NAG T . 24.75 4.06 30.39
N2 NAG T . 26.53 2.74 31.33
O3 NAG T . 25.38 1.00 33.31
O4 NAG T . 27.18 -0.19 35.17
O5 NAG T . 29.38 0.58 32.34
O6 NAG T . 30.06 -1.78 33.15
O7 NAG T . 24.60 1.71 30.81
C1 NAG T . 26.54 -1.48 35.22
C2 NAG T . 26.89 -2.17 36.53
C3 NAG T . 26.20 -3.53 36.63
C4 NAG T . 24.70 -3.36 36.42
C5 NAG T . 24.42 -2.62 35.11
C6 NAG T . 22.96 -2.32 34.89
C7 NAG T . 29.01 -2.00 37.77
C8 NAG T . 30.50 -2.23 37.73
N2 NAG T . 28.34 -2.32 36.66
O3 NAG T . 26.45 -4.10 37.90
O4 NAG T . 24.07 -4.65 36.36
O5 NAG T . 25.10 -1.36 35.11
O6 NAG T . 22.56 -1.15 35.59
O7 NAG T . 28.45 -1.54 38.75
C1 NAG U . 4.25 22.22 -41.44
C2 NAG U . 3.73 23.44 -42.17
C3 NAG U . 2.21 23.52 -42.05
C4 NAG U . 1.56 22.21 -42.46
C5 NAG U . 2.22 21.03 -41.77
C6 NAG U . 1.74 19.68 -42.29
C7 NAG U . 5.36 25.27 -42.31
C8 NAG U . 5.88 26.52 -41.67
N2 NAG U . 4.35 24.67 -41.69
O3 NAG U . 1.74 24.60 -42.86
O4 NAG U . 0.18 22.21 -42.08
O5 NAG U . 3.65 21.06 -41.96
O6 NAG U . 2.36 18.61 -41.60
O7 NAG U . 5.84 24.83 -43.36
C1 NAG U . -0.68 22.77 -43.08
C2 NAG U . -1.85 21.82 -43.34
C3 NAG U . -2.83 22.44 -44.34
C4 NAG U . -3.27 23.81 -43.86
C5 NAG U . -2.05 24.69 -43.58
C6 NAG U . -2.41 26.03 -42.98
C7 NAG U . -1.69 19.37 -43.27
C8 NAG U . -1.11 18.14 -43.92
N2 NAG U . -1.37 20.53 -43.84
O3 NAG U . -3.95 21.58 -44.48
O4 NAG U . -4.09 24.44 -44.84
O5 NAG U . -1.19 24.04 -42.64
O6 NAG U . -2.96 25.88 -41.68
O7 NAG U . -2.42 19.30 -42.29
C1 NAG V . 14.58 23.51 -32.45
C2 NAG V . 15.89 23.16 -33.15
C3 NAG V . 17.08 23.50 -32.26
C4 NAG V . 17.01 24.95 -31.79
C5 NAG V . 15.65 25.23 -31.16
C6 NAG V . 15.47 26.68 -30.79
C7 NAG V . 15.38 21.30 -34.66
C8 NAG V . 15.50 19.82 -34.89
N2 NAG V . 15.91 21.76 -33.52
O3 NAG V . 18.29 23.27 -32.98
O4 NAG V . 18.02 25.19 -30.82
O5 NAG V . 14.60 24.90 -32.07
O6 NAG V . 14.17 26.92 -30.25
O7 NAG V . 14.83 22.04 -35.47
C1 NAG V . 19.10 25.94 -31.41
C2 NAG V . 19.82 26.71 -30.29
C3 NAG V . 21.02 27.47 -30.87
C4 NAG V . 21.93 26.52 -31.63
C5 NAG V . 21.13 25.76 -32.69
C6 NAG V . 21.95 24.71 -33.42
C7 NAG V . 18.76 27.66 -28.30
C8 NAG V . 17.78 28.66 -27.77
N2 NAG V . 18.92 27.62 -29.62
O3 NAG V . 21.75 28.07 -29.81
O4 NAG V . 22.97 27.24 -32.27
O5 NAG V . 20.04 25.07 -32.06
O6 NAG V . 22.11 23.54 -32.62
O7 NAG V . 19.38 26.90 -27.55
C1 NAG W . 5.89 30.69 -22.78
C2 NAG W . 4.94 30.24 -23.90
C3 NAG W . 5.03 31.18 -25.09
C4 NAG W . 4.75 32.61 -24.64
C5 NAG W . 5.72 32.99 -23.53
C6 NAG W . 5.45 34.36 -22.95
C7 NAG W . 4.76 27.80 -23.62
C8 NAG W . 5.16 26.47 -24.16
N2 NAG W . 5.22 28.87 -24.29
O3 NAG W . 4.09 30.77 -26.08
O4 NAG W . 4.90 33.52 -25.73
O5 NAG W . 5.61 32.06 -22.44
O6 NAG W . 4.06 34.58 -22.76
O7 NAG W . 4.06 27.91 -22.62
C1 NAG W . 3.63 33.79 -26.38
C2 NAG W . 3.02 35.10 -25.84
C3 NAG W . 3.33 36.28 -26.77
C4 NAG W . 2.84 36.03 -28.20
C5 NAG W . 2.74 34.54 -28.47
C6 NAG W . 2.87 34.18 -29.93
C7 NAG W . 1.06 34.29 -24.60
C8 NAG W . -0.43 34.27 -24.54
N2 NAG W . 1.59 34.98 -25.62
O3 NAG W . 4.72 36.54 -26.78
O4 NAG W . 1.58 36.64 -28.42
O5 NAG W . 3.83 33.88 -27.79
O6 NAG W . 3.21 35.32 -30.72
O7 NAG W . 1.76 33.71 -23.78
C1 BMA W . 1.73 38.07 -28.58
C2 BMA W . 2.77 38.36 -29.71
C3 BMA W . 2.88 39.86 -29.93
C4 BMA W . 1.50 40.49 -30.17
C5 BMA W . 0.54 40.12 -29.02
C6 BMA W . -0.88 40.63 -29.25
O2 BMA W . 2.33 37.80 -30.94
O3 BMA W . 3.75 40.16 -31.01
O4 BMA W . 1.62 41.90 -30.26
O5 BMA W . 0.48 38.68 -28.90
O6 BMA W . -0.89 41.43 -30.42
C1 NAG X . -9.38 15.69 -26.33
C2 NAG X . -10.74 15.02 -26.58
C3 NAG X . -10.82 14.49 -28.01
C4 NAG X . -10.49 15.60 -29.00
C5 NAG X . -9.14 16.22 -28.65
C6 NAG X . -8.77 17.39 -29.53
C7 NAG X . -12.05 13.82 -24.87
C8 NAG X . -12.10 12.64 -23.95
N2 NAG X . -10.95 13.93 -25.63
O3 NAG X . -12.13 13.99 -28.25
O4 NAG X . -10.40 15.09 -30.33
O5 NAG X . -9.18 16.71 -27.31
O6 NAG X . -8.23 18.46 -28.76
O7 NAG X . -12.96 14.65 -24.93
C1 NAG X . -11.65 15.17 -31.04
C2 NAG X . -11.68 16.39 -31.97
C3 NAG X . -12.95 16.39 -32.81
C4 NAG X . -13.11 15.06 -33.55
C5 NAG X . -13.04 13.91 -32.56
C6 NAG X . -13.08 12.56 -33.22
C7 NAG X . -11.04 18.75 -31.69
C8 NAG X . -11.03 19.93 -30.76
N2 NAG X . -11.59 17.63 -31.21
O3 NAG X . -12.90 17.46 -33.75
O4 NAG X . -14.36 15.03 -34.23
O5 NAG X . -11.81 13.98 -31.82
O6 NAG X . -11.85 12.28 -33.91
O7 NAG X . -10.58 18.81 -32.83
C1 NAG Y . 11.29 -12.18 -31.27
C2 NAG Y . 11.30 -10.72 -30.82
C3 NAG Y . 12.56 -10.02 -31.34
C4 NAG Y . 13.80 -10.80 -30.89
C5 NAG Y . 13.69 -12.26 -31.32
C6 NAG Y . 14.83 -13.11 -30.80
C7 NAG Y . 9.62 -8.94 -30.67
C8 NAG Y . 8.39 -8.35 -31.28
N2 NAG Y . 10.12 -10.02 -31.29
O3 NAG Y . 12.62 -8.70 -30.84
O4 NAG Y . 14.98 -10.21 -31.45
O5 NAG Y . 12.48 -12.83 -30.80
O6 NAG Y . 14.33 -14.23 -30.05
O7 NAG Y . 10.15 -8.46 -29.67
C1 NAG Y . 15.69 -9.65 -30.33
C2 NAG Y . 17.18 -9.61 -30.64
C3 NAG Y . 17.93 -9.03 -29.45
C4 NAG Y . 17.35 -7.68 -29.04
C5 NAG Y . 15.82 -7.75 -28.89
C6 NAG Y . 15.19 -6.40 -28.71
C7 NAG Y . 18.59 -11.16 -31.92
C8 NAG Y . 18.99 -12.59 -32.11
N2 NAG Y . 17.68 -10.94 -30.96
O3 NAG Y . 19.31 -8.85 -29.81
O4 NAG Y . 17.87 -7.32 -27.77
O5 NAG Y . 15.23 -8.33 -30.07
O6 NAG Y . 13.95 -6.30 -29.40
O7 NAG Y . 19.05 -10.25 -32.59
C1 BMA Y . 18.81 -6.23 -27.86
C2 BMA Y . 19.17 -5.85 -26.42
C3 BMA Y . 20.25 -4.80 -26.40
C4 BMA Y . 21.43 -5.14 -27.34
C5 BMA Y . 20.94 -5.61 -28.72
C6 BMA Y . 22.08 -6.25 -29.49
O2 BMA Y . 19.68 -6.98 -25.72
O3 BMA Y . 20.76 -4.65 -25.07
O4 BMA Y . 22.27 -4.02 -27.49
O5 BMA Y . 19.95 -6.63 -28.58
O6 BMA Y . 22.70 -7.14 -28.58
C1 MAN Y . 20.60 -3.28 -24.64
C2 MAN Y . 21.54 -3.07 -23.43
C3 MAN Y . 21.04 -3.90 -22.26
C4 MAN Y . 19.58 -3.52 -21.94
C5 MAN Y . 18.71 -3.75 -23.18
C6 MAN Y . 17.28 -3.29 -22.99
O2 MAN Y . 21.46 -1.72 -22.98
O3 MAN Y . 21.85 -3.74 -21.11
O4 MAN Y . 19.10 -4.29 -20.86
O5 MAN Y . 19.25 -3.01 -24.31
O6 MAN Y . 16.55 -3.59 -24.17
C1 MAN Y . 22.77 -1.12 -23.03
C2 MAN Y . 22.73 0.11 -22.10
C3 MAN Y . 21.79 1.15 -22.69
C4 MAN Y . 22.18 1.48 -24.15
C5 MAN Y . 22.20 0.18 -24.97
C6 MAN Y . 22.67 0.39 -26.40
O2 MAN Y . 24.01 0.73 -22.01
O3 MAN Y . 21.77 2.35 -21.91
O4 MAN Y . 21.23 2.37 -24.71
O5 MAN Y . 23.10 -0.77 -24.35
O6 MAN Y . 22.74 -0.89 -27.03
C1 MAN Y . 23.89 -7.73 -29.15
C2 MAN Y . 24.36 -8.83 -28.17
C3 MAN Y . 24.90 -8.20 -26.89
C4 MAN Y . 25.95 -7.11 -27.21
C5 MAN Y . 25.36 -6.08 -28.18
C6 MAN Y . 26.38 -5.05 -28.63
O2 MAN Y . 25.44 -9.60 -28.71
O3 MAN Y . 25.47 -9.16 -26.01
O4 MAN Y . 26.35 -6.45 -26.01
O5 MAN Y . 24.89 -6.76 -29.37
O6 MAN Y . 25.85 -4.36 -29.74
C1 MAN Y . 24.46 -9.67 -25.12
C2 MAN Y . 25.13 -9.96 -23.75
C3 MAN Y . 26.00 -11.21 -23.83
C4 MAN Y . 25.26 -12.39 -24.49
C5 MAN Y . 24.74 -11.93 -25.86
C6 MAN Y . 23.99 -13.02 -26.59
O2 MAN Y . 24.15 -10.24 -22.74
O3 MAN Y . 26.49 -11.61 -22.55
O4 MAN Y . 26.12 -13.50 -24.64
O5 MAN Y . 23.85 -10.83 -25.68
O6 MAN Y . 23.88 -12.64 -27.96
C1 NAG Z . 17.11 -9.83 -41.77
C2 NAG Z . 17.11 -10.38 -43.19
C3 NAG Z . 17.89 -11.67 -43.25
C4 NAG Z . 19.30 -11.49 -42.68
C5 NAG Z . 19.23 -10.87 -41.29
C6 NAG Z . 20.59 -10.50 -40.75
C7 NAG Z . 15.28 -9.99 -44.79
C8 NAG Z . 13.86 -10.33 -45.16
N2 NAG Z . 15.76 -10.59 -43.70
O3 NAG Z . 17.97 -12.11 -44.61
O4 NAG Z . 19.95 -12.75 -42.55
O5 NAG Z . 18.45 -9.66 -41.31
O6 NAG Z . 20.87 -9.12 -40.97
O7 NAG Z . 15.95 -9.22 -45.47
C1 NAG Z . 20.67 -13.19 -43.72
C2 NAG Z . 22.15 -12.82 -43.63
C3 NAG Z . 22.93 -13.42 -44.79
C4 NAG Z . 22.69 -14.93 -44.86
C5 NAG Z . 21.19 -15.20 -44.94
C6 NAG Z . 20.85 -16.68 -44.94
C7 NAG Z . 23.33 -10.75 -43.01
C8 NAG Z . 23.35 -9.26 -43.10
N2 NAG Z . 22.31 -11.36 -43.61
O3 NAG Z . 24.32 -13.17 -44.61
O4 NAG Z . 23.32 -15.47 -46.01
O5 NAG Z . 20.54 -14.62 -43.82
O6 NAG Z . 20.90 -17.22 -43.63
O7 NAG Z . 24.21 -11.37 -42.41
C1 NAG AA . 25.46 8.34 -34.32
C2 NAG AA . 26.27 7.06 -34.25
C3 NAG AA . 27.24 7.12 -33.07
C4 NAG AA . 28.07 8.41 -33.12
C5 NAG AA . 27.18 9.63 -33.33
C6 NAG AA . 27.96 10.89 -33.58
C7 NAG AA . 25.71 4.69 -34.64
C8 NAG AA . 24.70 3.61 -34.42
N2 NAG AA . 25.40 5.89 -34.13
O3 NAG AA . 28.11 5.99 -33.11
O4 NAG AA . 28.75 8.58 -31.88
O5 NAG AA . 26.32 9.44 -34.47
O6 NAG AA . 27.41 11.63 -34.67
O7 NAG AA . 26.75 4.50 -35.27
C1 NAG AA . 30.15 8.25 -31.97
C2 NAG AA . 30.95 9.35 -31.30
C3 NAG AA . 32.44 9.01 -31.30
C4 NAG AA . 32.66 7.64 -30.69
C5 NAG AA . 31.80 6.60 -31.40
C6 NAG AA . 31.88 5.23 -30.76
C7 NAG AA . 30.76 11.80 -31.28
C8 NAG AA . 30.50 13.03 -32.09
N2 NAG AA . 30.72 10.63 -31.94
O3 NAG AA . 33.16 9.99 -30.57
O4 NAG AA . 34.03 7.27 -30.82
O5 NAG AA . 30.42 6.99 -31.35
O6 NAG AA . 31.83 5.32 -29.34
O7 NAG AA . 30.99 11.86 -30.08
C1 NAG BA . 14.41 -3.98 -47.34
C2 NAG BA . 15.70 -3.42 -46.74
C3 NAG BA . 16.13 -2.17 -47.50
C4 NAG BA . 16.20 -2.44 -48.99
C5 NAG BA . 14.92 -3.10 -49.49
C6 NAG BA . 15.02 -3.58 -50.93
C7 NAG BA . 16.14 -3.83 -44.36
C8 NAG BA . 15.86 -3.39 -42.96
N2 NAG BA . 15.54 -3.13 -45.32
O3 NAG BA . 17.40 -1.74 -47.01
O4 NAG BA . 16.35 -1.21 -49.69
O5 NAG BA . 14.63 -4.27 -48.71
O6 NAG BA . 14.96 -4.99 -51.01
O7 NAG BA . 16.88 -4.77 -44.61
C1 NAG BA . 17.71 -0.99 -50.08
C2 NAG BA . 17.73 -0.47 -51.52
C3 NAG BA . 19.17 -0.15 -51.94
C4 NAG BA . 19.83 0.77 -50.94
C5 NAG BA . 19.72 0.20 -49.53
C6 NAG BA . 20.25 1.14 -48.46
C7 NAG BA . 16.19 -1.06 -53.33
C8 NAG BA . 15.66 -2.15 -54.20
N2 NAG BA . 17.12 -1.41 -52.43
O3 NAG BA . 19.15 0.45 -53.23
O4 NAG BA . 21.21 0.94 -51.27
O5 NAG BA . 18.35 -0.06 -49.21
O6 NAG BA . 19.19 1.86 -47.84
O7 NAG BA . 15.79 0.10 -53.43
C1 NAG CA . -7.95 2.15 -47.35
C2 NAG CA . -7.03 2.90 -46.39
C3 NAG CA . -7.52 4.35 -46.25
C4 NAG CA . -7.72 4.99 -47.63
C5 NAG CA . -8.48 4.08 -48.60
C6 NAG CA . -8.46 4.58 -50.03
C7 NAG CA . -6.14 2.55 -44.11
C8 NAG CA . -6.25 1.76 -42.85
N2 NAG CA . -7.01 2.24 -45.09
O3 NAG CA . -6.55 5.11 -45.54
O4 NAG CA . -8.47 6.19 -47.48
O5 NAG CA . -7.89 2.78 -48.61
O6 NAG CA . -7.73 3.69 -50.86
O7 NAG CA . -5.30 3.44 -44.24
C1 NAG CA . -7.76 7.29 -48.10
C2 NAG CA . -8.78 8.26 -48.69
C3 NAG CA . -8.07 9.45 -49.32
C4 NAG CA . -7.10 10.08 -48.32
C5 NAG CA . -6.18 9.03 -47.72
C6 NAG CA . -5.29 9.56 -46.62
C7 NAG CA . -10.93 7.38 -49.50
C8 NAG CA . -11.64 6.68 -50.62
N2 NAG CA . -9.62 7.60 -49.67
O3 NAG CA . -9.02 10.41 -49.75
O4 NAG CA . -6.30 11.05 -48.99
O5 NAG CA . -6.96 7.97 -47.14
O6 NAG CA . -5.99 9.64 -45.38
O7 NAG CA . -11.53 7.71 -48.47
C1 BMA CA . -6.59 12.35 -48.43
C2 BMA CA . -5.31 13.19 -48.59
C3 BMA CA . -5.57 14.66 -48.25
C4 BMA CA . -6.84 15.17 -48.95
C5 BMA CA . -8.02 14.26 -48.61
C6 BMA CA . -9.33 14.69 -49.26
O2 BMA CA . -4.86 13.16 -49.94
O3 BMA CA . -4.46 15.47 -48.59
O4 BMA CA . -7.12 16.50 -48.54
O5 BMA CA . -7.71 12.95 -49.08
O6 BMA CA . -9.32 14.26 -50.61
C1 MAN CA . -4.06 16.24 -47.44
C2 MAN CA . -3.00 17.29 -47.90
C3 MAN CA . -1.67 16.62 -48.20
C4 MAN CA . -1.22 15.76 -47.00
C5 MAN CA . -2.29 14.73 -46.68
C6 MAN CA . -1.95 13.87 -45.47
O2 MAN CA . -2.73 18.26 -46.89
O3 MAN CA . -0.66 17.56 -48.54
O4 MAN CA . 0.01 15.10 -47.30
O5 MAN CA . -3.54 15.40 -46.40
O6 MAN CA . -2.96 12.88 -45.33
C1 MAN CA . -10.42 14.87 -51.30
C2 MAN CA . -11.24 13.73 -51.97
C3 MAN CA . -10.42 13.09 -53.08
C4 MAN CA . -9.87 14.15 -54.06
C5 MAN CA . -9.08 15.21 -53.28
C6 MAN CA . -8.59 16.35 -54.15
O2 MAN CA . -12.42 14.25 -52.59
O3 MAN CA . -11.19 12.12 -53.79
O4 MAN CA . -9.02 13.53 -55.00
O5 MAN CA . -9.94 15.79 -52.27
O6 MAN CA . -7.70 17.15 -53.39
C1 NAG DA . -2.79 2.14 -45.74
C2 NAG DA . -2.50 3.64 -45.88
C3 NAG DA . -3.44 4.27 -46.90
C4 NAG DA . -3.30 3.54 -48.23
C5 NAG DA . -3.62 2.07 -48.03
C6 NAG DA . -3.45 1.26 -49.29
C7 NAG DA . -1.94 5.44 -44.29
C8 NAG DA . -2.16 6.00 -42.93
N2 NAG DA . -2.61 4.32 -44.59
O3 NAG DA . -3.12 5.65 -47.05
O4 NAG DA . -4.09 4.14 -49.25
O5 NAG DA . -2.72 1.50 -47.06
O6 NAG DA . -2.66 0.11 -49.06
O7 NAG DA . -1.18 5.98 -45.11
C1 NAG DA . -3.12 4.84 -50.07
C2 NAG DA . -3.57 4.91 -51.51
C3 NAG DA . -2.51 5.60 -52.36
C4 NAG DA . -2.12 6.94 -51.76
C5 NAG DA . -1.87 6.86 -50.25
C6 NAG DA . -1.74 8.22 -49.60
C7 NAG DA . -4.69 3.35 -53.05
C8 NAG DA . -4.86 1.92 -53.46
N2 NAG DA . -3.85 3.58 -52.03
O3 NAG DA . -2.99 5.78 -53.68
O4 NAG DA . -0.92 7.38 -52.37
O5 NAG DA . -2.92 6.18 -49.57
O6 NAG DA . -3.00 8.89 -49.58
O7 NAG DA . -5.27 4.27 -53.63
C1 BMA DA . -1.13 8.57 -53.16
C2 BMA DA . 0.16 9.42 -53.03
C3 BMA DA . 0.11 10.61 -54.00
C4 BMA DA . -0.27 10.17 -55.41
C5 BMA DA . -1.58 9.37 -55.38
C6 BMA DA . -1.99 8.85 -56.73
O2 BMA DA . 1.31 8.67 -53.36
O3 BMA DA . 1.36 11.31 -54.03
O4 BMA DA . -0.43 11.29 -56.25
O5 BMA DA . -1.39 8.23 -54.51
O6 BMA DA . -1.08 7.84 -57.13
C1 NAG EA . -2.43 -4.04 -55.50
C2 NAG EA . -3.25 -2.83 -55.94
C3 NAG EA . -3.36 -2.80 -57.46
C4 NAG EA . -1.97 -2.89 -58.10
C5 NAG EA . -1.17 -4.06 -57.52
C6 NAG EA . 0.26 -4.08 -57.98
C7 NAG EA . -4.82 -2.35 -54.11
C8 NAG EA . -6.24 -2.45 -53.65
N2 NAG EA . -4.57 -2.84 -55.33
O3 NAG EA . -4.01 -1.60 -57.85
O4 NAG EA . -2.09 -3.14 -59.50
O5 NAG EA . -1.14 -3.97 -56.09
O6 NAG EA . 1.11 -3.37 -57.09
O7 NAG EA . -3.95 -1.85 -53.42
C1 NAG EA . -2.15 -1.95 -60.32
C2 NAG EA . -0.77 -1.65 -60.94
C3 NAG EA . -0.88 -0.48 -61.92
C4 NAG EA . -1.99 -0.73 -62.94
C5 NAG EA . -3.30 -1.04 -62.22
C6 NAG EA . -4.42 -1.39 -63.16
C7 NAG EA . 1.53 -1.40 -60.12
C8 NAG EA . 2.40 -1.06 -58.94
N2 NAG EA . 0.21 -1.36 -59.91
O3 NAG EA . 0.35 -0.30 -62.59
O4 NAG EA . -2.16 0.41 -63.77
O5 NAG EA . -3.12 -2.16 -61.35
O6 NAG EA . -4.54 -2.80 -63.31
O7 NAG EA . 2.01 -1.70 -61.21
C1 NAG FA . 12.43 -18.32 -35.78
C2 NAG FA . 13.45 -18.00 -34.67
C3 NAG FA . 14.60 -19.00 -34.71
C4 NAG FA . 14.08 -20.44 -34.68
C5 NAG FA . 13.04 -20.65 -35.77
C6 NAG FA . 12.37 -22.00 -35.71
C7 NAG FA . 14.49 -15.96 -33.81
C8 NAG FA . 14.96 -14.57 -34.14
N2 NAG FA . 13.94 -16.64 -34.82
O3 NAG FA . 15.45 -18.78 -33.59
O4 NAG FA . 15.16 -21.34 -34.91
O5 NAG FA . 12.00 -19.67 -35.64
O6 NAG FA . 12.04 -22.35 -34.37
O7 NAG FA . 14.60 -16.43 -32.68
C1 NAG FA . 15.36 -22.23 -33.78
C2 NAG FA . 15.71 -23.62 -34.31
C3 NAG FA . 15.97 -24.57 -33.14
C4 NAG FA . 17.06 -24.00 -32.24
C5 NAG FA . 16.67 -22.59 -31.79
C6 NAG FA . 17.76 -21.92 -30.98
C7 NAG FA . 14.85 -24.66 -36.36
C8 NAG FA . 13.63 -25.16 -37.08
N2 NAG FA . 14.63 -24.14 -35.14
O3 NAG FA . 16.39 -25.83 -33.65
O4 NAG FA . 17.22 -24.83 -31.09
O5 NAG FA . 16.43 -21.76 -32.92
O6 NAG FA . 19.02 -22.00 -31.63
O7 NAG FA . 15.97 -24.75 -36.84
C1 NAG GA . -33.33 -30.93 30.76
C2 NAG GA . -33.48 -32.02 29.70
C3 NAG GA . -34.26 -33.22 30.27
C4 NAG GA . -33.58 -33.73 31.53
C5 NAG GA . -33.44 -32.59 32.53
C6 NAG GA . -32.67 -32.98 33.78
C7 NAG GA . -34.08 -32.12 27.32
C8 NAG GA . -34.83 -31.47 26.19
N2 NAG GA . -34.15 -31.52 28.50
O3 NAG GA . -34.32 -34.24 29.28
O4 NAG GA . -34.35 -34.75 32.16
O5 NAG GA . -32.72 -31.50 31.94
O6 NAG GA . -31.29 -33.08 33.53
O7 NAG GA . -33.43 -33.15 27.15
C1 NAG GA . -34.08 -36.06 31.61
C2 NAG GA . -34.11 -37.14 32.71
C3 NAG GA . -34.01 -38.55 32.12
C4 NAG GA . -35.03 -38.75 31.01
C5 NAG GA . -34.89 -37.63 29.97
C6 NAG GA . -35.94 -37.71 28.88
C7 NAG GA . -31.78 -36.91 33.70
C8 NAG GA . -31.15 -37.15 32.35
N2 NAG GA . -33.14 -36.92 33.77
O3 NAG GA . -34.21 -39.51 33.14
O4 NAG GA . -34.84 -40.01 30.38
O5 NAG GA . -35.07 -36.36 30.61
O6 NAG GA . -36.88 -36.65 28.99
O7 NAG GA . -31.10 -36.72 34.70
C1 NAG HA . -24.61 33.06 -10.12
C2 NAG HA . -25.80 32.80 -11.05
C3 NAG HA . -25.34 32.87 -12.52
C4 NAG HA . -24.62 34.18 -12.79
C5 NAG HA . -23.49 34.37 -11.79
C6 NAG HA . -22.79 35.71 -11.93
C7 NAG HA . -27.61 31.39 -10.20
C8 NAG HA . -28.09 29.98 -10.00
N2 NAG HA . -26.41 31.51 -10.78
O3 NAG HA . -26.48 32.75 -13.36
O4 NAG HA . -24.08 34.16 -14.11
O5 NAG HA . -23.99 34.31 -10.45
O6 NAG HA . -21.75 35.86 -10.98
O7 NAG HA . -28.28 32.36 -9.87
C1 NAG HA . -24.87 34.98 -14.99
C2 NAG HA . -24.17 35.00 -16.36
C3 NAG HA . -25.00 35.81 -17.37
C4 NAG HA . -26.43 35.27 -17.42
C5 NAG HA . -27.03 35.25 -16.02
C6 NAG HA . -28.41 34.63 -15.99
C7 NAG HA . -21.73 34.84 -16.56
C8 NAG HA . -20.42 35.55 -16.40
N2 NAG HA . -22.83 35.54 -16.26
O3 NAG HA . -24.39 35.71 -18.65
O4 NAG HA . -27.22 36.11 -18.26
O5 NAG HA . -26.20 34.47 -15.15
O6 NAG HA . -28.34 33.24 -15.71
O7 NAG HA . -21.79 33.68 -16.97
C1 NAG IA . -9.48 36.85 -9.72
C2 NAG IA . -9.21 37.92 -8.66
C3 NAG IA . -9.29 39.31 -9.27
C4 NAG IA . -8.37 39.41 -10.48
C5 NAG IA . -8.67 38.29 -11.47
C6 NAG IA . -7.71 38.25 -12.64
C7 NAG IA . -9.94 36.99 -6.50
C8 NAG IA . -11.01 37.00 -5.45
N2 NAG IA . -10.15 37.80 -7.54
O3 NAG IA . -8.93 40.28 -8.30
O4 NAG IA . -8.55 40.66 -11.14
O5 NAG IA . -8.58 37.02 -10.81
O6 NAG IA . -7.45 36.91 -13.05
O7 NAG IA . -8.95 36.28 -6.42
C1 NAG IA . -7.48 41.56 -10.81
C2 NAG IA . -7.53 42.74 -11.78
C3 NAG IA . -6.47 43.77 -11.41
C4 NAG IA . -6.62 44.19 -9.95
C5 NAG IA . -6.58 42.95 -9.06
C6 NAG IA . -6.81 43.27 -7.60
C7 NAG IA . -7.76 43.00 -14.21
C8 NAG IA . -7.50 42.39 -15.56
N2 NAG IA . -7.35 42.29 -13.15
O3 NAG IA . -6.58 44.91 -12.25
O4 NAG IA . -5.60 45.11 -9.58
O5 NAG IA . -7.61 42.04 -9.46
O6 NAG IA . -5.97 42.49 -6.76
O7 NAG IA . -8.31 44.09 -14.09
C1 BMA IA . -6.23 46.39 -9.39
C2 BMA IA . -5.17 47.33 -8.75
C3 BMA IA . -5.59 48.81 -8.82
C4 BMA IA . -6.19 49.17 -10.19
C5 BMA IA . -7.33 48.18 -10.51
C6 BMA IA . -8.07 48.50 -11.81
O2 BMA IA . -3.92 47.22 -9.41
O3 BMA IA . -4.49 49.69 -8.52
O4 BMA IA . -6.69 50.50 -10.18
O5 BMA IA . -6.72 46.89 -10.63
O6 BMA IA . -8.92 47.39 -12.15
C1 MAN IA . -4.30 49.74 -7.08
C2 MAN IA . -3.77 51.17 -6.72
C3 MAN IA . -2.28 51.32 -7.06
C4 MAN IA . -1.46 50.12 -6.58
C5 MAN IA . -2.05 48.84 -7.15
C6 MAN IA . -1.31 47.59 -6.75
O2 MAN IA . -3.87 51.41 -5.31
O3 MAN IA . -1.74 52.53 -6.54
O4 MAN IA . -0.11 50.25 -7.00
O5 MAN IA . -3.39 48.72 -6.66
O6 MAN IA . -1.91 46.48 -7.41
C1 MAN IA . -5.05 52.20 -5.07
C2 MAN IA . -4.70 53.25 -3.97
C3 MAN IA . -4.62 52.58 -2.59
C4 MAN IA . -5.84 51.70 -2.33
C5 MAN IA . -5.97 50.66 -3.45
C6 MAN IA . -7.17 49.75 -3.28
O2 MAN IA . -5.72 54.24 -3.85
O3 MAN IA . -4.48 53.54 -1.56
O4 MAN IA . -5.69 51.02 -1.09
O5 MAN IA . -6.14 51.37 -4.69
O6 MAN IA . -7.09 48.72 -4.25
C1 MAN IA . -10.29 47.83 -12.06
C2 MAN IA . -11.20 46.55 -11.97
C3 MAN IA . -11.34 45.90 -13.35
C4 MAN IA . -11.83 46.92 -14.37
C5 MAN IA . -10.78 48.03 -14.46
C6 MAN IA . -11.14 49.11 -15.45
O2 MAN IA . -12.53 46.90 -11.58
O3 MAN IA . -12.23 44.78 -13.32
O4 MAN IA . -11.97 46.30 -15.64
O5 MAN IA . -10.65 48.67 -13.17
O6 MAN IA . -12.49 48.94 -15.86
C1 MAN IA . -11.44 43.60 -13.55
C2 MAN IA . -12.38 42.50 -14.13
C3 MAN IA . -13.34 42.00 -13.04
C4 MAN IA . -12.59 41.63 -11.76
C5 MAN IA . -11.76 42.83 -11.29
C6 MAN IA . -10.95 42.55 -10.04
O2 MAN IA . -11.64 41.36 -14.54
O3 MAN IA . -14.10 40.89 -13.50
O4 MAN IA . -13.51 41.26 -10.75
O5 MAN IA . -10.84 43.18 -12.33
O6 MAN IA . -10.08 43.65 -9.82
C1 MAN IA . -12.72 49.81 -16.99
C2 MAN IA . -14.15 50.37 -16.87
C3 MAN IA . -15.16 49.25 -17.09
C4 MAN IA . -14.88 48.50 -18.40
C5 MAN IA . -13.43 47.99 -18.40
C6 MAN IA . -13.05 47.33 -19.71
O2 MAN IA . -14.42 51.35 -17.88
O3 MAN IA . -16.50 49.75 -17.09
O4 MAN IA . -15.77 47.40 -18.52
O5 MAN IA . -12.54 49.11 -18.20
O6 MAN IA . -11.63 47.40 -19.84
C1 NAG JA . -10.23 27.65 12.40
C2 NAG JA . -10.89 27.08 13.67
C3 NAG JA . -12.20 27.80 13.95
C4 NAG JA . -11.95 29.30 14.05
C5 NAG JA . -11.25 29.80 12.79
C6 NAG JA . -10.87 31.26 12.86
C7 NAG JA . -10.31 24.76 14.19
C8 NAG JA . -10.67 23.31 13.99
N2 NAG JA . -11.09 25.65 13.57
O3 NAG JA . -12.75 27.27 15.15
O4 NAG JA . -13.18 30.01 14.21
O5 NAG JA . -10.05 29.06 12.56
O6 NAG JA . -9.78 31.55 11.99
O7 NAG JA . -9.37 25.10 14.88
C1 NAG JA . -13.58 30.07 15.60
C2 NAG JA . -14.09 31.48 15.94
C3 NAG JA . -14.61 31.51 17.38
C4 NAG JA . -15.64 30.40 17.60
C5 NAG JA . -15.05 29.06 17.21
C6 NAG JA . -16.06 27.93 17.30
C7 NAG JA . -13.02 33.31 14.71
C8 NAG JA . -11.87 34.27 14.68
N2 NAG JA . -13.05 32.48 15.76
O3 NAG JA . -15.19 32.78 17.65
O4 NAG JA . -16.02 30.37 18.98
O5 NAG JA . -14.61 29.10 15.84
O6 NAG JA . -17.24 28.23 16.58
O7 NAG JA . -13.87 33.29 13.83
C1 NAG KA . -35.69 3.05 5.71
C2 NAG KA . -34.36 3.75 5.61
C3 NAG KA . -34.18 4.25 4.18
C4 NAG KA . -34.58 3.22 3.13
C5 NAG KA . -35.73 2.28 3.55
C6 NAG KA . -35.75 0.99 2.77
C7 NAG KA . -33.12 5.46 6.86
C8 NAG KA . -33.21 6.58 7.84
N2 NAG KA . -34.27 4.86 6.56
O3 NAG KA . -32.82 4.63 3.98
O4 NAG KA . -35.08 3.95 2.01
O5 NAG KA . -35.67 1.92 4.94
O6 NAG KA . -34.88 0.02 3.35
O7 NAG KA . -32.05 5.12 6.36
C1 NAG KA . -34.32 3.74 0.80
C2 NAG KA . -35.29 3.91 -0.36
C3 NAG KA . -34.56 3.74 -1.68
C4 NAG KA . -33.36 4.67 -1.77
C5 NAG KA . -32.49 4.52 -0.52
C6 NAG KA . -31.37 5.54 -0.46
C7 NAG KA . -37.62 3.33 0.18
C8 NAG KA . -38.64 2.24 0.22
N2 NAG KA . -36.40 2.98 -0.25
O3 NAG KA . -35.46 4.01 -2.75
O4 NAG KA . -32.58 4.34 -2.90
O5 NAG KA . -33.26 4.69 0.67
O6 NAG KA . -31.34 6.21 0.80
O7 NAG KA . -37.88 4.48 0.52
C1 BMA KA . -32.78 5.28 -3.99
C2 BMA KA . -31.57 5.11 -4.93
C3 BMA KA . -31.79 5.84 -6.26
C4 BMA KA . -33.19 5.61 -6.83
C5 BMA KA . -34.26 5.89 -5.77
C6 BMA KA . -35.66 5.56 -6.27
O2 BMA KA . -31.37 3.74 -5.26
O3 BMA KA . -30.82 5.43 -7.22
O4 BMA KA . -33.41 6.46 -7.95
O5 BMA KA . -34.00 5.03 -4.64
O6 BMA KA . -35.59 4.27 -6.88
C1 MAN KA . -30.12 6.57 -7.76
C2 MAN KA . -29.49 6.12 -9.09
C3 MAN KA . -28.42 5.07 -8.81
C4 MAN KA . -27.38 5.66 -7.84
C5 MAN KA . -28.06 6.10 -6.54
C6 MAN KA . -27.10 6.81 -5.59
O2 MAN KA . -28.80 7.19 -9.70
O3 MAN KA . -27.80 4.60 -10.00
O4 MAN KA . -26.39 4.68 -7.55
O5 MAN KA . -29.13 7.04 -6.85
O6 MAN KA . -27.62 6.70 -4.27
C1 MAN KA . -29.21 7.33 -11.08
C2 MAN KA . -27.94 7.70 -11.89
C3 MAN KA . -27.49 9.11 -11.51
C4 MAN KA . -28.65 10.11 -11.60
C5 MAN KA . -29.83 9.62 -10.74
C6 MAN KA . -31.06 10.51 -10.85
O2 MAN KA . -28.23 7.75 -13.29
O3 MAN KA . -26.40 9.55 -12.31
O4 MAN KA . -28.23 11.38 -11.13
O5 MAN KA . -30.22 8.30 -11.20
O6 MAN KA . -31.99 10.09 -9.84
C1 MAN KA . -36.81 4.01 -7.61
C2 MAN KA . -36.74 2.52 -8.08
C3 MAN KA . -35.71 2.36 -9.19
C4 MAN KA . -36.00 3.34 -10.33
C5 MAN KA . -35.94 4.77 -9.77
C6 MAN KA . -36.24 5.82 -10.82
O2 MAN KA . -37.98 2.09 -8.63
O3 MAN KA . -35.66 1.02 -9.69
O4 MAN KA . -35.02 3.20 -11.35
O5 MAN KA . -36.93 4.91 -8.72
O6 MAN KA . -35.87 7.10 -10.28
C1 MAN KA . -34.55 0.35 -9.06
C2 MAN KA . -34.00 -0.69 -10.07
C3 MAN KA . -35.01 -1.82 -10.27
C4 MAN KA . -35.47 -2.40 -8.91
C5 MAN KA . -36.00 -1.27 -8.02
C6 MAN KA . -36.40 -1.73 -6.64
O2 MAN KA . -32.81 -1.30 -9.59
O3 MAN KA . -34.47 -2.86 -11.08
O4 MAN KA . -36.49 -3.36 -9.11
O5 MAN KA . -34.97 -0.27 -7.87
O6 MAN KA . -36.88 -0.61 -5.92
C1 NAG LA . -45.77 9.10 4.34
C2 NAG LA . -47.21 9.11 4.80
C3 NAG LA . -47.87 7.78 4.43
C4 NAG LA . -47.69 7.50 2.94
C5 NAG LA . -46.23 7.67 2.52
C6 NAG LA . -46.02 7.59 1.02
C7 NAG LA . -47.57 10.54 6.77
C8 NAG LA . -47.63 10.59 8.27
N2 NAG LA . -47.30 9.33 6.24
O3 NAG LA . -49.25 7.87 4.77
O4 NAG LA . -48.05 6.16 2.64
O5 NAG LA . -45.71 8.95 2.94
O6 NAG LA . -45.93 8.89 0.44
O7 NAG LA . -47.76 11.52 6.07
C1 NAG LA . -49.46 5.99 2.42
C2 NAG LA . -49.76 5.88 0.92
C3 NAG LA . -51.24 5.60 0.70
C4 NAG LA . -51.69 4.39 1.49
C5 NAG LA . -51.32 4.56 2.97
C6 NAG LA . -51.62 3.33 3.80
C7 NAG LA . -48.87 7.08 -1.03
C8 NAG LA . -48.51 8.43 -1.60
N2 NAG LA . -49.36 7.09 0.22
O3 NAG LA . -51.48 5.39 -0.69
O4 NAG LA . -53.10 4.22 1.39
O5 NAG LA . -49.90 4.80 3.09
O6 NAG LA . -50.51 2.45 3.83
O7 NAG LA . -48.75 6.05 -1.67
C1 NAG MA . -36.55 19.24 -12.72
C2 NAG MA . -37.43 18.05 -13.09
C3 NAG MA . -36.85 17.33 -14.31
C4 NAG MA . -36.61 18.30 -15.46
C5 NAG MA . -35.78 19.50 -14.97
C6 NAG MA . -35.61 20.57 -16.01
C7 NAG MA . -38.61 16.32 -11.82
C8 NAG MA . -38.58 15.44 -10.60
N2 NAG MA . -37.56 17.13 -11.98
O3 NAG MA . -37.75 16.30 -14.71
O4 NAG MA . -35.91 17.67 -16.52
O5 NAG MA . -36.42 20.11 -13.85
O6 NAG MA . -36.82 21.30 -16.23
O7 NAG MA . -39.54 16.29 -12.62
C1 NAG MA . -36.82 17.26 -17.55
C2 NAG MA . -36.37 17.82 -18.90
C3 NAG MA . -37.29 17.32 -20.02
C4 NAG MA . -37.37 15.80 -19.99
C5 NAG MA . -37.79 15.33 -18.60
C6 NAG MA . -37.79 13.82 -18.47
C7 NAG MA . -35.52 20.00 -19.64
C8 NAG MA . -35.63 21.50 -19.50
N2 NAG MA . -36.34 19.28 -18.88
O3 NAG MA . -36.78 17.76 -21.27
O4 NAG MA . -38.33 15.35 -20.95
O5 NAG MA . -36.88 15.83 -17.62
O6 NAG MA . -36.58 13.36 -17.87
O7 NAG MA . -34.72 19.49 -20.42
C1 NAG NA . -45.89 16.41 5.61
C2 NAG NA . -45.29 17.02 4.35
C3 NAG NA . -45.57 18.52 4.29
C4 NAG NA . -47.07 18.78 4.44
C5 NAG NA . -47.60 18.10 5.69
C6 NAG NA . -49.11 18.19 5.82
C7 NAG NA . -43.34 15.63 3.82
C8 NAG NA . -41.84 15.54 3.81
N2 NAG NA . -43.85 16.77 4.27
O3 NAG NA . -45.11 19.06 3.06
O4 NAG NA . -47.31 20.18 4.52
O5 NAG NA . -47.29 16.69 5.65
O6 NAG NA . -49.74 16.96 5.51
O7 NAG NA . -44.05 14.70 3.45
C1 NAG NA . -48.12 20.59 3.39
C2 NAG NA . -48.97 21.78 3.82
C3 NAG NA . -49.82 22.27 2.64
C4 NAG NA . -48.93 22.55 1.43
C5 NAG NA . -48.07 21.34 1.11
C6 NAG NA . -47.07 21.60 0.00
C7 NAG NA . -50.12 22.33 5.92
C8 NAG NA . -51.00 21.81 7.01
N2 NAG NA . -49.81 21.45 4.95
O3 NAG NA . -50.53 23.44 3.01
O4 NAG NA . -49.75 22.86 0.30
O5 NAG NA . -47.30 20.95 2.27
O6 NAG NA . -45.86 22.15 0.51
O7 NAG NA . -49.71 23.48 5.90
C1 NAG OA . -33.73 25.25 21.90
C2 NAG OA . -33.37 25.33 20.43
C3 NAG OA . -32.43 26.53 20.23
C4 NAG OA . -33.02 27.80 20.84
C5 NAG OA . -33.62 27.56 22.24
C6 NAG OA . -34.54 28.68 22.69
C7 NAG OA . -32.45 23.86 18.68
C8 NAG OA . -31.85 22.53 18.39
N2 NAG OA . -32.76 24.09 19.96
O3 NAG OA . -32.18 26.73 18.85
O4 NAG OA . -31.96 28.75 20.99
O5 NAG OA . -34.44 26.39 22.27
O6 NAG OA . -35.91 28.29 22.62
O7 NAG OA . -32.63 24.71 17.80
C1 NAG OA . -32.37 30.03 20.47
C2 NAG OA . -31.88 31.14 21.41
C3 NAG OA . -32.28 32.50 20.88
C4 NAG OA . -31.80 32.68 19.44
C5 NAG OA . -32.23 31.49 18.58
C6 NAG OA . -31.63 31.52 17.19
C7 NAG OA . -31.84 31.40 23.86
C8 NAG OA . -32.54 31.10 25.15
N2 NAG OA . -32.42 30.94 22.76
O3 NAG OA . -31.73 33.51 21.70
O4 NAG OA . -32.37 33.86 18.90
O5 NAG OA . -31.81 30.26 19.17
O6 NAG OA . -30.70 30.46 17.00
O7 NAG OA . -30.79 32.04 23.82
C1 BMA OA . -31.35 34.84 18.71
C2 BMA OA . -31.63 35.49 17.34
C3 BMA OA . -30.72 36.69 17.11
C4 BMA OA . -30.74 37.64 18.32
C5 BMA OA . -30.39 36.86 19.60
C6 BMA OA . -30.44 37.71 20.85
O2 BMA OA . -32.97 35.97 17.28
O3 BMA OA . -31.10 37.39 15.94
O4 BMA OA . -29.81 38.69 18.14
O5 BMA OA . -31.36 35.81 19.76
O6 BMA OA . -31.80 37.84 21.25
C1 MAN OA . -30.09 37.21 14.92
C2 MAN OA . -30.45 38.17 13.75
C3 MAN OA . -31.67 37.66 13.00
C4 MAN OA . -31.45 36.21 12.54
C5 MAN OA . -31.17 35.33 13.76
C6 MAN OA . -30.86 33.89 13.39
O2 MAN OA . -29.40 38.23 12.79
O3 MAN OA . -31.99 38.48 11.88
O4 MAN OA . -32.61 35.73 11.87
O5 MAN OA . -30.02 35.85 14.48
O6 MAN OA . -30.70 33.14 14.58
C1 MAN OA . -31.90 38.79 22.31
C2 MAN OA . -32.79 38.17 23.41
C3 MAN OA . -34.22 38.01 22.89
C4 MAN OA . -34.74 39.35 22.34
C5 MAN OA . -33.78 39.89 21.27
C6 MAN OA . -34.17 41.26 20.74
O2 MAN OA . -32.89 39.02 24.56
O3 MAN OA . -35.09 37.53 23.90
O4 MAN OA . -36.03 39.17 21.77
O5 MAN OA . -32.45 40.00 21.84
O6 MAN OA . -33.40 41.53 19.58
C1 NAG PA . -35.60 24.78 16.97
C2 NAG PA . -35.07 26.07 16.32
C3 NAG PA . -34.93 27.17 17.37
C4 NAG PA . -36.26 27.37 18.08
C5 NAG PA . -36.69 26.06 18.72
C6 NAG PA . -38.04 26.15 19.42
C7 NAG PA . -33.64 26.00 14.34
C8 NAG PA . -32.26 25.73 13.81
N2 NAG PA . -33.81 25.84 15.65
O3 NAG PA . -34.50 28.37 16.75
O4 NAG PA . -36.19 28.44 19.03
O5 NAG PA . -36.83 25.06 17.71
O6 NAG PA . -38.27 25.01 20.23
O7 NAG PA . -34.56 26.36 13.61
C1 NAG PA . -36.92 29.50 18.34
C2 NAG PA . -37.67 30.37 19.34
C3 NAG PA . -38.47 31.43 18.59
C4 NAG PA . -37.59 32.18 17.58
C5 NAG PA . -36.67 31.26 16.77
C6 NAG PA . -35.59 32.02 16.04
C7 NAG PA . -38.85 29.90 21.44
C8 NAG PA . -39.78 28.96 22.15
N2 NAG PA . -38.54 29.57 20.18
O3 NAG PA . -39.03 32.33 19.51
O4 NAG PA . -38.45 32.82 16.64
O5 NAG PA . -35.99 30.32 17.62
O6 NAG PA . -34.82 32.81 16.92
O7 NAG PA . -38.42 30.91 21.96
C1 BMA PA . -38.60 34.22 16.87
C2 BMA PA . -38.61 34.89 15.48
C3 BMA PA . -39.06 36.34 15.57
C4 BMA PA . -40.33 36.49 16.41
C5 BMA PA . -40.11 35.85 17.79
C6 BMA PA . -41.35 35.93 18.67
O2 BMA PA . -39.55 34.23 14.62
O3 BMA PA . -39.27 36.91 14.28
O4 BMA PA . -40.65 37.85 16.57
O5 BMA PA . -39.81 34.46 17.59
O6 BMA PA . -42.33 35.05 18.13
C1 NAG QA . -41.03 -0.41 8.69
C2 NAG QA . -40.41 -0.88 7.39
C3 NAG QA . -41.26 -1.98 6.75
C4 NAG QA . -41.53 -3.10 7.76
C5 NAG QA . -42.10 -2.52 9.05
C6 NAG QA . -42.22 -3.56 10.14
C7 NAG QA . -39.06 0.60 5.96
C8 NAG QA . -39.07 1.76 5.01
N2 NAG QA . -40.24 0.23 6.46
O3 NAG QA . -40.58 -2.50 5.61
O4 NAG QA . -42.49 -4.00 7.21
O5 NAG QA . -41.21 -1.52 9.56
O6 NAG QA . -41.16 -4.50 10.10
O7 NAG QA . -38.01 0.02 6.24
C1 NAG QA . -41.89 -5.27 6.92
C2 NAG QA . -42.82 -6.39 7.39
C3 NAG QA . -42.25 -7.76 7.02
C4 NAG QA . -41.95 -7.82 5.53
C5 NAG QA . -41.04 -6.65 5.12
C6 NAG QA . -40.80 -6.58 3.64
C7 NAG QA . -44.25 -6.48 9.39
C8 NAG QA . -44.29 -6.38 10.89
N2 NAG QA . -43.04 -6.32 8.83
O3 NAG QA . -43.18 -8.77 7.37
O4 NAG QA . -41.30 -9.04 5.20
O5 NAG QA . -41.66 -5.40 5.51
O6 NAG QA . -42.00 -6.29 2.93
O7 NAG QA . -45.25 -6.71 8.72
C1 NAG RA . -9.11 -23.28 41.96
C2 NAG RA . -10.17 -23.10 43.02
C3 NAG RA . -10.17 -21.68 43.60
C4 NAG RA . -8.76 -21.21 43.94
C5 NAG RA . -7.77 -21.54 42.83
C6 NAG RA . -6.33 -21.29 43.22
C7 NAG RA . -12.04 -24.62 42.56
C8 NAG RA . -13.41 -24.75 41.95
N2 NAG RA . -11.48 -23.41 42.48
O3 NAG RA . -10.98 -21.75 44.76
O4 NAG RA . -8.72 -19.78 44.04
O5 NAG RA . -7.86 -22.94 42.48
O6 NAG RA . -5.49 -21.24 42.08
O7 NAG RA . -11.49 -25.57 43.10
C1 NAG RA . -9.74 -19.18 44.88
C2 NAG RA . -9.13 -18.08 45.74
C3 NAG RA . -10.22 -17.43 46.60
C4 NAG RA . -11.37 -16.96 45.72
C5 NAG RA . -11.88 -18.09 44.83
C6 NAG RA . -12.92 -17.64 43.84
C7 NAG RA . -6.78 -18.60 46.21
C8 NAG RA . -5.82 -19.17 47.21
N2 NAG RA . -8.06 -18.60 46.58
O3 NAG RA . -9.67 -16.33 47.32
O4 NAG RA . -12.45 -16.50 46.54
O5 NAG RA . -10.79 -18.63 44.07
O6 NAG RA . -12.32 -17.03 42.71
O7 NAG RA . -6.42 -18.17 45.13
C1 NAG SA . -30.34 -47.87 0.36
C2 NAG SA . -30.21 -47.45 1.83
C3 NAG SA . -31.54 -47.74 2.58
C4 NAG SA . -32.72 -47.13 1.83
C5 NAG SA . -32.69 -47.60 0.38
C6 NAG SA . -33.78 -47.01 -0.48
C7 NAG SA . -28.62 -47.84 3.67
C8 NAG SA . -27.48 -48.68 4.16
N2 NAG SA . -29.10 -48.15 2.46
O3 NAG SA . -31.46 -47.21 3.91
O4 NAG SA . -33.96 -47.55 2.41
O5 NAG SA . -31.45 -47.22 -0.22
O6 NAG SA . -33.26 -45.98 -1.31
O7 NAG SA . -29.11 -46.94 4.35
C1 NAG SA . -34.47 -46.56 3.32
C2 NAG SA . -35.76 -45.92 2.79
C3 NAG SA . -36.33 -44.96 3.82
C4 NAG SA . -36.50 -45.64 5.17
C5 NAG SA . -35.18 -46.29 5.60
C6 NAG SA . -35.31 -47.09 6.87
C7 NAG SA . -36.48 -45.07 0.60
C8 NAG SA . -36.09 -44.32 -0.63
N2 NAG SA . -35.54 -45.23 1.53
O3 NAG SA . -37.59 -44.47 3.37
O4 NAG SA . -36.89 -44.70 6.14
O5 NAG SA . -34.72 -47.19 4.59
O6 NAG SA . -36.54 -47.80 6.91
O7 NAG SA . -37.62 -45.52 0.76
C1 NAG TA . 43.01 -17.22 15.82
C2 NAG TA . 43.69 -17.74 17.10
C3 NAG TA . 45.14 -18.15 16.81
C4 NAG TA . 45.21 -19.11 15.63
C5 NAG TA . 44.52 -18.49 14.42
C6 NAG TA . 44.48 -19.42 13.24
C7 NAG TA . 42.79 -16.79 19.17
C8 NAG TA . 42.90 -15.66 20.16
N2 NAG TA . 43.64 -16.74 18.15
O3 NAG TA . 45.70 -18.76 17.97
O4 NAG TA . 46.57 -19.40 15.32
O5 NAG TA . 43.17 -18.18 14.76
O6 NAG TA . 43.19 -20.00 13.08
O7 NAG TA . 41.95 -17.68 19.29
C1 NAG UA . 49.76 6.82 29.25
C2 NAG UA . 50.76 7.98 29.29
C3 NAG UA . 52.12 7.54 28.74
C4 NAG UA . 52.60 6.28 29.47
C5 NAG UA . 51.54 5.20 29.38
C6 NAG UA . 51.90 3.96 30.17
C7 NAG UA . 50.36 10.38 28.99
C8 NAG UA . 49.79 11.43 28.09
N2 NAG UA . 50.25 9.12 28.55
O3 NAG UA . 53.06 8.59 28.92
O4 NAG UA . 53.80 5.81 28.87
O5 NAG UA . 50.30 5.69 29.94
O6 NAG UA . 51.03 2.88 29.86
O7 NAG UA . 50.89 10.66 30.06
C1 NAG VA . 56.40 -10.59 21.40
C2 NAG VA . 56.74 -12.04 21.72
C3 NAG VA . 56.72 -12.30 23.23
C4 NAG VA . 57.61 -11.35 24.00
C5 NAG VA . 57.16 -9.91 23.76
C6 NAG VA . 58.13 -8.87 24.28
C7 NAG VA . 56.23 -14.15 20.60
C8 NAG VA . 55.18 -15.00 19.96
N2 NAG VA . 55.82 -12.95 21.04
O3 NAG VA . 57.14 -13.64 23.46
O4 NAG VA . 57.54 -11.68 25.38
O5 NAG VA . 57.09 -9.67 22.35
O6 NAG VA . 58.34 -8.98 25.69
O7 NAG VA . 57.39 -14.53 20.71
C1 NAG WA . 49.36 16.09 19.91
C2 NAG WA . 49.32 16.74 18.50
C3 NAG WA . 50.19 18.01 18.45
C4 NAG WA . 49.81 18.96 19.58
C5 NAG WA . 49.95 18.24 20.91
C6 NAG WA . 49.57 19.09 22.09
C7 NAG WA . 49.32 15.80 16.22
C8 NAG WA . 49.91 14.77 15.32
N2 NAG WA . 49.77 15.81 17.49
O3 NAG WA . 50.03 18.65 17.19
O4 NAG WA . 50.66 20.10 19.56
O5 NAG WA . 49.09 17.10 20.93
O6 NAG WA . 48.39 18.61 22.72
O7 NAG WA . 48.47 16.59 15.84
C1 NAG XA . 24.62 -52.07 -2.98
C2 NAG XA . 23.18 -52.58 -3.09
C3 NAG XA . 22.99 -53.38 -4.39
C4 NAG XA . 23.46 -52.57 -5.58
C5 NAG XA . 24.88 -52.07 -5.37
C6 NAG XA . 25.37 -51.16 -6.48
C7 NAG XA . 21.56 -53.63 -1.58
C8 NAG XA . 21.38 -54.49 -0.35
N2 NAG XA . 22.83 -53.39 -1.94
O3 NAG XA . 21.63 -53.74 -4.54
O4 NAG XA . 23.41 -53.37 -6.76
O5 NAG XA . 24.95 -51.32 -4.15
O6 NAG XA . 26.09 -50.05 -5.95
O7 NAG XA . 20.61 -53.19 -2.20
C1 NAG YA . 33.50 -53.35 17.98
C2 NAG YA . 34.06 -53.57 19.38
C3 NAG YA . 35.13 -54.65 19.35
C4 NAG YA . 34.58 -55.92 18.71
C5 NAG YA . 33.96 -55.61 17.36
C6 NAG YA . 33.27 -56.80 16.73
C7 NAG YA . 33.89 -51.54 20.77
C8 NAG YA . 34.60 -50.30 21.24
N2 NAG YA . 34.59 -52.33 19.93
O3 NAG YA . 35.57 -54.92 20.68
O4 NAG YA . 35.63 -56.87 18.55
O5 NAG YA . 32.96 -54.57 17.49
O6 NAG YA . 32.46 -56.42 15.62
O7 NAG YA . 32.75 -51.82 21.12
C1 NAG ZA . 30.37 -37.81 1.35
C2 NAG ZA . 31.37 -38.53 0.45
C3 NAG ZA . 32.35 -37.52 -0.14
C4 NAG ZA . 31.57 -36.54 -1.01
C5 NAG ZA . 30.56 -35.79 -0.15
C6 NAG ZA . 29.65 -34.91 -0.96
C7 NAG ZA . 31.89 -40.90 0.79
C8 NAG ZA . 32.65 -41.90 1.59
N2 NAG ZA . 32.05 -39.62 1.14
O3 NAG ZA . 33.27 -38.21 -0.98
O4 NAG ZA . 32.49 -35.66 -1.66
O5 NAG ZA . 29.73 -36.71 0.58
O6 NAG ZA . 29.44 -35.42 -2.27
O7 NAG ZA . 31.15 -41.23 -0.13
C1 NAG AB . -4.25 -49.64 -23.56
C2 NAG AB . -3.32 -50.43 -22.62
C3 NAG AB . -3.07 -51.83 -23.17
C4 NAG AB . -4.38 -52.53 -23.47
C5 NAG AB . -5.21 -51.68 -24.42
C6 NAG AB . -6.58 -52.27 -24.70
C7 NAG AB . -1.26 -49.98 -21.37
C8 NAG AB . 0.01 -49.19 -21.30
N2 NAG AB . -2.06 -49.73 -22.40
O3 NAG AB . -2.33 -52.59 -22.22
O4 NAG AB . -4.12 -53.80 -24.09
O5 NAG AB . -5.43 -50.40 -23.82
O6 NAG AB . -7.53 -51.86 -23.73
O7 NAG AB . -1.54 -50.82 -20.51
C1 NAG BB . -13.05 -30.29 -35.95
C2 NAG BB . -12.79 -31.75 -36.29
C3 NAG BB . -13.60 -32.16 -37.53
C4 NAG BB . -15.07 -31.79 -37.36
C5 NAG BB . -15.23 -30.34 -36.92
C6 NAG BB . -16.65 -29.97 -36.56
C7 NAG BB . -10.83 -33.21 -36.43
C8 NAG BB . -9.35 -33.27 -36.70
N2 NAG BB . -11.37 -31.99 -36.51
O3 NAG BB . -13.45 -33.54 -37.79
O4 NAG BB . -15.75 -31.98 -38.60
O5 NAG BB . -14.44 -30.08 -35.75
O6 NAG BB . -16.90 -30.26 -35.20
O7 NAG BB . -11.48 -34.20 -36.16
C1 NAG CB . 1.50 -15.78 -56.73
C2 NAG CB . 1.53 -14.96 -58.02
C3 NAG CB . 0.65 -15.62 -59.10
C4 NAG CB . 1.02 -17.08 -59.28
C5 NAG CB . 0.95 -17.80 -57.94
C6 NAG CB . 1.37 -19.25 -58.01
C7 NAG CB . 1.90 -12.54 -57.97
C8 NAG CB . 1.30 -11.19 -57.69
N2 NAG CB . 1.11 -13.59 -57.79
O3 NAG CB . 0.79 -14.92 -60.33
O4 NAG CB . 0.11 -17.70 -60.18
O5 NAG CB . 1.82 -17.15 -57.00
O6 NAG CB . 0.77 -20.02 -56.97
O7 NAG CB . 3.06 -12.65 -58.34
C1 NAG DB . -13.24 -29.60 -51.78
C2 NAG DB . -14.40 -30.29 -51.08
C3 NAG DB . -13.89 -31.33 -50.09
C4 NAG DB . -12.95 -32.31 -50.79
C5 NAG DB . -11.83 -31.54 -51.50
C6 NAG DB . -10.93 -32.44 -52.32
C7 NAG DB . -16.26 -28.68 -51.01
C8 NAG DB . -17.04 -27.72 -50.16
N2 NAG DB . -15.26 -29.33 -50.40
O3 NAG DB . -14.98 -32.04 -49.52
O4 NAG DB . -12.37 -33.20 -49.85
O5 NAG DB . -12.40 -30.58 -52.41
O6 NAG DB . -9.57 -32.07 -52.16
O7 NAG DB . -16.51 -28.84 -52.20
C1 NAG EB . -27.25 39.05 2.46
C2 NAG EB . -26.64 40.44 2.55
C3 NAG EB . -25.89 40.61 3.88
C4 NAG EB . -26.81 40.27 5.04
C5 NAG EB . -27.42 38.89 4.85
C6 NAG EB . -28.43 38.54 5.92
C7 NAG EB . -26.11 41.31 0.31
C8 NAG EB . -25.05 41.46 -0.75
N2 NAG EB . -25.73 40.68 1.43
O3 NAG EB . -25.42 41.94 3.99
O4 NAG EB . -26.07 40.30 6.26
O5 NAG EB . -28.11 38.83 3.59
O6 NAG EB . -28.76 37.15 5.89
O7 NAG EB . -27.25 41.73 0.15
C1 NAG FB . -32.67 -6.73 35.21
C2 NAG FB . -34.00 -7.19 35.83
C3 NAG FB . -34.57 -6.11 36.73
C4 NAG FB . -33.54 -5.67 37.77
C5 NAG FB . -32.24 -5.26 37.07
C6 NAG FB . -31.13 -4.93 38.05
C7 NAG FB . -35.12 -8.79 34.35
C8 NAG FB . -36.15 -8.98 33.27
N2 NAG FB . -34.95 -7.55 34.79
O3 NAG FB . -35.74 -6.59 37.38
O4 NAG FB . -34.03 -4.58 38.52
O5 NAG FB . -31.76 -6.34 36.26
O6 NAG FB . -30.27 -6.04 38.25
O7 NAG FB . -34.46 -9.74 34.80
C1 NAG GB . -50.85 13.74 23.68
C2 NAG GB . -51.51 15.13 23.75
C3 NAG GB . -52.29 15.28 25.05
C4 NAG GB . -53.09 14.01 25.34
C5 NAG GB . -52.13 12.88 25.66
C6 NAG GB . -52.63 11.53 25.20
C7 NAG GB . -50.79 17.45 23.37
C8 NAG GB . -49.63 18.37 23.30
N2 NAG GB . -50.50 16.17 23.63
O3 NAG GB . -53.16 16.40 24.98
O4 NAG GB . -53.95 14.24 26.44
O5 NAG GB . -50.85 13.11 25.04
O6 NAG GB . -52.74 10.61 26.28
O7 NAG GB . -51.95 17.84 23.22
C1 NAG HB . -45.83 2.46 41.99
C2 NAG HB . -44.80 1.46 42.53
C3 NAG HB . -44.53 0.38 41.49
C4 NAG HB . -45.84 -0.26 41.03
C5 NAG HB . -46.83 0.82 40.58
C6 NAG HB . -48.19 0.27 40.22
C7 NAG HB . -43.41 2.79 44.05
C8 NAG HB . -42.05 3.43 44.26
N2 NAG HB . -43.57 2.14 42.90
O3 NAG HB . -43.68 -0.61 42.06
O4 NAG HB . -45.59 -1.13 39.94
O5 NAG HB . -47.03 1.77 41.64
O6 NAG HB . -48.65 0.80 38.99
O7 NAG HB . -44.30 2.87 44.89
C1 NAG IB . -44.61 24.27 23.59
C2 NAG IB . -43.73 25.53 23.64
C3 NAG IB . -44.56 26.75 24.07
C4 NAG IB . -45.82 26.88 23.23
C5 NAG IB . -46.60 25.57 23.27
C6 NAG IB . -47.83 25.59 22.40
C7 NAG IB . -41.59 26.20 24.68
C8 NAG IB . -40.53 25.81 25.66
N2 NAG IB . -42.61 25.33 24.55
O3 NAG IB . -43.78 27.94 23.94
O4 NAG IB . -46.63 27.94 23.71
O5 NAG IB . -45.77 24.52 22.79
O6 NAG IB . -48.53 24.35 22.48
O7 NAG IB . -41.54 27.24 24.04
C1 NAG JB . -2.67 -36.15 46.52
C2 NAG JB . -2.09 -37.32 45.74
C3 NAG JB . -0.59 -37.15 45.55
C4 NAG JB . -0.28 -35.78 44.95
C5 NAG JB . -0.96 -34.67 45.76
C6 NAG JB . -0.79 -33.30 45.15
C7 NAG JB . -2.49 -39.74 45.72
C8 NAG JB . -2.79 -40.96 46.56
N2 NAG JB . -2.38 -38.59 46.38
O3 NAG JB . -0.08 -38.17 44.70
O4 NAG JB . 1.12 -35.56 44.95
O5 NAG JB . -2.37 -34.93 45.85
O6 NAG JB . -1.23 -33.28 43.80
O7 NAG JB . -2.35 -39.81 44.51
C1 NAG KB . -22.72 -41.23 45.47
C2 NAG KB . -23.23 -42.67 45.58
C3 NAG KB . -24.57 -42.72 46.31
C4 NAG KB . -24.49 -41.98 47.63
C5 NAG KB . -23.98 -40.56 47.42
C6 NAG KB . -23.78 -39.80 48.71
C7 NAG KB . -23.33 -44.62 44.08
C8 NAG KB . -23.47 -45.08 42.66
N2 NAG KB . -23.34 -43.29 44.27
O3 NAG KB . -24.96 -44.06 46.53
O4 NAG KB . -25.78 -41.93 48.25
O5 NAG KB . -22.71 -40.61 46.76
O6 NAG KB . -22.40 -39.77 49.08
O7 NAG KB . -23.22 -45.41 45.01
C1 NAG LB . -19.91 -58.87 -15.27
C2 NAG LB . -19.27 -60.21 -15.68
C3 NAG LB . -19.48 -60.44 -17.18
C4 NAG LB . -20.96 -60.33 -17.54
C5 NAG LB . -21.50 -58.98 -17.08
C6 NAG LB . -22.99 -58.85 -17.32
C7 NAG LB . -17.14 -61.36 -15.32
C8 NAG LB . -15.70 -61.22 -14.97
N2 NAG LB . -17.86 -60.24 -15.35
O3 NAG LB . -18.99 -61.73 -17.54
O4 NAG LB . -21.12 -60.46 -18.95
O5 NAG LB . -21.29 -58.84 -15.68
O6 NAG LB . -23.74 -59.44 -16.27
O7 NAG LB . -17.65 -62.47 -15.55
C1 NAG MB . -27.01 -37.53 -10.27
C2 NAG MB . -27.53 -37.96 -11.64
C3 NAG MB . -27.96 -36.74 -12.43
C4 NAG MB . -28.95 -35.89 -11.64
C5 NAG MB . -28.36 -35.55 -10.27
C6 NAG MB . -29.33 -34.81 -9.37
C7 NAG MB . -26.34 -40.03 -12.17
C8 NAG MB . -25.27 -40.66 -13.01
N2 NAG MB . -26.53 -38.72 -12.36
O3 NAG MB . -28.57 -37.16 -13.66
O4 NAG MB . -29.23 -34.68 -12.34
O5 NAG MB . -28.00 -36.76 -9.58
O6 NAG MB . -28.81 -34.65 -8.07
O7 NAG MB . -26.99 -40.67 -11.35
#